data_7KU5
# 
_entry.id   7KU5 
# 
_audit_conform.dict_name       mmcif_pdbx.dic 
_audit_conform.dict_version    5.392 
_audit_conform.dict_location   http://mmcif.pdb.org/dictionaries/ascii/mmcif_pdbx.dic 
# 
loop_
_database_2.database_id 
_database_2.database_code 
_database_2.pdbx_database_accession 
_database_2.pdbx_DOI 
PDB   7KU5         pdb_00007ku5 10.2210/pdb7ku5/pdb 
WWPDB D_1000253161 ?            ?                   
EMDB  EMD-23034    ?            ?                   
# 
loop_
_pdbx_audit_revision_history.ordinal 
_pdbx_audit_revision_history.data_content_type 
_pdbx_audit_revision_history.major_revision 
_pdbx_audit_revision_history.minor_revision 
_pdbx_audit_revision_history.revision_date 
1 'Structure model' 1 0 2022-03-30 
2 'Structure model' 1 1 2024-05-29 
# 
_pdbx_audit_revision_details.ordinal             1 
_pdbx_audit_revision_details.revision_ordinal    1 
_pdbx_audit_revision_details.data_content_type   'Structure model' 
_pdbx_audit_revision_details.provider            repository 
_pdbx_audit_revision_details.type                'Initial release' 
_pdbx_audit_revision_details.description         ? 
_pdbx_audit_revision_details.details             ? 
# 
_pdbx_audit_revision_group.ordinal             1 
_pdbx_audit_revision_group.revision_ordinal    2 
_pdbx_audit_revision_group.data_content_type   'Structure model' 
_pdbx_audit_revision_group.group               'Data collection' 
# 
loop_
_pdbx_audit_revision_category.ordinal 
_pdbx_audit_revision_category.revision_ordinal 
_pdbx_audit_revision_category.data_content_type 
_pdbx_audit_revision_category.category 
1 2 'Structure model' chem_comp_atom 
2 2 'Structure model' chem_comp_bond 
# 
_pdbx_database_status.status_code                     REL 
_pdbx_database_status.status_code_sf                  ? 
_pdbx_database_status.status_code_mr                  ? 
_pdbx_database_status.entry_id                        7KU5 
_pdbx_database_status.recvd_initial_deposition_date   2020-11-24 
_pdbx_database_status.SG_entry                        N 
_pdbx_database_status.deposit_site                    RCSB 
_pdbx_database_status.process_site                    RCSB 
_pdbx_database_status.status_code_cs                  ? 
_pdbx_database_status.status_code_nmr_data            ? 
_pdbx_database_status.methods_development_category    ? 
_pdbx_database_status.pdb_format_compatible           Y 
# 
loop_
_pdbx_database_related.db_name 
_pdbx_database_related.details 
_pdbx_database_related.db_id 
_pdbx_database_related.content_type 
EMDB '7KSQ map (EMD-23023) is a combination of this map and the PSI-LHCI complex without PsaO' EMD-23023 'other EM volume'      
EMDB 'The Structure of the moss PSI-LHCI reveals the evolution of the LHCI antenna'            EMD-23034 'associated EM volume' 
# 
_pdbx_contact_author.id                 2 
_pdbx_contact_author.email              yuval.mazor@asu.edu 
_pdbx_contact_author.name_first         Yuval 
_pdbx_contact_author.name_last          Mazor 
_pdbx_contact_author.name_mi            ? 
_pdbx_contact_author.role               'principal investigator/group leader' 
_pdbx_contact_author.identifier_ORCID   0000-0001-5072-0928 
# 
loop_
_audit_author.name 
_audit_author.pdbx_ordinal 
_audit_author.identifier_ORCID 
'Riddle, R.'   1 ? 
'Gorski, C.'   2 ? 
'Toporik, H.'  3 ? 
'Dobson, Z.'   4 ? 
'Da, Z.'       5 ? 
'Williams, D.' 6 ? 
'Mazor, Y.'    7 ? 
# 
_citation.abstract                  ? 
_citation.abstract_id_CAS           ? 
_citation.book_id_ISBN              ? 
_citation.book_publisher            ? 
_citation.book_publisher_city       ? 
_citation.book_title                ? 
_citation.coordinate_linkage        ? 
_citation.country                   UK 
_citation.database_id_Medline       ? 
_citation.details                   ? 
_citation.id                        primary 
_citation.journal_abbrev            Nat.Plants 
_citation.journal_id_ASTM           ? 
_citation.journal_id_CSD            ? 
_citation.journal_id_ISSN           2055-0278 
_citation.journal_full              ? 
_citation.journal_issue             ? 
_citation.journal_volume            8 
_citation.language                  ? 
_citation.page_first                307 
_citation.page_last                 316 
_citation.title                     
'The structure of the Physcomitrium patens photosystem I reveals a unique Lhca2 paralogue replacing Lhca4.' 
_citation.year                      2022 
_citation.database_id_CSD           ? 
_citation.pdbx_database_id_DOI      10.1038/s41477-022-01099-w 
_citation.pdbx_database_id_PubMed   35190662 
_citation.pdbx_database_id_patent   ? 
_citation.unpublished_flag          ? 
# 
loop_
_citation_author.citation_id 
_citation_author.name 
_citation_author.ordinal 
_citation_author.identifier_ORCID 
primary 'Gorski, C.'   1 0000-0003-1644-7467 
primary 'Riddle, R.'   2 0000-0001-6121-4895 
primary 'Toporik, H.'  3 0000-0001-8047-7033 
primary 'Da, Z.'       4 0000-0002-4140-3792 
primary 'Dobson, Z.'   5 0000-0003-4951-1701 
primary 'Williams, D.' 6 ?                   
primary 'Mazor, Y.'    7 0000-0001-5072-0928 
# 
loop_
_entity.id 
_entity.type 
_entity.src_method 
_entity.pdbx_description 
_entity.formula_weight 
_entity.pdbx_number_of_molecules 
_entity.pdbx_ec 
_entity.pdbx_mutation 
_entity.pdbx_fragment 
_entity.details 
1 polymer     nat PsaO            9778.286 1 ? ? ? ? 
2 non-polymer nat 'CHLOROPHYLL A' 893.489  3 ? ? ? ? 
3 non-polymer nat BETA-CAROTENE   536.873  1 ? ? ? ? 
# 
_entity_poly.entity_id                      1 
_entity_poly.type                           'polypeptide(L)' 
_entity_poly.nstd_linkage                   no 
_entity_poly.nstd_monomer                   no 
_entity_poly.pdbx_seq_one_letter_code       
;NRDWLRRDLSVIGFGLIGWLAPSSLPVINGNSLTGLFLGSIGPELAHFPTGPALTSPFWLWMVTWHVGLFIVLTFGQIGF
KGRQDGYW
;
_entity_poly.pdbx_seq_one_letter_code_can   
;NRDWLRRDLSVIGFGLIGWLAPSSLPVINGNSLTGLFLGSIGPELAHFPTGPALTSPFWLWMVTWHVGLFIVLTFGQIGF
KGRQDGYW
;
_entity_poly.pdbx_strand_id                 O 
_entity_poly.pdbx_target_identifier         ? 
# 
loop_
_pdbx_entity_nonpoly.entity_id 
_pdbx_entity_nonpoly.name 
_pdbx_entity_nonpoly.comp_id 
2 'CHLOROPHYLL A' CLA 
3 BETA-CAROTENE   BCR 
# 
loop_
_entity_poly_seq.entity_id 
_entity_poly_seq.num 
_entity_poly_seq.mon_id 
_entity_poly_seq.hetero 
1 1  ASN n 
1 2  ARG n 
1 3  ASP n 
1 4  TRP n 
1 5  LEU n 
1 6  ARG n 
1 7  ARG n 
1 8  ASP n 
1 9  LEU n 
1 10 SER n 
1 11 VAL n 
1 12 ILE n 
1 13 GLY n 
1 14 PHE n 
1 15 GLY n 
1 16 LEU n 
1 17 ILE n 
1 18 GLY n 
1 19 TRP n 
1 20 LEU n 
1 21 ALA n 
1 22 PRO n 
1 23 SER n 
1 24 SER n 
1 25 LEU n 
1 26 PRO n 
1 27 VAL n 
1 28 ILE n 
1 29 ASN n 
1 30 GLY n 
1 31 ASN n 
1 32 SER n 
1 33 LEU n 
1 34 THR n 
1 35 GLY n 
1 36 LEU n 
1 37 PHE n 
1 38 LEU n 
1 39 GLY n 
1 40 SER n 
1 41 ILE n 
1 42 GLY n 
1 43 PRO n 
1 44 GLU n 
1 45 LEU n 
1 46 ALA n 
1 47 HIS n 
1 48 PHE n 
1 49 PRO n 
1 50 THR n 
1 51 GLY n 
1 52 PRO n 
1 53 ALA n 
1 54 LEU n 
1 55 THR n 
1 56 SER n 
1 57 PRO n 
1 58 PHE n 
1 59 TRP n 
1 60 LEU n 
1 61 TRP n 
1 62 MET n 
1 63 VAL n 
1 64 THR n 
1 65 TRP n 
1 66 HIS n 
1 67 VAL n 
1 68 GLY n 
1 69 LEU n 
1 70 PHE n 
1 71 ILE n 
1 72 VAL n 
1 73 LEU n 
1 74 THR n 
1 75 PHE n 
1 76 GLY n 
1 77 GLN n 
1 78 ILE n 
1 79 GLY n 
1 80 PHE n 
1 81 LYS n 
1 82 GLY n 
1 83 ARG n 
1 84 GLN n 
1 85 ASP n 
1 86 GLY n 
1 87 TYR n 
1 88 TRP n 
# 
_entity_src_nat.entity_id                  1 
_entity_src_nat.pdbx_src_id                1 
_entity_src_nat.pdbx_alt_source_flag       sample 
_entity_src_nat.pdbx_beg_seq_num           1 
_entity_src_nat.pdbx_end_seq_num           88 
_entity_src_nat.common_name                ? 
_entity_src_nat.pdbx_organism_scientific   'Physcomitrium patens' 
_entity_src_nat.pdbx_ncbi_taxonomy_id      3218 
_entity_src_nat.genus                      ? 
_entity_src_nat.species                    ? 
_entity_src_nat.strain                     ? 
_entity_src_nat.tissue                     ? 
_entity_src_nat.tissue_fraction            ? 
_entity_src_nat.pdbx_secretion             ? 
_entity_src_nat.pdbx_fragment              ? 
_entity_src_nat.pdbx_variant               ? 
_entity_src_nat.pdbx_cell_line             ? 
_entity_src_nat.pdbx_atcc                  ? 
_entity_src_nat.pdbx_cellular_location     ? 
_entity_src_nat.pdbx_organ                 ? 
_entity_src_nat.pdbx_organelle             ? 
_entity_src_nat.pdbx_cell                  ? 
_entity_src_nat.pdbx_plasmid_name          ? 
_entity_src_nat.pdbx_plasmid_details       ? 
_entity_src_nat.details                    ? 
# 
loop_
_chem_comp.id 
_chem_comp.type 
_chem_comp.mon_nstd_flag 
_chem_comp.name 
_chem_comp.pdbx_synonyms 
_chem_comp.formula 
_chem_comp.formula_weight 
ALA 'L-peptide linking' y ALANINE         ? 'C3 H7 N O2'       89.093  
ARG 'L-peptide linking' y ARGININE        ? 'C6 H15 N4 O2 1'   175.209 
ASN 'L-peptide linking' y ASPARAGINE      ? 'C4 H8 N2 O3'      132.118 
ASP 'L-peptide linking' y 'ASPARTIC ACID' ? 'C4 H7 N O4'       133.103 
BCR non-polymer         . BETA-CAROTENE   ? 'C40 H56'          536.873 
CLA non-polymer         . 'CHLOROPHYLL A' ? 'C55 H72 Mg N4 O5' 893.489 
GLN 'L-peptide linking' y GLUTAMINE       ? 'C5 H10 N2 O3'     146.144 
GLU 'L-peptide linking' y 'GLUTAMIC ACID' ? 'C5 H9 N O4'       147.129 
GLY 'peptide linking'   y GLYCINE         ? 'C2 H5 N O2'       75.067  
HIS 'L-peptide linking' y HISTIDINE       ? 'C6 H10 N3 O2 1'   156.162 
ILE 'L-peptide linking' y ISOLEUCINE      ? 'C6 H13 N O2'      131.173 
LEU 'L-peptide linking' y LEUCINE         ? 'C6 H13 N O2'      131.173 
LYS 'L-peptide linking' y LYSINE          ? 'C6 H15 N2 O2 1'   147.195 
MET 'L-peptide linking' y METHIONINE      ? 'C5 H11 N O2 S'    149.211 
PHE 'L-peptide linking' y PHENYLALANINE   ? 'C9 H11 N O2'      165.189 
PRO 'L-peptide linking' y PROLINE         ? 'C5 H9 N O2'       115.130 
SER 'L-peptide linking' y SERINE          ? 'C3 H7 N O3'       105.093 
THR 'L-peptide linking' y THREONINE       ? 'C4 H9 N O3'       119.119 
TRP 'L-peptide linking' y TRYPTOPHAN      ? 'C11 H12 N2 O2'    204.225 
TYR 'L-peptide linking' y TYROSINE        ? 'C9 H11 N O3'      181.189 
VAL 'L-peptide linking' y VALINE          ? 'C5 H11 N O2'      117.146 
# 
loop_
_pdbx_poly_seq_scheme.asym_id 
_pdbx_poly_seq_scheme.entity_id 
_pdbx_poly_seq_scheme.seq_id 
_pdbx_poly_seq_scheme.mon_id 
_pdbx_poly_seq_scheme.ndb_seq_num 
_pdbx_poly_seq_scheme.pdb_seq_num 
_pdbx_poly_seq_scheme.auth_seq_num 
_pdbx_poly_seq_scheme.pdb_mon_id 
_pdbx_poly_seq_scheme.auth_mon_id 
_pdbx_poly_seq_scheme.pdb_strand_id 
_pdbx_poly_seq_scheme.pdb_ins_code 
_pdbx_poly_seq_scheme.hetero 
A 1 1  ASN 1  56  56  ASN ASN O . n 
A 1 2  ARG 2  57  57  ARG ARG O . n 
A 1 3  ASP 3  58  58  ASP ASP O . n 
A 1 4  TRP 4  59  59  TRP TRP O . n 
A 1 5  LEU 5  60  60  LEU LEU O . n 
A 1 6  ARG 6  61  61  ARG ARG O . n 
A 1 7  ARG 7  62  62  ARG ARG O . n 
A 1 8  ASP 8  63  63  ASP ASP O . n 
A 1 9  LEU 9  64  64  LEU LEU O . n 
A 1 10 SER 10 65  65  SER SER O . n 
A 1 11 VAL 11 66  66  VAL VAL O . n 
A 1 12 ILE 12 67  67  ILE ILE O . n 
A 1 13 GLY 13 68  68  GLY GLY O . n 
A 1 14 PHE 14 69  69  PHE PHE O . n 
A 1 15 GLY 15 70  70  GLY GLY O . n 
A 1 16 LEU 16 71  71  LEU LEU O . n 
A 1 17 ILE 17 72  72  ILE ILE O . n 
A 1 18 GLY 18 73  73  GLY GLY O . n 
A 1 19 TRP 19 74  74  TRP TRP O . n 
A 1 20 LEU 20 75  75  LEU LEU O . n 
A 1 21 ALA 21 76  76  ALA ALA O . n 
A 1 22 PRO 22 77  77  PRO PRO O . n 
A 1 23 SER 23 78  78  SER SER O . n 
A 1 24 SER 24 79  79  SER SER O . n 
A 1 25 LEU 25 80  80  LEU LEU O . n 
A 1 26 PRO 26 81  81  PRO PRO O . n 
A 1 27 VAL 27 82  82  VAL VAL O . n 
A 1 28 ILE 28 83  83  ILE ILE O . n 
A 1 29 ASN 29 84  84  ASN ASN O . n 
A 1 30 GLY 30 85  85  GLY GLY O . n 
A 1 31 ASN 31 86  86  ASN ASN O . n 
A 1 32 SER 32 87  87  SER SER O . n 
A 1 33 LEU 33 88  88  LEU LEU O . n 
A 1 34 THR 34 89  89  THR THR O . n 
A 1 35 GLY 35 90  90  GLY GLY O . n 
A 1 36 LEU 36 91  91  LEU LEU O . n 
A 1 37 PHE 37 92  92  PHE PHE O . n 
A 1 38 LEU 38 93  93  LEU LEU O . n 
A 1 39 GLY 39 94  94  GLY GLY O . n 
A 1 40 SER 40 95  95  SER SER O . n 
A 1 41 ILE 41 96  96  ILE ILE O . n 
A 1 42 GLY 42 97  97  GLY GLY O . n 
A 1 43 PRO 43 98  98  PRO PRO O . n 
A 1 44 GLU 44 99  99  GLU GLU O . n 
A 1 45 LEU 45 100 100 LEU LEU O . n 
A 1 46 ALA 46 101 101 ALA ALA O . n 
A 1 47 HIS 47 102 102 HIS HIS O . n 
A 1 48 PHE 48 103 103 PHE PHE O . n 
A 1 49 PRO 49 104 104 PRO PRO O . n 
A 1 50 THR 50 105 105 THR THR O . n 
A 1 51 GLY 51 106 106 GLY GLY O . n 
A 1 52 PRO 52 107 107 PRO PRO O . n 
A 1 53 ALA 53 108 108 ALA ALA O . n 
A 1 54 LEU 54 109 109 LEU LEU O . n 
A 1 55 THR 55 110 110 THR THR O . n 
A 1 56 SER 56 111 111 SER SER O . n 
A 1 57 PRO 57 112 112 PRO PRO O . n 
A 1 58 PHE 58 113 113 PHE PHE O . n 
A 1 59 TRP 59 114 114 TRP TRP O . n 
A 1 60 LEU 60 115 115 LEU LEU O . n 
A 1 61 TRP 61 116 116 TRP TRP O . n 
A 1 62 MET 62 117 117 MET MET O . n 
A 1 63 VAL 63 118 118 VAL VAL O . n 
A 1 64 THR 64 119 119 THR THR O . n 
A 1 65 TRP 65 120 120 TRP TRP O . n 
A 1 66 HIS 66 121 121 HIS HIS O . n 
A 1 67 VAL 67 122 122 VAL VAL O . n 
A 1 68 GLY 68 123 123 GLY GLY O . n 
A 1 69 LEU 69 124 124 LEU LEU O . n 
A 1 70 PHE 70 125 125 PHE PHE O . n 
A 1 71 ILE 71 126 126 ILE ILE O . n 
A 1 72 VAL 72 127 127 VAL VAL O . n 
A 1 73 LEU 73 128 128 LEU LEU O . n 
A 1 74 THR 74 129 129 THR THR O . n 
A 1 75 PHE 75 130 130 PHE PHE O . n 
A 1 76 GLY 76 131 131 GLY GLY O . n 
A 1 77 GLN 77 132 132 GLN GLN O . n 
A 1 78 ILE 78 133 133 ILE ILE O . n 
A 1 79 GLY 79 134 134 GLY GLY O . n 
A 1 80 PHE 80 135 135 PHE PHE O . n 
A 1 81 LYS 81 136 136 LYS LYS O . n 
A 1 82 GLY 82 137 137 GLY GLY O . n 
A 1 83 ARG 83 138 138 ARG ARG O . n 
A 1 84 GLN 84 139 139 GLN GLN O . n 
A 1 85 ASP 85 140 140 ASP ASP O . n 
A 1 86 GLY 86 141 141 GLY GLY O . n 
A 1 87 TYR 87 142 142 TYR TYR O . n 
A 1 88 TRP 88 143 143 TRP TRP O . n 
# 
loop_
_pdbx_nonpoly_scheme.asym_id 
_pdbx_nonpoly_scheme.entity_id 
_pdbx_nonpoly_scheme.mon_id 
_pdbx_nonpoly_scheme.ndb_seq_num 
_pdbx_nonpoly_scheme.pdb_seq_num 
_pdbx_nonpoly_scheme.auth_seq_num 
_pdbx_nonpoly_scheme.pdb_mon_id 
_pdbx_nonpoly_scheme.auth_mon_id 
_pdbx_nonpoly_scheme.pdb_strand_id 
_pdbx_nonpoly_scheme.pdb_ins_code 
B 2 CLA 1 201 201 CLA CLA O . 
C 2 CLA 1 202 202 CLA CLA O . 
D 2 CLA 1 203 203 CLA CLA O . 
E 3 BCR 1 301 301 BCR BCR O . 
# 
loop_
_pdbx_unobs_or_zero_occ_atoms.id 
_pdbx_unobs_or_zero_occ_atoms.PDB_model_num 
_pdbx_unobs_or_zero_occ_atoms.polymer_flag 
_pdbx_unobs_or_zero_occ_atoms.occupancy_flag 
_pdbx_unobs_or_zero_occ_atoms.auth_asym_id 
_pdbx_unobs_or_zero_occ_atoms.auth_comp_id 
_pdbx_unobs_or_zero_occ_atoms.auth_seq_id 
_pdbx_unobs_or_zero_occ_atoms.PDB_ins_code 
_pdbx_unobs_or_zero_occ_atoms.auth_atom_id 
_pdbx_unobs_or_zero_occ_atoms.label_alt_id 
_pdbx_unobs_or_zero_occ_atoms.label_asym_id 
_pdbx_unobs_or_zero_occ_atoms.label_comp_id 
_pdbx_unobs_or_zero_occ_atoms.label_seq_id 
_pdbx_unobs_or_zero_occ_atoms.label_atom_id 
1   1 Y 1 O ARG 57  ? CG  ? A ARG 2  CG  
2   1 Y 1 O ARG 57  ? CD  ? A ARG 2  CD  
3   1 Y 1 O ARG 57  ? NE  ? A ARG 2  NE  
4   1 Y 1 O ARG 57  ? CZ  ? A ARG 2  CZ  
5   1 Y 1 O ARG 57  ? NH1 ? A ARG 2  NH1 
6   1 Y 1 O ARG 57  ? NH2 ? A ARG 2  NH2 
7   1 Y 1 O LEU 60  ? CG  ? A LEU 5  CG  
8   1 Y 1 O LEU 60  ? CD1 ? A LEU 5  CD1 
9   1 Y 1 O LEU 60  ? CD2 ? A LEU 5  CD2 
10  1 Y 1 O LEU 64  ? CG  ? A LEU 9  CG  
11  1 Y 1 O LEU 64  ? CD1 ? A LEU 9  CD1 
12  1 Y 1 O LEU 64  ? CD2 ? A LEU 9  CD2 
13  1 Y 1 O SER 65  ? OG  ? A SER 10 OG  
14  1 Y 1 O ILE 96  ? CG1 ? A ILE 41 CG1 
15  1 Y 1 O ILE 96  ? CG2 ? A ILE 41 CG2 
16  1 Y 1 O ILE 96  ? CD1 ? A ILE 41 CD1 
17  1 Y 1 O GLU 99  ? CG  ? A GLU 44 CG  
18  1 Y 1 O GLU 99  ? CD  ? A GLU 44 CD  
19  1 Y 1 O GLU 99  ? OE1 ? A GLU 44 OE1 
20  1 Y 1 O GLU 99  ? OE2 ? A GLU 44 OE2 
21  1 Y 1 O VAL 118 ? CG1 ? A VAL 63 CG1 
22  1 Y 1 O VAL 118 ? CG2 ? A VAL 63 CG2 
23  1 Y 1 O THR 119 ? OG1 ? A THR 64 OG1 
24  1 Y 1 O THR 119 ? CG2 ? A THR 64 CG2 
25  1 Y 1 O VAL 122 ? CG1 ? A VAL 67 CG1 
26  1 Y 1 O VAL 122 ? CG2 ? A VAL 67 CG2 
27  1 Y 1 O PHE 125 ? CG  ? A PHE 70 CG  
28  1 Y 1 O PHE 125 ? CD1 ? A PHE 70 CD1 
29  1 Y 1 O PHE 125 ? CD2 ? A PHE 70 CD2 
30  1 Y 1 O PHE 125 ? CE1 ? A PHE 70 CE1 
31  1 Y 1 O PHE 125 ? CE2 ? A PHE 70 CE2 
32  1 Y 1 O PHE 125 ? CZ  ? A PHE 70 CZ  
33  1 Y 1 O LEU 128 ? CG  ? A LEU 73 CG  
34  1 Y 1 O LEU 128 ? CD1 ? A LEU 73 CD1 
35  1 Y 1 O LEU 128 ? CD2 ? A LEU 73 CD2 
36  1 Y 1 O PHE 130 ? CG  ? A PHE 75 CG  
37  1 Y 1 O PHE 130 ? CD1 ? A PHE 75 CD1 
38  1 Y 1 O PHE 130 ? CD2 ? A PHE 75 CD2 
39  1 Y 1 O PHE 130 ? CE1 ? A PHE 75 CE1 
40  1 Y 1 O PHE 130 ? CE2 ? A PHE 75 CE2 
41  1 Y 1 O PHE 130 ? CZ  ? A PHE 75 CZ  
42  1 N 1 O CLA 201 ? CMA ? B CLA 1  CMA 
43  1 N 1 O CLA 201 ? CAA ? B CLA 1  CAA 
44  1 N 1 O CLA 201 ? CBA ? B CLA 1  CBA 
45  1 N 1 O CLA 201 ? CGA ? B CLA 1  CGA 
46  1 N 1 O CLA 201 ? O1A ? B CLA 1  O1A 
47  1 N 1 O CLA 201 ? O2A ? B CLA 1  O2A 
48  1 N 1 O CLA 201 ? CMB ? B CLA 1  CMB 
49  1 N 1 O CLA 201 ? CAB ? B CLA 1  CAB 
50  1 N 1 O CLA 201 ? CBB ? B CLA 1  CBB 
51  1 N 1 O CLA 201 ? CMC ? B CLA 1  CMC 
52  1 N 1 O CLA 201 ? CAC ? B CLA 1  CAC 
53  1 N 1 O CLA 201 ? CBC ? B CLA 1  CBC 
54  1 N 1 O CLA 201 ? CMD ? B CLA 1  CMD 
55  1 N 1 O CLA 201 ? OBD ? B CLA 1  OBD 
56  1 N 1 O CLA 201 ? CGD ? B CLA 1  CGD 
57  1 N 1 O CLA 201 ? O1D ? B CLA 1  O1D 
58  1 N 1 O CLA 201 ? O2D ? B CLA 1  O2D 
59  1 N 1 O CLA 201 ? CED ? B CLA 1  CED 
60  1 N 1 O CLA 201 ? C1  ? B CLA 1  C1  
61  1 N 1 O CLA 201 ? C2  ? B CLA 1  C2  
62  1 N 1 O CLA 201 ? C3  ? B CLA 1  C3  
63  1 N 1 O CLA 201 ? C4  ? B CLA 1  C4  
64  1 N 1 O CLA 201 ? C5  ? B CLA 1  C5  
65  1 N 1 O CLA 201 ? C6  ? B CLA 1  C6  
66  1 N 1 O CLA 201 ? C7  ? B CLA 1  C7  
67  1 N 1 O CLA 201 ? C8  ? B CLA 1  C8  
68  1 N 1 O CLA 201 ? C9  ? B CLA 1  C9  
69  1 N 1 O CLA 201 ? C10 ? B CLA 1  C10 
70  1 N 1 O CLA 201 ? C11 ? B CLA 1  C11 
71  1 N 1 O CLA 201 ? C12 ? B CLA 1  C12 
72  1 N 1 O CLA 201 ? C13 ? B CLA 1  C13 
73  1 N 1 O CLA 201 ? C14 ? B CLA 1  C14 
74  1 N 1 O CLA 201 ? C15 ? B CLA 1  C15 
75  1 N 1 O CLA 201 ? C16 ? B CLA 1  C16 
76  1 N 1 O CLA 201 ? C17 ? B CLA 1  C17 
77  1 N 1 O CLA 201 ? C18 ? B CLA 1  C18 
78  1 N 1 O CLA 201 ? C19 ? B CLA 1  C19 
79  1 N 1 O CLA 201 ? C20 ? B CLA 1  C20 
80  1 N 1 O CLA 202 ? CMA ? C CLA 1  CMA 
81  1 N 1 O CLA 202 ? CAA ? C CLA 1  CAA 
82  1 N 1 O CLA 202 ? CBA ? C CLA 1  CBA 
83  1 N 1 O CLA 202 ? CGA ? C CLA 1  CGA 
84  1 N 1 O CLA 202 ? O1A ? C CLA 1  O1A 
85  1 N 1 O CLA 202 ? O2A ? C CLA 1  O2A 
86  1 N 1 O CLA 202 ? CMB ? C CLA 1  CMB 
87  1 N 1 O CLA 202 ? CAB ? C CLA 1  CAB 
88  1 N 1 O CLA 202 ? CBB ? C CLA 1  CBB 
89  1 N 1 O CLA 202 ? CMC ? C CLA 1  CMC 
90  1 N 1 O CLA 202 ? CAC ? C CLA 1  CAC 
91  1 N 1 O CLA 202 ? CBC ? C CLA 1  CBC 
92  1 N 1 O CLA 202 ? CMD ? C CLA 1  CMD 
93  1 N 1 O CLA 202 ? OBD ? C CLA 1  OBD 
94  1 N 1 O CLA 202 ? CGD ? C CLA 1  CGD 
95  1 N 1 O CLA 202 ? O1D ? C CLA 1  O1D 
96  1 N 1 O CLA 202 ? O2D ? C CLA 1  O2D 
97  1 N 1 O CLA 202 ? CED ? C CLA 1  CED 
98  1 N 1 O CLA 202 ? C1  ? C CLA 1  C1  
99  1 N 1 O CLA 202 ? C2  ? C CLA 1  C2  
100 1 N 1 O CLA 202 ? C3  ? C CLA 1  C3  
101 1 N 1 O CLA 202 ? C4  ? C CLA 1  C4  
102 1 N 1 O CLA 202 ? C5  ? C CLA 1  C5  
103 1 N 1 O CLA 202 ? C6  ? C CLA 1  C6  
104 1 N 1 O CLA 202 ? C7  ? C CLA 1  C7  
105 1 N 1 O CLA 202 ? C8  ? C CLA 1  C8  
106 1 N 1 O CLA 202 ? C9  ? C CLA 1  C9  
107 1 N 1 O CLA 202 ? C10 ? C CLA 1  C10 
108 1 N 1 O CLA 202 ? C11 ? C CLA 1  C11 
109 1 N 1 O CLA 202 ? C12 ? C CLA 1  C12 
110 1 N 1 O CLA 202 ? C13 ? C CLA 1  C13 
111 1 N 1 O CLA 202 ? C14 ? C CLA 1  C14 
112 1 N 1 O CLA 202 ? C15 ? C CLA 1  C15 
113 1 N 1 O CLA 202 ? C16 ? C CLA 1  C16 
114 1 N 1 O CLA 202 ? C17 ? C CLA 1  C17 
115 1 N 1 O CLA 202 ? C18 ? C CLA 1  C18 
116 1 N 1 O CLA 202 ? C19 ? C CLA 1  C19 
117 1 N 1 O CLA 202 ? C20 ? C CLA 1  C20 
118 1 N 1 O CLA 203 ? CMA ? D CLA 1  CMA 
119 1 N 1 O CLA 203 ? CAA ? D CLA 1  CAA 
120 1 N 1 O CLA 203 ? CBA ? D CLA 1  CBA 
121 1 N 1 O CLA 203 ? CGA ? D CLA 1  CGA 
122 1 N 1 O CLA 203 ? O1A ? D CLA 1  O1A 
123 1 N 1 O CLA 203 ? O2A ? D CLA 1  O2A 
124 1 N 1 O CLA 203 ? CMB ? D CLA 1  CMB 
125 1 N 1 O CLA 203 ? CAB ? D CLA 1  CAB 
126 1 N 1 O CLA 203 ? CBB ? D CLA 1  CBB 
127 1 N 1 O CLA 203 ? CMC ? D CLA 1  CMC 
128 1 N 1 O CLA 203 ? CAC ? D CLA 1  CAC 
129 1 N 1 O CLA 203 ? CBC ? D CLA 1  CBC 
130 1 N 1 O CLA 203 ? CMD ? D CLA 1  CMD 
131 1 N 1 O CLA 203 ? OBD ? D CLA 1  OBD 
132 1 N 1 O CLA 203 ? CGD ? D CLA 1  CGD 
133 1 N 1 O CLA 203 ? O1D ? D CLA 1  O1D 
134 1 N 1 O CLA 203 ? O2D ? D CLA 1  O2D 
135 1 N 1 O CLA 203 ? CED ? D CLA 1  CED 
136 1 N 1 O CLA 203 ? C1  ? D CLA 1  C1  
137 1 N 1 O CLA 203 ? C2  ? D CLA 1  C2  
138 1 N 1 O CLA 203 ? C3  ? D CLA 1  C3  
139 1 N 1 O CLA 203 ? C4  ? D CLA 1  C4  
140 1 N 1 O CLA 203 ? C5  ? D CLA 1  C5  
141 1 N 1 O CLA 203 ? C6  ? D CLA 1  C6  
142 1 N 1 O CLA 203 ? C7  ? D CLA 1  C7  
143 1 N 1 O CLA 203 ? C8  ? D CLA 1  C8  
144 1 N 1 O CLA 203 ? C9  ? D CLA 1  C9  
145 1 N 1 O CLA 203 ? C10 ? D CLA 1  C10 
146 1 N 1 O CLA 203 ? C11 ? D CLA 1  C11 
147 1 N 1 O CLA 203 ? C12 ? D CLA 1  C12 
148 1 N 1 O CLA 203 ? C13 ? D CLA 1  C13 
149 1 N 1 O CLA 203 ? C14 ? D CLA 1  C14 
150 1 N 1 O CLA 203 ? C15 ? D CLA 1  C15 
151 1 N 1 O CLA 203 ? C16 ? D CLA 1  C16 
152 1 N 1 O CLA 203 ? C17 ? D CLA 1  C17 
153 1 N 1 O CLA 203 ? C18 ? D CLA 1  C18 
154 1 N 1 O CLA 203 ? C19 ? D CLA 1  C19 
155 1 N 1 O CLA 203 ? C20 ? D CLA 1  C20 
156 1 N 1 O BCR 301 ? C1  ? E BCR 1  C1  
157 1 N 1 O BCR 301 ? C2  ? E BCR 1  C2  
158 1 N 1 O BCR 301 ? C3  ? E BCR 1  C3  
159 1 N 1 O BCR 301 ? C4  ? E BCR 1  C4  
160 1 N 1 O BCR 301 ? C5  ? E BCR 1  C5  
161 1 N 1 O BCR 301 ? C6  ? E BCR 1  C6  
162 1 N 1 O BCR 301 ? C7  ? E BCR 1  C7  
163 1 N 1 O BCR 301 ? C8  ? E BCR 1  C8  
164 1 N 1 O BCR 301 ? C9  ? E BCR 1  C9  
165 1 N 1 O BCR 301 ? C10 ? E BCR 1  C10 
166 1 N 1 O BCR 301 ? C11 ? E BCR 1  C11 
167 1 N 1 O BCR 301 ? C33 ? E BCR 1  C33 
168 1 N 1 O BCR 301 ? C31 ? E BCR 1  C31 
169 1 N 1 O BCR 301 ? C32 ? E BCR 1  C32 
170 1 N 1 O BCR 301 ? C34 ? E BCR 1  C34 
171 1 N 1 O BCR 301 ? C12 ? E BCR 1  C12 
172 1 N 1 O BCR 301 ? C13 ? E BCR 1  C13 
173 1 N 1 O BCR 301 ? C14 ? E BCR 1  C14 
174 1 N 1 O BCR 301 ? C15 ? E BCR 1  C15 
175 1 N 1 O BCR 301 ? C16 ? E BCR 1  C16 
176 1 N 1 O BCR 301 ? C17 ? E BCR 1  C17 
177 1 N 1 O BCR 301 ? C18 ? E BCR 1  C18 
178 1 N 1 O BCR 301 ? C19 ? E BCR 1  C19 
179 1 N 1 O BCR 301 ? C20 ? E BCR 1  C20 
180 1 N 1 O BCR 301 ? C35 ? E BCR 1  C35 
181 1 N 1 O BCR 301 ? C36 ? E BCR 1  C36 
# 
_cell.angle_alpha                  90.00 
_cell.angle_alpha_esd              ? 
_cell.angle_beta                   90.00 
_cell.angle_beta_esd               ? 
_cell.angle_gamma                  90.00 
_cell.angle_gamma_esd              ? 
_cell.entry_id                     7KU5 
_cell.details                      ? 
_cell.formula_units_Z              ? 
_cell.length_a                     1.00 
_cell.length_a_esd                 ? 
_cell.length_b                     1.00 
_cell.length_b_esd                 ? 
_cell.length_c                     1.00 
_cell.length_c_esd                 ? 
_cell.volume                       ? 
_cell.volume_esd                   ? 
_cell.Z_PDB                        ? 
_cell.reciprocal_angle_alpha       ? 
_cell.reciprocal_angle_beta        ? 
_cell.reciprocal_angle_gamma       ? 
_cell.reciprocal_angle_alpha_esd   ? 
_cell.reciprocal_angle_beta_esd    ? 
_cell.reciprocal_angle_gamma_esd   ? 
_cell.reciprocal_length_a          ? 
_cell.reciprocal_length_b          ? 
_cell.reciprocal_length_c          ? 
_cell.reciprocal_length_a_esd      ? 
_cell.reciprocal_length_b_esd      ? 
_cell.reciprocal_length_c_esd      ? 
_cell.pdbx_unique_axis             ? 
# 
_symmetry.entry_id                         7KU5 
_symmetry.cell_setting                     ? 
_symmetry.Int_Tables_number                1 
_symmetry.space_group_name_Hall            ? 
_symmetry.space_group_name_H-M             'P 1' 
_symmetry.pdbx_full_space_group_name_H-M   ? 
# 
_exptl.absorpt_coefficient_mu     ? 
_exptl.absorpt_correction_T_max   ? 
_exptl.absorpt_correction_T_min   ? 
_exptl.absorpt_correction_type    ? 
_exptl.absorpt_process_details    ? 
_exptl.entry_id                   7KU5 
_exptl.crystals_number            ? 
_exptl.details                    ? 
_exptl.method                     'ELECTRON MICROSCOPY' 
_exptl.method_details             ? 
# 
_struct.entry_id                     7KU5 
_struct.title                        'The Structure of the moss PSI-LHCI reveals the evolution of the LHCI antenna' 
_struct.pdbx_model_details           ? 
_struct.pdbx_formula_weight          ? 
_struct.pdbx_formula_weight_method   ? 
_struct.pdbx_model_type_details      ? 
_struct.pdbx_CASP_flag               N 
# 
_struct_keywords.entry_id        7KU5 
_struct_keywords.text            
'PSI, electron transport, photosynthesis, chlorophyll, Antenna, light harvesting, membrane protein' 
_struct_keywords.pdbx_keywords   PHOTOSYNTHESIS 
# 
loop_
_struct_asym.id 
_struct_asym.pdbx_blank_PDB_chainid_flag 
_struct_asym.pdbx_modified 
_struct_asym.entity_id 
_struct_asym.details 
A N N 1 ? 
B N N 2 ? 
C N N 2 ? 
D N N 2 ? 
E N N 3 ? 
# 
_struct_ref.id                         1 
_struct_ref.db_name                    UNP 
_struct_ref.db_code                    A0A2K1JDE1_PHYPA 
_struct_ref.pdbx_db_accession          A0A2K1JDE1 
_struct_ref.pdbx_db_isoform            ? 
_struct_ref.entity_id                  1 
_struct_ref.pdbx_seq_one_letter_code   
;NRDWLRKDLSVIGFGLIGWLAPSSLPVINGNSLTGLFLGSIGPELAHFPTGPALTSPFWLWMVTWHVGLFIVLTLGQIGF
KGRQDGYW
;
_struct_ref.pdbx_align_begin           56 
# 
_struct_ref_seq.align_id                      1 
_struct_ref_seq.ref_id                        1 
_struct_ref_seq.pdbx_PDB_id_code              7KU5 
_struct_ref_seq.pdbx_strand_id                O 
_struct_ref_seq.seq_align_beg                 1 
_struct_ref_seq.pdbx_seq_align_beg_ins_code   ? 
_struct_ref_seq.seq_align_end                 88 
_struct_ref_seq.pdbx_seq_align_end_ins_code   ? 
_struct_ref_seq.pdbx_db_accession             A0A2K1JDE1 
_struct_ref_seq.db_align_beg                  56 
_struct_ref_seq.pdbx_db_align_beg_ins_code    ? 
_struct_ref_seq.db_align_end                  143 
_struct_ref_seq.pdbx_db_align_end_ins_code    ? 
_struct_ref_seq.pdbx_auth_seq_align_beg       56 
_struct_ref_seq.pdbx_auth_seq_align_end       143 
# 
loop_
_struct_ref_seq_dif.align_id 
_struct_ref_seq_dif.pdbx_pdb_id_code 
_struct_ref_seq_dif.mon_id 
_struct_ref_seq_dif.pdbx_pdb_strand_id 
_struct_ref_seq_dif.seq_num 
_struct_ref_seq_dif.pdbx_pdb_ins_code 
_struct_ref_seq_dif.pdbx_seq_db_name 
_struct_ref_seq_dif.pdbx_seq_db_accession_code 
_struct_ref_seq_dif.db_mon_id 
_struct_ref_seq_dif.pdbx_seq_db_seq_num 
_struct_ref_seq_dif.details 
_struct_ref_seq_dif.pdbx_auth_seq_num 
_struct_ref_seq_dif.pdbx_ordinal 
1 7KU5 ARG O 7  ? UNP A0A2K1JDE1 LYS 62  conflict 62  1 
1 7KU5 PHE O 75 ? UNP A0A2K1JDE1 LEU 130 conflict 130 2 
# 
_pdbx_struct_assembly.id                   1 
_pdbx_struct_assembly.details              author_defined_assembly 
_pdbx_struct_assembly.method_details       ? 
_pdbx_struct_assembly.oligomeric_details   monomeric 
_pdbx_struct_assembly.oligomeric_count     1 
# 
_pdbx_struct_assembly_gen.assembly_id       1 
_pdbx_struct_assembly_gen.oper_expression   1 
_pdbx_struct_assembly_gen.asym_id_list      A,B,C,D,E 
# 
_pdbx_struct_assembly_auth_evidence.id                     1 
_pdbx_struct_assembly_auth_evidence.assembly_id            1 
_pdbx_struct_assembly_auth_evidence.experimental_support   microscopy 
_pdbx_struct_assembly_auth_evidence.details                ? 
# 
_pdbx_struct_oper_list.id                   1 
_pdbx_struct_oper_list.type                 'identity operation' 
_pdbx_struct_oper_list.name                 1_555 
_pdbx_struct_oper_list.symmetry_operation   ? 
_pdbx_struct_oper_list.matrix[1][1]         1.0000000000 
_pdbx_struct_oper_list.matrix[1][2]         0.0000000000 
_pdbx_struct_oper_list.matrix[1][3]         0.0000000000 
_pdbx_struct_oper_list.vector[1]            0.0000000000 
_pdbx_struct_oper_list.matrix[2][1]         0.0000000000 
_pdbx_struct_oper_list.matrix[2][2]         1.0000000000 
_pdbx_struct_oper_list.matrix[2][3]         0.0000000000 
_pdbx_struct_oper_list.vector[2]            0.0000000000 
_pdbx_struct_oper_list.matrix[3][1]         0.0000000000 
_pdbx_struct_oper_list.matrix[3][2]         0.0000000000 
_pdbx_struct_oper_list.matrix[3][3]         1.0000000000 
_pdbx_struct_oper_list.vector[3]            0.0000000000 
# 
loop_
_struct_conf.conf_type_id 
_struct_conf.id 
_struct_conf.pdbx_PDB_helix_id 
_struct_conf.beg_label_comp_id 
_struct_conf.beg_label_asym_id 
_struct_conf.beg_label_seq_id 
_struct_conf.pdbx_beg_PDB_ins_code 
_struct_conf.end_label_comp_id 
_struct_conf.end_label_asym_id 
_struct_conf.end_label_seq_id 
_struct_conf.pdbx_end_PDB_ins_code 
_struct_conf.beg_auth_comp_id 
_struct_conf.beg_auth_asym_id 
_struct_conf.beg_auth_seq_id 
_struct_conf.end_auth_comp_id 
_struct_conf.end_auth_asym_id 
_struct_conf.end_auth_seq_id 
_struct_conf.pdbx_PDB_helix_class 
_struct_conf.details 
_struct_conf.pdbx_PDB_helix_length 
HELX_P HELX_P1 AA1 SER A 10 ? GLY A 18 ? SER O 65  GLY O 73  1 ? 9  
HELX_P HELX_P2 AA2 ILE A 28 ? SER A 32 ? ILE O 83  SER O 87  5 ? 5  
HELX_P HELX_P3 AA3 SER A 40 ? ALA A 46 ? SER O 95  ALA O 101 1 ? 7  
HELX_P HELX_P4 AA4 PRO A 57 ? LEU A 73 ? PRO O 112 LEU O 128 1 ? 17 
HELX_P HELX_P5 AA5 THR A 74 ? ASP A 85 ? THR O 129 ASP O 140 1 ? 12 
# 
_struct_conf_type.id          HELX_P 
_struct_conf_type.criteria    ? 
_struct_conf_type.reference   ? 
# 
loop_
_pdbx_validate_torsion.id 
_pdbx_validate_torsion.PDB_model_num 
_pdbx_validate_torsion.auth_comp_id 
_pdbx_validate_torsion.auth_asym_id 
_pdbx_validate_torsion.auth_seq_id 
_pdbx_validate_torsion.PDB_ins_code 
_pdbx_validate_torsion.label_alt_id 
_pdbx_validate_torsion.phi 
_pdbx_validate_torsion.psi 
1 1 ASP O 58  ? ? -140.52 46.35   
2 1 THR O 105 ? ? 46.70   22.72   
3 1 PRO O 107 ? ? -66.63  -177.70 
4 1 TRP O 114 ? ? -48.37  -13.88  
# 
loop_
_pdbx_validate_chiral.id 
_pdbx_validate_chiral.PDB_model_num 
_pdbx_validate_chiral.auth_atom_id 
_pdbx_validate_chiral.label_alt_id 
_pdbx_validate_chiral.auth_asym_id 
_pdbx_validate_chiral.auth_comp_id 
_pdbx_validate_chiral.auth_seq_id 
_pdbx_validate_chiral.PDB_ins_code 
_pdbx_validate_chiral.details 
_pdbx_validate_chiral.omega 
1 1 ND ? O CLA 201 ? 'WRONG HAND' . 
2 1 ND ? O CLA 202 ? PLANAR       . 
3 1 ND ? O CLA 203 ? PLANAR       . 
# 
_space_group_symop.id              1 
_space_group_symop.operation_xyz   x,y,z 
# 
_pdbx_entry_details.entry_id                 7KU5 
_pdbx_entry_details.nonpolymer_details       ? 
_pdbx_entry_details.sequence_details         ? 
_pdbx_entry_details.compound_details         ? 
_pdbx_entry_details.source_details           ? 
_pdbx_entry_details.has_ligand_of_interest   Y 
# 
_em_3d_fitting.entry_id          7KU5 
_em_3d_fitting.id                1 
_em_3d_fitting.details           ? 
_em_3d_fitting.overall_b_value   ? 
_em_3d_fitting.ref_protocol      ? 
_em_3d_fitting.ref_space         ? 
_em_3d_fitting.target_criteria   ? 
_em_3d_fitting.method            ? 
# 
_em_3d_reconstruction.entry_id                    7KU5 
_em_3d_reconstruction.id                          1 
_em_3d_reconstruction.algorithm                   ? 
_em_3d_reconstruction.details                     ? 
_em_3d_reconstruction.refinement_type             ? 
_em_3d_reconstruction.image_processing_id         1 
_em_3d_reconstruction.num_class_averages          ? 
_em_3d_reconstruction.num_particles               15357 
_em_3d_reconstruction.resolution                  3.76 
_em_3d_reconstruction.resolution_method           'FSC 0.143 CUT-OFF' 
_em_3d_reconstruction.symmetry_type               POINT 
_em_3d_reconstruction.method                      ? 
_em_3d_reconstruction.nominal_pixel_size          ? 
_em_3d_reconstruction.actual_pixel_size           ? 
_em_3d_reconstruction.magnification_calibration   ? 
# 
_em_buffer.id            1 
_em_buffer.details       ? 
_em_buffer.pH            8.0 
_em_buffer.specimen_id   1 
_em_buffer.name          ? 
# 
_em_entity_assembly.id                   1 
_em_entity_assembly.parent_id            0 
_em_entity_assembly.details              ? 
_em_entity_assembly.name                 PSI 
_em_entity_assembly.source               NATURAL 
_em_entity_assembly.type                 COMPLEX 
_em_entity_assembly.entity_id_list       1 
_em_entity_assembly.synonym              ? 
_em_entity_assembly.oligomeric_details   ? 
# 
_em_imaging.id                              1 
_em_imaging.entry_id                        7KU5 
_em_imaging.accelerating_voltage            300 
_em_imaging.alignment_procedure             ? 
_em_imaging.c2_aperture_diameter            ? 
_em_imaging.calibrated_defocus_max          ? 
_em_imaging.calibrated_defocus_min          ? 
_em_imaging.calibrated_magnification        ? 
_em_imaging.cryogen                         ? 
_em_imaging.details                         ? 
_em_imaging.electron_source                 'FIELD EMISSION GUN' 
_em_imaging.illumination_mode               'FLOOD BEAM' 
_em_imaging.microscope_model                'FEI TITAN KRIOS' 
_em_imaging.mode                            'BRIGHT FIELD' 
_em_imaging.nominal_cs                      ? 
_em_imaging.nominal_defocus_max             ? 
_em_imaging.nominal_defocus_min             ? 
_em_imaging.nominal_magnification           ? 
_em_imaging.recording_temperature_maximum   ? 
_em_imaging.recording_temperature_minimum   ? 
_em_imaging.residual_tilt                   ? 
_em_imaging.specimen_holder_model           ? 
_em_imaging.specimen_id                     1 
_em_imaging.citation_id                     ? 
_em_imaging.date                            ? 
_em_imaging.temperature                     ? 
_em_imaging.tilt_angle_min                  ? 
_em_imaging.tilt_angle_max                  ? 
_em_imaging.astigmatism                     ? 
_em_imaging.detector_distance               ? 
_em_imaging.electron_beam_tilt_params       ? 
_em_imaging.specimen_holder_type            ? 
# 
_em_vitrification.id                    1 
_em_vitrification.specimen_id           1 
_em_vitrification.chamber_temperature   ? 
_em_vitrification.cryogen_name          ETHANE 
_em_vitrification.details               ? 
_em_vitrification.humidity              ? 
_em_vitrification.instrument            ? 
_em_vitrification.entry_id              7KU5 
_em_vitrification.citation_id           ? 
_em_vitrification.method                ? 
_em_vitrification.temp                  ? 
_em_vitrification.time_resolved_state   ? 
# 
_em_experiment.entry_id                7KU5 
_em_experiment.id                      1 
_em_experiment.aggregation_state       PARTICLE 
_em_experiment.reconstruction_method   'SINGLE PARTICLE' 
_em_experiment.entity_assembly_id      1 
# 
loop_
_chem_comp_atom.comp_id 
_chem_comp_atom.atom_id 
_chem_comp_atom.type_symbol 
_chem_comp_atom.pdbx_aromatic_flag 
_chem_comp_atom.pdbx_stereo_config 
_chem_comp_atom.pdbx_ordinal 
ALA N    N  N N 1   
ALA CA   C  N S 2   
ALA C    C  N N 3   
ALA O    O  N N 4   
ALA CB   C  N N 5   
ALA OXT  O  N N 6   
ALA H    H  N N 7   
ALA H2   H  N N 8   
ALA HA   H  N N 9   
ALA HB1  H  N N 10  
ALA HB2  H  N N 11  
ALA HB3  H  N N 12  
ALA HXT  H  N N 13  
ARG N    N  N N 14  
ARG CA   C  N S 15  
ARG C    C  N N 16  
ARG O    O  N N 17  
ARG CB   C  N N 18  
ARG CG   C  N N 19  
ARG CD   C  N N 20  
ARG NE   N  N N 21  
ARG CZ   C  N N 22  
ARG NH1  N  N N 23  
ARG NH2  N  N N 24  
ARG OXT  O  N N 25  
ARG H    H  N N 26  
ARG H2   H  N N 27  
ARG HA   H  N N 28  
ARG HB2  H  N N 29  
ARG HB3  H  N N 30  
ARG HG2  H  N N 31  
ARG HG3  H  N N 32  
ARG HD2  H  N N 33  
ARG HD3  H  N N 34  
ARG HE   H  N N 35  
ARG HH11 H  N N 36  
ARG HH12 H  N N 37  
ARG HH21 H  N N 38  
ARG HH22 H  N N 39  
ARG HXT  H  N N 40  
ASN N    N  N N 41  
ASN CA   C  N S 42  
ASN C    C  N N 43  
ASN O    O  N N 44  
ASN CB   C  N N 45  
ASN CG   C  N N 46  
ASN OD1  O  N N 47  
ASN ND2  N  N N 48  
ASN OXT  O  N N 49  
ASN H    H  N N 50  
ASN H2   H  N N 51  
ASN HA   H  N N 52  
ASN HB2  H  N N 53  
ASN HB3  H  N N 54  
ASN HD21 H  N N 55  
ASN HD22 H  N N 56  
ASN HXT  H  N N 57  
ASP N    N  N N 58  
ASP CA   C  N S 59  
ASP C    C  N N 60  
ASP O    O  N N 61  
ASP CB   C  N N 62  
ASP CG   C  N N 63  
ASP OD1  O  N N 64  
ASP OD2  O  N N 65  
ASP OXT  O  N N 66  
ASP H    H  N N 67  
ASP H2   H  N N 68  
ASP HA   H  N N 69  
ASP HB2  H  N N 70  
ASP HB3  H  N N 71  
ASP HD2  H  N N 72  
ASP HXT  H  N N 73  
BCR C1   C  N N 74  
BCR C2   C  N N 75  
BCR C3   C  N N 76  
BCR C4   C  N N 77  
BCR C5   C  N N 78  
BCR C6   C  N N 79  
BCR C7   C  N N 80  
BCR C8   C  N N 81  
BCR C9   C  N N 82  
BCR C10  C  N N 83  
BCR C11  C  N N 84  
BCR C33  C  N N 85  
BCR C31  C  N N 86  
BCR C32  C  N N 87  
BCR C34  C  N N 88  
BCR C12  C  N N 89  
BCR C13  C  N N 90  
BCR C14  C  N N 91  
BCR C15  C  N N 92  
BCR C16  C  N N 93  
BCR C17  C  N N 94  
BCR C18  C  N N 95  
BCR C19  C  N N 96  
BCR C20  C  N N 97  
BCR C21  C  N N 98  
BCR C22  C  N N 99  
BCR C23  C  N N 100 
BCR C24  C  N N 101 
BCR C25  C  N N 102 
BCR C26  C  N N 103 
BCR C27  C  N N 104 
BCR C28  C  N N 105 
BCR C29  C  N N 106 
BCR C30  C  N N 107 
BCR C35  C  N N 108 
BCR C36  C  N N 109 
BCR C37  C  N N 110 
BCR C38  C  N N 111 
BCR C39  C  N N 112 
BCR C40  C  N N 113 
BCR HC21 H  N N 114 
BCR HC22 H  N N 115 
BCR HC31 H  N N 116 
BCR HC32 H  N N 117 
BCR HC41 H  N N 118 
BCR HC42 H  N N 119 
BCR HC7  H  N N 120 
BCR HC8  H  N N 121 
BCR H10C H  N N 122 
BCR H11C H  N N 123 
BCR H331 H  N N 124 
BCR H332 H  N N 125 
BCR H333 H  N N 126 
BCR H311 H  N N 127 
BCR H312 H  N N 128 
BCR H313 H  N N 129 
BCR H321 H  N N 130 
BCR H322 H  N N 131 
BCR H323 H  N N 132 
BCR H341 H  N N 133 
BCR H342 H  N N 134 
BCR H343 H  N N 135 
BCR H12C H  N N 136 
BCR H14C H  N N 137 
BCR H15C H  N N 138 
BCR H16C H  N N 139 
BCR H17C H  N N 140 
BCR H19C H  N N 141 
BCR H20C H  N N 142 
BCR H21C H  N N 143 
BCR H23C H  N N 144 
BCR H24C H  N N 145 
BCR H271 H  N N 146 
BCR H272 H  N N 147 
BCR H281 H  N N 148 
BCR H282 H  N N 149 
BCR H291 H  N N 150 
BCR H292 H  N N 151 
BCR H351 H  N N 152 
BCR H352 H  N N 153 
BCR H353 H  N N 154 
BCR H361 H  N N 155 
BCR H362 H  N N 156 
BCR H363 H  N N 157 
BCR H371 H  N N 158 
BCR H372 H  N N 159 
BCR H373 H  N N 160 
BCR H381 H  N N 161 
BCR H382 H  N N 162 
BCR H383 H  N N 163 
BCR H391 H  N N 164 
BCR H392 H  N N 165 
BCR H393 H  N N 166 
BCR H401 H  N N 167 
BCR H402 H  N N 168 
BCR H403 H  N N 169 
CLA MG   MG N N 170 
CLA CHA  C  N N 171 
CLA CHB  C  N N 172 
CLA CHC  C  N N 173 
CLA CHD  C  N N 174 
CLA NA   N  N N 175 
CLA C1A  C  N N 176 
CLA C2A  C  N S 177 
CLA C3A  C  N S 178 
CLA C4A  C  N N 179 
CLA CMA  C  N N 180 
CLA CAA  C  N N 181 
CLA CBA  C  N N 182 
CLA CGA  C  N N 183 
CLA O1A  O  N N 184 
CLA O2A  O  N N 185 
CLA NB   N  Y N 186 
CLA C1B  C  Y N 187 
CLA C2B  C  Y N 188 
CLA C3B  C  Y N 189 
CLA C4B  C  Y N 190 
CLA CMB  C  N N 191 
CLA CAB  C  N N 192 
CLA CBB  C  N N 193 
CLA NC   N  N N 194 
CLA C1C  C  N N 195 
CLA C2C  C  N N 196 
CLA C3C  C  N N 197 
CLA C4C  C  N N 198 
CLA CMC  C  N N 199 
CLA CAC  C  N N 200 
CLA CBC  C  N N 201 
CLA ND   N  N R 202 
CLA C1D  C  N N 203 
CLA C2D  C  N N 204 
CLA C3D  C  N N 205 
CLA C4D  C  N N 206 
CLA CMD  C  N N 207 
CLA CAD  C  N N 208 
CLA OBD  O  N N 209 
CLA CBD  C  N R 210 
CLA CGD  C  N N 211 
CLA O1D  O  N N 212 
CLA O2D  O  N N 213 
CLA CED  C  N N 214 
CLA C1   C  N N 215 
CLA C2   C  N N 216 
CLA C3   C  N N 217 
CLA C4   C  N N 218 
CLA C5   C  N N 219 
CLA C6   C  N N 220 
CLA C7   C  N N 221 
CLA C8   C  N R 222 
CLA C9   C  N N 223 
CLA C10  C  N N 224 
CLA C11  C  N N 225 
CLA C12  C  N N 226 
CLA C13  C  N R 227 
CLA C14  C  N N 228 
CLA C15  C  N N 229 
CLA C16  C  N N 230 
CLA C17  C  N N 231 
CLA C18  C  N N 232 
CLA C19  C  N N 233 
CLA C20  C  N N 234 
CLA HHB  H  N N 235 
CLA HHC  H  N N 236 
CLA HHD  H  N N 237 
CLA H2A  H  N N 238 
CLA H3A  H  N N 239 
CLA HMA1 H  N N 240 
CLA HMA2 H  N N 241 
CLA HMA3 H  N N 242 
CLA HAA1 H  N N 243 
CLA HAA2 H  N N 244 
CLA HBA1 H  N N 245 
CLA HBA2 H  N N 246 
CLA HMB1 H  N N 247 
CLA HMB2 H  N N 248 
CLA HMB3 H  N N 249 
CLA HAB  H  N N 250 
CLA HBB1 H  N N 251 
CLA HBB2 H  N N 252 
CLA HMC1 H  N N 253 
CLA HMC2 H  N N 254 
CLA HMC3 H  N N 255 
CLA HAC1 H  N N 256 
CLA HAC2 H  N N 257 
CLA HBC1 H  N N 258 
CLA HBC2 H  N N 259 
CLA HBC3 H  N N 260 
CLA HMD1 H  N N 261 
CLA HMD2 H  N N 262 
CLA HMD3 H  N N 263 
CLA HBD  H  N N 264 
CLA HED1 H  N N 265 
CLA HED2 H  N N 266 
CLA HED3 H  N N 267 
CLA H11  H  N N 268 
CLA H12  H  N N 269 
CLA H2   H  N N 270 
CLA H41  H  N N 271 
CLA H42  H  N N 272 
CLA H43  H  N N 273 
CLA H51  H  N N 274 
CLA H52  H  N N 275 
CLA H61  H  N N 276 
CLA H62  H  N N 277 
CLA H71  H  N N 278 
CLA H72  H  N N 279 
CLA H8   H  N N 280 
CLA H91  H  N N 281 
CLA H92  H  N N 282 
CLA H93  H  N N 283 
CLA H101 H  N N 284 
CLA H102 H  N N 285 
CLA H111 H  N N 286 
CLA H112 H  N N 287 
CLA H121 H  N N 288 
CLA H122 H  N N 289 
CLA H13  H  N N 290 
CLA H141 H  N N 291 
CLA H142 H  N N 292 
CLA H143 H  N N 293 
CLA H151 H  N N 294 
CLA H152 H  N N 295 
CLA H161 H  N N 296 
CLA H162 H  N N 297 
CLA H171 H  N N 298 
CLA H172 H  N N 299 
CLA H18  H  N N 300 
CLA H191 H  N N 301 
CLA H192 H  N N 302 
CLA H193 H  N N 303 
CLA H201 H  N N 304 
CLA H202 H  N N 305 
CLA H203 H  N N 306 
GLN N    N  N N 307 
GLN CA   C  N S 308 
GLN C    C  N N 309 
GLN O    O  N N 310 
GLN CB   C  N N 311 
GLN CG   C  N N 312 
GLN CD   C  N N 313 
GLN OE1  O  N N 314 
GLN NE2  N  N N 315 
GLN OXT  O  N N 316 
GLN H    H  N N 317 
GLN H2   H  N N 318 
GLN HA   H  N N 319 
GLN HB2  H  N N 320 
GLN HB3  H  N N 321 
GLN HG2  H  N N 322 
GLN HG3  H  N N 323 
GLN HE21 H  N N 324 
GLN HE22 H  N N 325 
GLN HXT  H  N N 326 
GLU N    N  N N 327 
GLU CA   C  N S 328 
GLU C    C  N N 329 
GLU O    O  N N 330 
GLU CB   C  N N 331 
GLU CG   C  N N 332 
GLU CD   C  N N 333 
GLU OE1  O  N N 334 
GLU OE2  O  N N 335 
GLU OXT  O  N N 336 
GLU H    H  N N 337 
GLU H2   H  N N 338 
GLU HA   H  N N 339 
GLU HB2  H  N N 340 
GLU HB3  H  N N 341 
GLU HG2  H  N N 342 
GLU HG3  H  N N 343 
GLU HE2  H  N N 344 
GLU HXT  H  N N 345 
GLY N    N  N N 346 
GLY CA   C  N N 347 
GLY C    C  N N 348 
GLY O    O  N N 349 
GLY OXT  O  N N 350 
GLY H    H  N N 351 
GLY H2   H  N N 352 
GLY HA2  H  N N 353 
GLY HA3  H  N N 354 
GLY HXT  H  N N 355 
HIS N    N  N N 356 
HIS CA   C  N S 357 
HIS C    C  N N 358 
HIS O    O  N N 359 
HIS CB   C  N N 360 
HIS CG   C  Y N 361 
HIS ND1  N  Y N 362 
HIS CD2  C  Y N 363 
HIS CE1  C  Y N 364 
HIS NE2  N  Y N 365 
HIS OXT  O  N N 366 
HIS H    H  N N 367 
HIS H2   H  N N 368 
HIS HA   H  N N 369 
HIS HB2  H  N N 370 
HIS HB3  H  N N 371 
HIS HD1  H  N N 372 
HIS HD2  H  N N 373 
HIS HE1  H  N N 374 
HIS HE2  H  N N 375 
HIS HXT  H  N N 376 
ILE N    N  N N 377 
ILE CA   C  N S 378 
ILE C    C  N N 379 
ILE O    O  N N 380 
ILE CB   C  N S 381 
ILE CG1  C  N N 382 
ILE CG2  C  N N 383 
ILE CD1  C  N N 384 
ILE OXT  O  N N 385 
ILE H    H  N N 386 
ILE H2   H  N N 387 
ILE HA   H  N N 388 
ILE HB   H  N N 389 
ILE HG12 H  N N 390 
ILE HG13 H  N N 391 
ILE HG21 H  N N 392 
ILE HG22 H  N N 393 
ILE HG23 H  N N 394 
ILE HD11 H  N N 395 
ILE HD12 H  N N 396 
ILE HD13 H  N N 397 
ILE HXT  H  N N 398 
LEU N    N  N N 399 
LEU CA   C  N S 400 
LEU C    C  N N 401 
LEU O    O  N N 402 
LEU CB   C  N N 403 
LEU CG   C  N N 404 
LEU CD1  C  N N 405 
LEU CD2  C  N N 406 
LEU OXT  O  N N 407 
LEU H    H  N N 408 
LEU H2   H  N N 409 
LEU HA   H  N N 410 
LEU HB2  H  N N 411 
LEU HB3  H  N N 412 
LEU HG   H  N N 413 
LEU HD11 H  N N 414 
LEU HD12 H  N N 415 
LEU HD13 H  N N 416 
LEU HD21 H  N N 417 
LEU HD22 H  N N 418 
LEU HD23 H  N N 419 
LEU HXT  H  N N 420 
LYS N    N  N N 421 
LYS CA   C  N S 422 
LYS C    C  N N 423 
LYS O    O  N N 424 
LYS CB   C  N N 425 
LYS CG   C  N N 426 
LYS CD   C  N N 427 
LYS CE   C  N N 428 
LYS NZ   N  N N 429 
LYS OXT  O  N N 430 
LYS H    H  N N 431 
LYS H2   H  N N 432 
LYS HA   H  N N 433 
LYS HB2  H  N N 434 
LYS HB3  H  N N 435 
LYS HG2  H  N N 436 
LYS HG3  H  N N 437 
LYS HD2  H  N N 438 
LYS HD3  H  N N 439 
LYS HE2  H  N N 440 
LYS HE3  H  N N 441 
LYS HZ1  H  N N 442 
LYS HZ2  H  N N 443 
LYS HZ3  H  N N 444 
LYS HXT  H  N N 445 
MET N    N  N N 446 
MET CA   C  N S 447 
MET C    C  N N 448 
MET O    O  N N 449 
MET CB   C  N N 450 
MET CG   C  N N 451 
MET SD   S  N N 452 
MET CE   C  N N 453 
MET OXT  O  N N 454 
MET H    H  N N 455 
MET H2   H  N N 456 
MET HA   H  N N 457 
MET HB2  H  N N 458 
MET HB3  H  N N 459 
MET HG2  H  N N 460 
MET HG3  H  N N 461 
MET HE1  H  N N 462 
MET HE2  H  N N 463 
MET HE3  H  N N 464 
MET HXT  H  N N 465 
PHE N    N  N N 466 
PHE CA   C  N S 467 
PHE C    C  N N 468 
PHE O    O  N N 469 
PHE CB   C  N N 470 
PHE CG   C  Y N 471 
PHE CD1  C  Y N 472 
PHE CD2  C  Y N 473 
PHE CE1  C  Y N 474 
PHE CE2  C  Y N 475 
PHE CZ   C  Y N 476 
PHE OXT  O  N N 477 
PHE H    H  N N 478 
PHE H2   H  N N 479 
PHE HA   H  N N 480 
PHE HB2  H  N N 481 
PHE HB3  H  N N 482 
PHE HD1  H  N N 483 
PHE HD2  H  N N 484 
PHE HE1  H  N N 485 
PHE HE2  H  N N 486 
PHE HZ   H  N N 487 
PHE HXT  H  N N 488 
PRO N    N  N N 489 
PRO CA   C  N S 490 
PRO C    C  N N 491 
PRO O    O  N N 492 
PRO CB   C  N N 493 
PRO CG   C  N N 494 
PRO CD   C  N N 495 
PRO OXT  O  N N 496 
PRO H    H  N N 497 
PRO HA   H  N N 498 
PRO HB2  H  N N 499 
PRO HB3  H  N N 500 
PRO HG2  H  N N 501 
PRO HG3  H  N N 502 
PRO HD2  H  N N 503 
PRO HD3  H  N N 504 
PRO HXT  H  N N 505 
SER N    N  N N 506 
SER CA   C  N S 507 
SER C    C  N N 508 
SER O    O  N N 509 
SER CB   C  N N 510 
SER OG   O  N N 511 
SER OXT  O  N N 512 
SER H    H  N N 513 
SER H2   H  N N 514 
SER HA   H  N N 515 
SER HB2  H  N N 516 
SER HB3  H  N N 517 
SER HG   H  N N 518 
SER HXT  H  N N 519 
THR N    N  N N 520 
THR CA   C  N S 521 
THR C    C  N N 522 
THR O    O  N N 523 
THR CB   C  N R 524 
THR OG1  O  N N 525 
THR CG2  C  N N 526 
THR OXT  O  N N 527 
THR H    H  N N 528 
THR H2   H  N N 529 
THR HA   H  N N 530 
THR HB   H  N N 531 
THR HG1  H  N N 532 
THR HG21 H  N N 533 
THR HG22 H  N N 534 
THR HG23 H  N N 535 
THR HXT  H  N N 536 
TRP N    N  N N 537 
TRP CA   C  N S 538 
TRP C    C  N N 539 
TRP O    O  N N 540 
TRP CB   C  N N 541 
TRP CG   C  Y N 542 
TRP CD1  C  Y N 543 
TRP CD2  C  Y N 544 
TRP NE1  N  Y N 545 
TRP CE2  C  Y N 546 
TRP CE3  C  Y N 547 
TRP CZ2  C  Y N 548 
TRP CZ3  C  Y N 549 
TRP CH2  C  Y N 550 
TRP OXT  O  N N 551 
TRP H    H  N N 552 
TRP H2   H  N N 553 
TRP HA   H  N N 554 
TRP HB2  H  N N 555 
TRP HB3  H  N N 556 
TRP HD1  H  N N 557 
TRP HE1  H  N N 558 
TRP HE3  H  N N 559 
TRP HZ2  H  N N 560 
TRP HZ3  H  N N 561 
TRP HH2  H  N N 562 
TRP HXT  H  N N 563 
TYR N    N  N N 564 
TYR CA   C  N S 565 
TYR C    C  N N 566 
TYR O    O  N N 567 
TYR CB   C  N N 568 
TYR CG   C  Y N 569 
TYR CD1  C  Y N 570 
TYR CD2  C  Y N 571 
TYR CE1  C  Y N 572 
TYR CE2  C  Y N 573 
TYR CZ   C  Y N 574 
TYR OH   O  N N 575 
TYR OXT  O  N N 576 
TYR H    H  N N 577 
TYR H2   H  N N 578 
TYR HA   H  N N 579 
TYR HB2  H  N N 580 
TYR HB3  H  N N 581 
TYR HD1  H  N N 582 
TYR HD2  H  N N 583 
TYR HE1  H  N N 584 
TYR HE2  H  N N 585 
TYR HH   H  N N 586 
TYR HXT  H  N N 587 
VAL N    N  N N 588 
VAL CA   C  N S 589 
VAL C    C  N N 590 
VAL O    O  N N 591 
VAL CB   C  N N 592 
VAL CG1  C  N N 593 
VAL CG2  C  N N 594 
VAL OXT  O  N N 595 
VAL H    H  N N 596 
VAL H2   H  N N 597 
VAL HA   H  N N 598 
VAL HB   H  N N 599 
VAL HG11 H  N N 600 
VAL HG12 H  N N 601 
VAL HG13 H  N N 602 
VAL HG21 H  N N 603 
VAL HG22 H  N N 604 
VAL HG23 H  N N 605 
VAL HXT  H  N N 606 
# 
loop_
_chem_comp_bond.comp_id 
_chem_comp_bond.atom_id_1 
_chem_comp_bond.atom_id_2 
_chem_comp_bond.value_order 
_chem_comp_bond.pdbx_aromatic_flag 
_chem_comp_bond.pdbx_stereo_config 
_chem_comp_bond.pdbx_ordinal 
ALA N   CA   sing N N 1   
ALA N   H    sing N N 2   
ALA N   H2   sing N N 3   
ALA CA  C    sing N N 4   
ALA CA  CB   sing N N 5   
ALA CA  HA   sing N N 6   
ALA C   O    doub N N 7   
ALA C   OXT  sing N N 8   
ALA CB  HB1  sing N N 9   
ALA CB  HB2  sing N N 10  
ALA CB  HB3  sing N N 11  
ALA OXT HXT  sing N N 12  
ARG N   CA   sing N N 13  
ARG N   H    sing N N 14  
ARG N   H2   sing N N 15  
ARG CA  C    sing N N 16  
ARG CA  CB   sing N N 17  
ARG CA  HA   sing N N 18  
ARG C   O    doub N N 19  
ARG C   OXT  sing N N 20  
ARG CB  CG   sing N N 21  
ARG CB  HB2  sing N N 22  
ARG CB  HB3  sing N N 23  
ARG CG  CD   sing N N 24  
ARG CG  HG2  sing N N 25  
ARG CG  HG3  sing N N 26  
ARG CD  NE   sing N N 27  
ARG CD  HD2  sing N N 28  
ARG CD  HD3  sing N N 29  
ARG NE  CZ   sing N N 30  
ARG NE  HE   sing N N 31  
ARG CZ  NH1  sing N N 32  
ARG CZ  NH2  doub N N 33  
ARG NH1 HH11 sing N N 34  
ARG NH1 HH12 sing N N 35  
ARG NH2 HH21 sing N N 36  
ARG NH2 HH22 sing N N 37  
ARG OXT HXT  sing N N 38  
ASN N   CA   sing N N 39  
ASN N   H    sing N N 40  
ASN N   H2   sing N N 41  
ASN CA  C    sing N N 42  
ASN CA  CB   sing N N 43  
ASN CA  HA   sing N N 44  
ASN C   O    doub N N 45  
ASN C   OXT  sing N N 46  
ASN CB  CG   sing N N 47  
ASN CB  HB2  sing N N 48  
ASN CB  HB3  sing N N 49  
ASN CG  OD1  doub N N 50  
ASN CG  ND2  sing N N 51  
ASN ND2 HD21 sing N N 52  
ASN ND2 HD22 sing N N 53  
ASN OXT HXT  sing N N 54  
ASP N   CA   sing N N 55  
ASP N   H    sing N N 56  
ASP N   H2   sing N N 57  
ASP CA  C    sing N N 58  
ASP CA  CB   sing N N 59  
ASP CA  HA   sing N N 60  
ASP C   O    doub N N 61  
ASP C   OXT  sing N N 62  
ASP CB  CG   sing N N 63  
ASP CB  HB2  sing N N 64  
ASP CB  HB3  sing N N 65  
ASP CG  OD1  doub N N 66  
ASP CG  OD2  sing N N 67  
ASP OD2 HD2  sing N N 68  
ASP OXT HXT  sing N N 69  
BCR C1  C2   sing N N 70  
BCR C1  C6   sing N N 71  
BCR C1  C31  sing N N 72  
BCR C1  C32  sing N N 73  
BCR C2  C3   sing N N 74  
BCR C2  HC21 sing N N 75  
BCR C2  HC22 sing N N 76  
BCR C3  C4   sing N N 77  
BCR C3  HC31 sing N N 78  
BCR C3  HC32 sing N N 79  
BCR C4  C5   sing N N 80  
BCR C4  HC41 sing N N 81  
BCR C4  HC42 sing N N 82  
BCR C5  C6   doub N N 83  
BCR C5  C33  sing N N 84  
BCR C6  C7   sing N N 85  
BCR C7  C8   doub N E 86  
BCR C7  HC7  sing N N 87  
BCR C8  C9   sing N N 88  
BCR C8  HC8  sing N N 89  
BCR C9  C10  doub N E 90  
BCR C9  C34  sing N N 91  
BCR C10 C11  sing N N 92  
BCR C10 H10C sing N N 93  
BCR C11 C12  doub N E 94  
BCR C11 H11C sing N N 95  
BCR C33 H331 sing N N 96  
BCR C33 H332 sing N N 97  
BCR C33 H333 sing N N 98  
BCR C31 H311 sing N N 99  
BCR C31 H312 sing N N 100 
BCR C31 H313 sing N N 101 
BCR C32 H321 sing N N 102 
BCR C32 H322 sing N N 103 
BCR C32 H323 sing N N 104 
BCR C34 H341 sing N N 105 
BCR C34 H342 sing N N 106 
BCR C34 H343 sing N N 107 
BCR C12 C13  sing N N 108 
BCR C12 H12C sing N N 109 
BCR C13 C14  doub N E 110 
BCR C13 C35  sing N N 111 
BCR C14 C15  sing N N 112 
BCR C14 H14C sing N N 113 
BCR C15 C16  doub N E 114 
BCR C15 H15C sing N N 115 
BCR C16 C17  sing N N 116 
BCR C16 H16C sing N N 117 
BCR C17 C18  doub N E 118 
BCR C17 H17C sing N N 119 
BCR C18 C19  sing N N 120 
BCR C18 C36  sing N N 121 
BCR C19 C20  doub N E 122 
BCR C19 H19C sing N N 123 
BCR C20 C21  sing N N 124 
BCR C20 H20C sing N N 125 
BCR C21 C22  doub N E 126 
BCR C21 H21C sing N N 127 
BCR C22 C23  sing N N 128 
BCR C22 C37  sing N N 129 
BCR C23 C24  doub N E 130 
BCR C23 H23C sing N N 131 
BCR C24 C25  sing N N 132 
BCR C24 H24C sing N N 133 
BCR C25 C26  doub N N 134 
BCR C25 C30  sing N N 135 
BCR C26 C27  sing N N 136 
BCR C26 C38  sing N N 137 
BCR C27 C28  sing N N 138 
BCR C27 H271 sing N N 139 
BCR C27 H272 sing N N 140 
BCR C28 C29  sing N N 141 
BCR C28 H281 sing N N 142 
BCR C28 H282 sing N N 143 
BCR C29 C30  sing N N 144 
BCR C29 H291 sing N N 145 
BCR C29 H292 sing N N 146 
BCR C30 C39  sing N N 147 
BCR C30 C40  sing N N 148 
BCR C35 H351 sing N N 149 
BCR C35 H352 sing N N 150 
BCR C35 H353 sing N N 151 
BCR C36 H361 sing N N 152 
BCR C36 H362 sing N N 153 
BCR C36 H363 sing N N 154 
BCR C37 H371 sing N N 155 
BCR C37 H372 sing N N 156 
BCR C37 H373 sing N N 157 
BCR C38 H381 sing N N 158 
BCR C38 H382 sing N N 159 
BCR C38 H383 sing N N 160 
BCR C39 H391 sing N N 161 
BCR C39 H392 sing N N 162 
BCR C39 H393 sing N N 163 
BCR C40 H401 sing N N 164 
BCR C40 H402 sing N N 165 
BCR C40 H403 sing N N 166 
CLA MG  NA   sing N N 167 
CLA MG  NB   sing N N 168 
CLA MG  NC   sing N N 169 
CLA MG  ND   sing N N 170 
CLA CHA C1A  sing N N 171 
CLA CHA C4D  doub N N 172 
CLA CHA CBD  sing N N 173 
CLA CHB C4A  doub N N 174 
CLA CHB C1B  sing N N 175 
CLA CHB HHB  sing N N 176 
CLA CHC C4B  sing N N 177 
CLA CHC C1C  doub N N 178 
CLA CHC HHC  sing N N 179 
CLA CHD C4C  sing N N 180 
CLA CHD C1D  doub N N 181 
CLA CHD HHD  sing N N 182 
CLA NA  C1A  doub N N 183 
CLA NA  C4A  sing N N 184 
CLA C1A C2A  sing N N 185 
CLA C2A C3A  sing N N 186 
CLA C2A CAA  sing N N 187 
CLA C2A H2A  sing N N 188 
CLA C3A C4A  sing N N 189 
CLA C3A CMA  sing N N 190 
CLA C3A H3A  sing N N 191 
CLA CMA HMA1 sing N N 192 
CLA CMA HMA2 sing N N 193 
CLA CMA HMA3 sing N N 194 
CLA CAA CBA  sing N N 195 
CLA CAA HAA1 sing N N 196 
CLA CAA HAA2 sing N N 197 
CLA CBA CGA  sing N N 198 
CLA CBA HBA1 sing N N 199 
CLA CBA HBA2 sing N N 200 
CLA CGA O1A  doub N N 201 
CLA CGA O2A  sing N N 202 
CLA O2A C1   sing N N 203 
CLA NB  C1B  sing Y N 204 
CLA NB  C4B  sing Y N 205 
CLA C1B C2B  doub Y N 206 
CLA C2B C3B  sing Y N 207 
CLA C2B CMB  sing N N 208 
CLA C3B C4B  doub Y N 209 
CLA C3B CAB  sing N N 210 
CLA CMB HMB1 sing N N 211 
CLA CMB HMB2 sing N N 212 
CLA CMB HMB3 sing N N 213 
CLA CAB CBB  doub N N 214 
CLA CAB HAB  sing N N 215 
CLA CBB HBB1 sing N N 216 
CLA CBB HBB2 sing N N 217 
CLA NC  C1C  sing N N 218 
CLA NC  C4C  doub N N 219 
CLA C1C C2C  sing N N 220 
CLA C2C C3C  doub N N 221 
CLA C2C CMC  sing N N 222 
CLA C3C C4C  sing N N 223 
CLA C3C CAC  sing N N 224 
CLA CMC HMC1 sing N N 225 
CLA CMC HMC2 sing N N 226 
CLA CMC HMC3 sing N N 227 
CLA CAC CBC  sing N N 228 
CLA CAC HAC1 sing N N 229 
CLA CAC HAC2 sing N N 230 
CLA CBC HBC1 sing N N 231 
CLA CBC HBC2 sing N N 232 
CLA CBC HBC3 sing N N 233 
CLA ND  C1D  sing N N 234 
CLA ND  C4D  sing N N 235 
CLA C1D C2D  sing N N 236 
CLA C2D C3D  doub N N 237 
CLA C2D CMD  sing N N 238 
CLA C3D C4D  sing N N 239 
CLA C3D CAD  sing N N 240 
CLA CMD HMD1 sing N N 241 
CLA CMD HMD2 sing N N 242 
CLA CMD HMD3 sing N N 243 
CLA CAD OBD  doub N N 244 
CLA CAD CBD  sing N N 245 
CLA CBD CGD  sing N N 246 
CLA CBD HBD  sing N N 247 
CLA CGD O1D  doub N N 248 
CLA CGD O2D  sing N N 249 
CLA O2D CED  sing N N 250 
CLA CED HED1 sing N N 251 
CLA CED HED2 sing N N 252 
CLA CED HED3 sing N N 253 
CLA C1  C2   sing N N 254 
CLA C1  H11  sing N N 255 
CLA C1  H12  sing N N 256 
CLA C2  C3   doub N E 257 
CLA C2  H2   sing N N 258 
CLA C3  C4   sing N N 259 
CLA C3  C5   sing N N 260 
CLA C4  H41  sing N N 261 
CLA C4  H42  sing N N 262 
CLA C4  H43  sing N N 263 
CLA C5  C6   sing N N 264 
CLA C5  H51  sing N N 265 
CLA C5  H52  sing N N 266 
CLA C6  C7   sing N N 267 
CLA C6  H61  sing N N 268 
CLA C6  H62  sing N N 269 
CLA C7  C8   sing N N 270 
CLA C7  H71  sing N N 271 
CLA C7  H72  sing N N 272 
CLA C8  C9   sing N N 273 
CLA C8  C10  sing N N 274 
CLA C8  H8   sing N N 275 
CLA C9  H91  sing N N 276 
CLA C9  H92  sing N N 277 
CLA C9  H93  sing N N 278 
CLA C10 C11  sing N N 279 
CLA C10 H101 sing N N 280 
CLA C10 H102 sing N N 281 
CLA C11 C12  sing N N 282 
CLA C11 H111 sing N N 283 
CLA C11 H112 sing N N 284 
CLA C12 C13  sing N N 285 
CLA C12 H121 sing N N 286 
CLA C12 H122 sing N N 287 
CLA C13 C14  sing N N 288 
CLA C13 C15  sing N N 289 
CLA C13 H13  sing N N 290 
CLA C14 H141 sing N N 291 
CLA C14 H142 sing N N 292 
CLA C14 H143 sing N N 293 
CLA C15 C16  sing N N 294 
CLA C15 H151 sing N N 295 
CLA C15 H152 sing N N 296 
CLA C16 C17  sing N N 297 
CLA C16 H161 sing N N 298 
CLA C16 H162 sing N N 299 
CLA C17 C18  sing N N 300 
CLA C17 H171 sing N N 301 
CLA C17 H172 sing N N 302 
CLA C18 C19  sing N N 303 
CLA C18 C20  sing N N 304 
CLA C18 H18  sing N N 305 
CLA C19 H191 sing N N 306 
CLA C19 H192 sing N N 307 
CLA C19 H193 sing N N 308 
CLA C20 H201 sing N N 309 
CLA C20 H202 sing N N 310 
CLA C20 H203 sing N N 311 
GLN N   CA   sing N N 312 
GLN N   H    sing N N 313 
GLN N   H2   sing N N 314 
GLN CA  C    sing N N 315 
GLN CA  CB   sing N N 316 
GLN CA  HA   sing N N 317 
GLN C   O    doub N N 318 
GLN C   OXT  sing N N 319 
GLN CB  CG   sing N N 320 
GLN CB  HB2  sing N N 321 
GLN CB  HB3  sing N N 322 
GLN CG  CD   sing N N 323 
GLN CG  HG2  sing N N 324 
GLN CG  HG3  sing N N 325 
GLN CD  OE1  doub N N 326 
GLN CD  NE2  sing N N 327 
GLN NE2 HE21 sing N N 328 
GLN NE2 HE22 sing N N 329 
GLN OXT HXT  sing N N 330 
GLU N   CA   sing N N 331 
GLU N   H    sing N N 332 
GLU N   H2   sing N N 333 
GLU CA  C    sing N N 334 
GLU CA  CB   sing N N 335 
GLU CA  HA   sing N N 336 
GLU C   O    doub N N 337 
GLU C   OXT  sing N N 338 
GLU CB  CG   sing N N 339 
GLU CB  HB2  sing N N 340 
GLU CB  HB3  sing N N 341 
GLU CG  CD   sing N N 342 
GLU CG  HG2  sing N N 343 
GLU CG  HG3  sing N N 344 
GLU CD  OE1  doub N N 345 
GLU CD  OE2  sing N N 346 
GLU OE2 HE2  sing N N 347 
GLU OXT HXT  sing N N 348 
GLY N   CA   sing N N 349 
GLY N   H    sing N N 350 
GLY N   H2   sing N N 351 
GLY CA  C    sing N N 352 
GLY CA  HA2  sing N N 353 
GLY CA  HA3  sing N N 354 
GLY C   O    doub N N 355 
GLY C   OXT  sing N N 356 
GLY OXT HXT  sing N N 357 
HIS N   CA   sing N N 358 
HIS N   H    sing N N 359 
HIS N   H2   sing N N 360 
HIS CA  C    sing N N 361 
HIS CA  CB   sing N N 362 
HIS CA  HA   sing N N 363 
HIS C   O    doub N N 364 
HIS C   OXT  sing N N 365 
HIS CB  CG   sing N N 366 
HIS CB  HB2  sing N N 367 
HIS CB  HB3  sing N N 368 
HIS CG  ND1  sing Y N 369 
HIS CG  CD2  doub Y N 370 
HIS ND1 CE1  doub Y N 371 
HIS ND1 HD1  sing N N 372 
HIS CD2 NE2  sing Y N 373 
HIS CD2 HD2  sing N N 374 
HIS CE1 NE2  sing Y N 375 
HIS CE1 HE1  sing N N 376 
HIS NE2 HE2  sing N N 377 
HIS OXT HXT  sing N N 378 
ILE N   CA   sing N N 379 
ILE N   H    sing N N 380 
ILE N   H2   sing N N 381 
ILE CA  C    sing N N 382 
ILE CA  CB   sing N N 383 
ILE CA  HA   sing N N 384 
ILE C   O    doub N N 385 
ILE C   OXT  sing N N 386 
ILE CB  CG1  sing N N 387 
ILE CB  CG2  sing N N 388 
ILE CB  HB   sing N N 389 
ILE CG1 CD1  sing N N 390 
ILE CG1 HG12 sing N N 391 
ILE CG1 HG13 sing N N 392 
ILE CG2 HG21 sing N N 393 
ILE CG2 HG22 sing N N 394 
ILE CG2 HG23 sing N N 395 
ILE CD1 HD11 sing N N 396 
ILE CD1 HD12 sing N N 397 
ILE CD1 HD13 sing N N 398 
ILE OXT HXT  sing N N 399 
LEU N   CA   sing N N 400 
LEU N   H    sing N N 401 
LEU N   H2   sing N N 402 
LEU CA  C    sing N N 403 
LEU CA  CB   sing N N 404 
LEU CA  HA   sing N N 405 
LEU C   O    doub N N 406 
LEU C   OXT  sing N N 407 
LEU CB  CG   sing N N 408 
LEU CB  HB2  sing N N 409 
LEU CB  HB3  sing N N 410 
LEU CG  CD1  sing N N 411 
LEU CG  CD2  sing N N 412 
LEU CG  HG   sing N N 413 
LEU CD1 HD11 sing N N 414 
LEU CD1 HD12 sing N N 415 
LEU CD1 HD13 sing N N 416 
LEU CD2 HD21 sing N N 417 
LEU CD2 HD22 sing N N 418 
LEU CD2 HD23 sing N N 419 
LEU OXT HXT  sing N N 420 
LYS N   CA   sing N N 421 
LYS N   H    sing N N 422 
LYS N   H2   sing N N 423 
LYS CA  C    sing N N 424 
LYS CA  CB   sing N N 425 
LYS CA  HA   sing N N 426 
LYS C   O    doub N N 427 
LYS C   OXT  sing N N 428 
LYS CB  CG   sing N N 429 
LYS CB  HB2  sing N N 430 
LYS CB  HB3  sing N N 431 
LYS CG  CD   sing N N 432 
LYS CG  HG2  sing N N 433 
LYS CG  HG3  sing N N 434 
LYS CD  CE   sing N N 435 
LYS CD  HD2  sing N N 436 
LYS CD  HD3  sing N N 437 
LYS CE  NZ   sing N N 438 
LYS CE  HE2  sing N N 439 
LYS CE  HE3  sing N N 440 
LYS NZ  HZ1  sing N N 441 
LYS NZ  HZ2  sing N N 442 
LYS NZ  HZ3  sing N N 443 
LYS OXT HXT  sing N N 444 
MET N   CA   sing N N 445 
MET N   H    sing N N 446 
MET N   H2   sing N N 447 
MET CA  C    sing N N 448 
MET CA  CB   sing N N 449 
MET CA  HA   sing N N 450 
MET C   O    doub N N 451 
MET C   OXT  sing N N 452 
MET CB  CG   sing N N 453 
MET CB  HB2  sing N N 454 
MET CB  HB3  sing N N 455 
MET CG  SD   sing N N 456 
MET CG  HG2  sing N N 457 
MET CG  HG3  sing N N 458 
MET SD  CE   sing N N 459 
MET CE  HE1  sing N N 460 
MET CE  HE2  sing N N 461 
MET CE  HE3  sing N N 462 
MET OXT HXT  sing N N 463 
PHE N   CA   sing N N 464 
PHE N   H    sing N N 465 
PHE N   H2   sing N N 466 
PHE CA  C    sing N N 467 
PHE CA  CB   sing N N 468 
PHE CA  HA   sing N N 469 
PHE C   O    doub N N 470 
PHE C   OXT  sing N N 471 
PHE CB  CG   sing N N 472 
PHE CB  HB2  sing N N 473 
PHE CB  HB3  sing N N 474 
PHE CG  CD1  doub Y N 475 
PHE CG  CD2  sing Y N 476 
PHE CD1 CE1  sing Y N 477 
PHE CD1 HD1  sing N N 478 
PHE CD2 CE2  doub Y N 479 
PHE CD2 HD2  sing N N 480 
PHE CE1 CZ   doub Y N 481 
PHE CE1 HE1  sing N N 482 
PHE CE2 CZ   sing Y N 483 
PHE CE2 HE2  sing N N 484 
PHE CZ  HZ   sing N N 485 
PHE OXT HXT  sing N N 486 
PRO N   CA   sing N N 487 
PRO N   CD   sing N N 488 
PRO N   H    sing N N 489 
PRO CA  C    sing N N 490 
PRO CA  CB   sing N N 491 
PRO CA  HA   sing N N 492 
PRO C   O    doub N N 493 
PRO C   OXT  sing N N 494 
PRO CB  CG   sing N N 495 
PRO CB  HB2  sing N N 496 
PRO CB  HB3  sing N N 497 
PRO CG  CD   sing N N 498 
PRO CG  HG2  sing N N 499 
PRO CG  HG3  sing N N 500 
PRO CD  HD2  sing N N 501 
PRO CD  HD3  sing N N 502 
PRO OXT HXT  sing N N 503 
SER N   CA   sing N N 504 
SER N   H    sing N N 505 
SER N   H2   sing N N 506 
SER CA  C    sing N N 507 
SER CA  CB   sing N N 508 
SER CA  HA   sing N N 509 
SER C   O    doub N N 510 
SER C   OXT  sing N N 511 
SER CB  OG   sing N N 512 
SER CB  HB2  sing N N 513 
SER CB  HB3  sing N N 514 
SER OG  HG   sing N N 515 
SER OXT HXT  sing N N 516 
THR N   CA   sing N N 517 
THR N   H    sing N N 518 
THR N   H2   sing N N 519 
THR CA  C    sing N N 520 
THR CA  CB   sing N N 521 
THR CA  HA   sing N N 522 
THR C   O    doub N N 523 
THR C   OXT  sing N N 524 
THR CB  OG1  sing N N 525 
THR CB  CG2  sing N N 526 
THR CB  HB   sing N N 527 
THR OG1 HG1  sing N N 528 
THR CG2 HG21 sing N N 529 
THR CG2 HG22 sing N N 530 
THR CG2 HG23 sing N N 531 
THR OXT HXT  sing N N 532 
TRP N   CA   sing N N 533 
TRP N   H    sing N N 534 
TRP N   H2   sing N N 535 
TRP CA  C    sing N N 536 
TRP CA  CB   sing N N 537 
TRP CA  HA   sing N N 538 
TRP C   O    doub N N 539 
TRP C   OXT  sing N N 540 
TRP CB  CG   sing N N 541 
TRP CB  HB2  sing N N 542 
TRP CB  HB3  sing N N 543 
TRP CG  CD1  doub Y N 544 
TRP CG  CD2  sing Y N 545 
TRP CD1 NE1  sing Y N 546 
TRP CD1 HD1  sing N N 547 
TRP CD2 CE2  doub Y N 548 
TRP CD2 CE3  sing Y N 549 
TRP NE1 CE2  sing Y N 550 
TRP NE1 HE1  sing N N 551 
TRP CE2 CZ2  sing Y N 552 
TRP CE3 CZ3  doub Y N 553 
TRP CE3 HE3  sing N N 554 
TRP CZ2 CH2  doub Y N 555 
TRP CZ2 HZ2  sing N N 556 
TRP CZ3 CH2  sing Y N 557 
TRP CZ3 HZ3  sing N N 558 
TRP CH2 HH2  sing N N 559 
TRP OXT HXT  sing N N 560 
TYR N   CA   sing N N 561 
TYR N   H    sing N N 562 
TYR N   H2   sing N N 563 
TYR CA  C    sing N N 564 
TYR CA  CB   sing N N 565 
TYR CA  HA   sing N N 566 
TYR C   O    doub N N 567 
TYR C   OXT  sing N N 568 
TYR CB  CG   sing N N 569 
TYR CB  HB2  sing N N 570 
TYR CB  HB3  sing N N 571 
TYR CG  CD1  doub Y N 572 
TYR CG  CD2  sing Y N 573 
TYR CD1 CE1  sing Y N 574 
TYR CD1 HD1  sing N N 575 
TYR CD2 CE2  doub Y N 576 
TYR CD2 HD2  sing N N 577 
TYR CE1 CZ   doub Y N 578 
TYR CE1 HE1  sing N N 579 
TYR CE2 CZ   sing Y N 580 
TYR CE2 HE2  sing N N 581 
TYR CZ  OH   sing N N 582 
TYR OH  HH   sing N N 583 
TYR OXT HXT  sing N N 584 
VAL N   CA   sing N N 585 
VAL N   H    sing N N 586 
VAL N   H2   sing N N 587 
VAL CA  C    sing N N 588 
VAL CA  CB   sing N N 589 
VAL CA  HA   sing N N 590 
VAL C   O    doub N N 591 
VAL C   OXT  sing N N 592 
VAL CB  CG1  sing N N 593 
VAL CB  CG2  sing N N 594 
VAL CB  HB   sing N N 595 
VAL CG1 HG11 sing N N 596 
VAL CG1 HG12 sing N N 597 
VAL CG1 HG13 sing N N 598 
VAL CG2 HG21 sing N N 599 
VAL CG2 HG22 sing N N 600 
VAL CG2 HG23 sing N N 601 
VAL OXT HXT  sing N N 602 
# 
_em_ctf_correction.id                       1 
_em_ctf_correction.em_image_processing_id   1 
_em_ctf_correction.type                     'PHASE FLIPPING AND AMPLITUDE CORRECTION' 
_em_ctf_correction.details                  ? 
# 
_em_entity_assembly_naturalsource.id                   2 
_em_entity_assembly_naturalsource.entity_assembly_id   1 
_em_entity_assembly_naturalsource.cell                 ? 
_em_entity_assembly_naturalsource.cellular_location    ? 
_em_entity_assembly_naturalsource.ncbi_tax_id          3218 
_em_entity_assembly_naturalsource.organ                ? 
_em_entity_assembly_naturalsource.organelle            ? 
_em_entity_assembly_naturalsource.organism             'Physcomitrium patens' 
_em_entity_assembly_naturalsource.strain               ? 
_em_entity_assembly_naturalsource.tissue               ? 
# 
_em_image_processing.id                   1 
_em_image_processing.image_recording_id   1 
_em_image_processing.details              ? 
# 
_em_image_recording.id                                  1 
_em_image_recording.imaging_id                          1 
_em_image_recording.avg_electron_dose_per_image         1.6 
_em_image_recording.average_exposure_time               ? 
_em_image_recording.details                             ? 
_em_image_recording.detector_mode                       ? 
_em_image_recording.film_or_detector_model              'GATAN K2 SUMMIT (4k x 4k)' 
_em_image_recording.num_diffraction_images              ? 
_em_image_recording.num_grids_imaged                    ? 
_em_image_recording.num_real_images                     ? 
_em_image_recording.avg_electron_dose_per_subtomogram   ? 
# 
loop_
_em_software.id 
_em_software.category 
_em_software.details 
_em_software.name 
_em_software.version 
_em_software.image_processing_id 
_em_software.fitting_id 
_em_software.imaging_id 
1  'CRYSTALLOGRAPHY MERGING'  ? ?      ?   1 1 1 
2  'IMAGE ACQUISITION'        ? ?      ?   ? ? 1 
3  MASKING                    ? ?      ?   ? ? ? 
4  'CTF CORRECTION'           ? ?      ?   1 ? ? 
5  'LAYERLINE INDEXING'       ? ?      ?   ? ? ? 
6  'DIFFRACTION INDEXING'     ? ?      ?   ? ? ? 
7  'MODEL FITTING'            ? ?      ?   ? ? ? 
8  'MODEL REFINEMENT'         ? ?      ?   ? ? ? 
9  OTHER                      ? ?      ?   ? ? ? 
10 'INITIAL EULER ASSIGNMENT' ? ?      ?   1 ? ? 
11 'FINAL EULER ASSIGNMENT'   ? RELION 3.1 1 ? ? 
12 CLASSIFICATION             ? ?      ?   1 ? ? 
13 RECONSTRUCTION             ? ?      ?   1 ? ? 
# 
_em_specimen.id                      1 
_em_specimen.experiment_id           1 
_em_specimen.concentration           ? 
_em_specimen.details                 ? 
_em_specimen.embedding_applied       NO 
_em_specimen.shadowing_applied       NO 
_em_specimen.staining_applied        NO 
_em_specimen.vitrification_applied   YES 
# 
_pdbx_audit_support.funding_organization   'Not funded' 
_pdbx_audit_support.country                ? 
_pdbx_audit_support.grant_number           ? 
_pdbx_audit_support.ordinal                1 
# 
loop_
_pdbx_entity_instance_feature.ordinal 
_pdbx_entity_instance_feature.comp_id 
_pdbx_entity_instance_feature.asym_id 
_pdbx_entity_instance_feature.seq_num 
_pdbx_entity_instance_feature.auth_comp_id 
_pdbx_entity_instance_feature.auth_asym_id 
_pdbx_entity_instance_feature.auth_seq_num 
_pdbx_entity_instance_feature.feature_type 
_pdbx_entity_instance_feature.details 
1 BCR ? ? BCR ? ? 'SUBJECT OF INVESTIGATION' ? 
2 CLA ? ? CLA ? ? 'SUBJECT OF INVESTIGATION' ? 
# 
_space_group.crystal_system   triclinic 
_space_group.name_H-M_alt     'P 1' 
_space_group.IT_number        1 
_space_group.name_Hall        'P 1' 
_space_group.id               1 
# 
_atom_sites.entry_id                    7KU5 
_atom_sites.Cartn_transf_matrix[1][1]   ? 
_atom_sites.Cartn_transf_matrix[1][2]   ? 
_atom_sites.Cartn_transf_matrix[1][3]   ? 
_atom_sites.Cartn_transf_matrix[2][1]   ? 
_atom_sites.Cartn_transf_matrix[2][2]   ? 
_atom_sites.Cartn_transf_matrix[2][3]   ? 
_atom_sites.Cartn_transf_matrix[3][1]   ? 
_atom_sites.Cartn_transf_matrix[3][2]   ? 
_atom_sites.Cartn_transf_matrix[3][3]   ? 
_atom_sites.Cartn_transf_vector[1]      ? 
_atom_sites.Cartn_transf_vector[2]      ? 
_atom_sites.Cartn_transf_vector[3]      ? 
_atom_sites.fract_transf_matrix[1][1]   1.000000 
_atom_sites.fract_transf_matrix[1][2]   0.000000 
_atom_sites.fract_transf_matrix[1][3]   0.000000 
_atom_sites.fract_transf_matrix[2][1]   0.000000 
_atom_sites.fract_transf_matrix[2][2]   1.000000 
_atom_sites.fract_transf_matrix[2][3]   0.000000 
_atom_sites.fract_transf_matrix[3][1]   0.000000 
_atom_sites.fract_transf_matrix[3][2]   0.000000 
_atom_sites.fract_transf_matrix[3][3]   1.000000 
_atom_sites.fract_transf_vector[1]      0.00000 
_atom_sites.fract_transf_vector[2]      0.00000 
_atom_sites.fract_transf_vector[3]      0.00000 
_atom_sites.solution_primary            ? 
_atom_sites.solution_secondary          ? 
_atom_sites.solution_hydrogens          ? 
_atom_sites.special_details             ? 
# 
loop_
_atom_type.symbol 
C  
MG 
N  
O  
S  
# 
loop_
_atom_site.group_PDB 
_atom_site.id 
_atom_site.type_symbol 
_atom_site.label_atom_id 
_atom_site.label_alt_id 
_atom_site.label_comp_id 
_atom_site.label_asym_id 
_atom_site.label_entity_id 
_atom_site.label_seq_id 
_atom_site.pdbx_PDB_ins_code 
_atom_site.Cartn_x 
_atom_site.Cartn_y 
_atom_site.Cartn_z 
_atom_site.occupancy 
_atom_site.B_iso_or_equiv 
_atom_site.pdbx_formal_charge 
_atom_site.auth_seq_id 
_atom_site.auth_comp_id 
_atom_site.auth_asym_id 
_atom_site.auth_atom_id 
_atom_site.pdbx_PDB_model_num 
ATOM   1   N  N   . ASN A 1 1  ? 29.23943  3.20253   7.41020   1.000 67.51000 ? 56  ASN O N   1 
ATOM   2   C  CA  . ASN A 1 1  ? 28.92907  2.51346   6.16301   1.000 67.51000 ? 56  ASN O CA  1 
ATOM   3   C  C   . ASN A 1 1  ? 28.06737  1.28225   6.41023   1.000 67.51000 ? 56  ASN O C   1 
ATOM   4   O  O   . ASN A 1 1  ? 27.90771  0.84891   7.55339   1.000 67.51000 ? 56  ASN O O   1 
ATOM   5   C  CB  . ASN A 1 1  ? 30.21301  2.11073   5.43631   1.000 67.51000 ? 56  ASN O CB  1 
ATOM   6   C  CG  . ASN A 1 1  ? 30.71919  3.18955   4.50216   1.000 67.51000 ? 56  ASN O CG  1 
ATOM   7   O  OD1 . ASN A 1 1  ? 29.93900  3.84289   3.80918   1.000 67.51000 ? 56  ASN O OD1 1 
ATOM   8   N  ND2 . ASN A 1 1  ? 32.03254  3.38116   4.47779   1.000 67.51000 ? 56  ASN O ND2 1 
ATOM   9   N  N   . ARG A 1 2  ? 27.48120  0.76926   5.32007   1.000 65.97000 ? 57  ARG O N   1 
ATOM   10  C  CA  . ARG A 1 2  ? 26.70051  -0.47422  5.25198   1.000 65.97000 ? 57  ARG O CA  1 
ATOM   11  C  C   . ARG A 1 2  ? 25.43597  -0.45504  6.11387   1.000 65.97000 ? 57  ARG O C   1 
ATOM   12  O  O   . ARG A 1 2  ? 24.86285  -1.51133  6.39686   1.000 65.97000 ? 57  ARG O O   1 
ATOM   13  C  CB  . ARG A 1 2  ? 27.55530  -1.70166  5.60173   1.000 65.97000 ? 57  ARG O CB  1 
ATOM   14  N  N   . ASP A 1 3  ? 24.99033  0.71450   6.56097   1.000 69.22000 ? 58  ASP O N   1 
ATOM   15  C  CA  . ASP A 1 3  ? 23.74834  0.84303   7.31360   1.000 69.22000 ? 58  ASP O CA  1 
ATOM   16  C  C   . ASP A 1 3  ? 23.01234  2.10538   6.87670   1.000 69.22000 ? 58  ASP O C   1 
ATOM   17  O  O   . ASP A 1 3  ? 22.56799  2.90713   7.69988   1.000 69.22000 ? 58  ASP O O   1 
ATOM   18  C  CB  . ASP A 1 3  ? 24.01157  0.84453   8.81718   1.000 69.22000 ? 58  ASP O CB  1 
ATOM   19  C  CG  . ASP A 1 3  ? 22.87445  0.22716   9.60549   1.000 69.22000 ? 58  ASP O CG  1 
ATOM   20  O  OD1 . ASP A 1 3  ? 21.89821  -0.23480  8.97811   1.000 69.22000 ? 58  ASP O OD1 1 
ATOM   21  O  OD2 . ASP A 1 3  ? 22.95646  0.20128   10.85127  1.000 69.22000 ? 58  ASP O OD2 1 
ATOM   22  N  N   . TRP A 1 4  ? 22.91515  2.30933   5.55628   1.000 66.48000 ? 59  TRP O N   1 
ATOM   23  C  CA  . TRP A 1 4  ? 22.25599  3.50064   5.02828   1.000 66.48000 ? 59  TRP O CA  1 
ATOM   24  C  C   . TRP A 1 4  ? 20.75404  3.48039   5.28483   1.000 66.48000 ? 59  TRP O C   1 
ATOM   25  O  O   . TRP A 1 4  ? 20.13381  4.53995   5.42006   1.000 66.48000 ? 59  TRP O O   1 
ATOM   26  C  CB  . TRP A 1 4  ? 22.54086  3.63877   3.52947   1.000 66.48000 ? 59  TRP O CB  1 
ATOM   27  C  CG  . TRP A 1 4  ? 21.81884  2.65113   2.65602   1.000 66.48000 ? 59  TRP O CG  1 
ATOM   28  C  CD1 . TRP A 1 4  ? 22.24782  1.40677   2.30033   1.000 66.48000 ? 59  TRP O CD1 1 
ATOM   29  C  CD2 . TRP A 1 4  ? 20.54400  2.83264   2.02496   1.000 66.48000 ? 59  TRP O CD2 1 
ATOM   30  N  NE1 . TRP A 1 4  ? 21.31823  0.80014   1.48914   1.000 66.48000 ? 59  TRP O NE1 1 
ATOM   31  C  CE2 . TRP A 1 4  ? 20.26347  1.65423   1.30490   1.000 66.48000 ? 59  TRP O CE2 1 
ATOM   32  C  CE3 . TRP A 1 4  ? 19.61308  3.87590   2.00144   1.000 66.48000 ? 59  TRP O CE3 1 
ATOM   33  C  CZ2 . TRP A 1 4  ? 19.09139  1.49200   0.56976   1.000 66.48000 ? 59  TRP O CZ2 1 
ATOM   34  C  CZ3 . TRP A 1 4  ? 18.45125  3.71315   1.27012   1.000 66.48000 ? 59  TRP O CZ3 1 
ATOM   35  C  CH2 . TRP A 1 4  ? 18.20011  2.52949   0.56523   1.000 66.48000 ? 59  TRP O CH2 1 
ATOM   36  N  N   . LEU A 1 5  ? 20.16132  2.29231   5.35575   1.000 68.19000 ? 60  LEU O N   1 
ATOM   37  C  CA  . LEU A 1 5  ? 18.77278  2.12101   5.76508   1.000 68.19000 ? 60  LEU O CA  1 
ATOM   38  C  C   . LEU A 1 5  ? 18.72058  0.85567   6.60441   1.000 68.19000 ? 60  LEU O C   1 
ATOM   39  O  O   . LEU A 1 5  ? 18.84189  -0.24788  6.06247   1.000 68.19000 ? 60  LEU O O   1 
ATOM   40  C  CB  . LEU A 1 5  ? 17.83288  2.02313   4.56418   1.000 68.19000 ? 60  LEU O CB  1 
ATOM   41  N  N   . ARG A 1 6  ? 18.57871  1.01398   7.91731   1.000 65.92000 ? 61  ARG O N   1 
ATOM   42  C  CA  . ARG A 1 6  ? 18.46220  -0.14047  8.79505   1.000 65.92000 ? 61  ARG O CA  1 
ATOM   43  C  C   . ARG A 1 6  ? 17.12372  -0.82818  8.56005   1.000 65.92000 ? 61  ARG O C   1 
ATOM   44  O  O   . ARG A 1 6  ? 16.14980  -0.20715  8.12394   1.000 65.92000 ? 61  ARG O O   1 
ATOM   45  C  CB  . ARG A 1 6  ? 18.61805  0.25900   10.27089  1.000 65.92000 ? 61  ARG O CB  1 
ATOM   46  C  CG  . ARG A 1 6  ? 17.38981  0.83622   11.00593  1.000 65.92000 ? 61  ARG O CG  1 
ATOM   47  C  CD  . ARG A 1 6  ? 16.93504  2.21586   10.53304  1.000 65.92000 ? 61  ARG O CD  1 
ATOM   48  N  NE  . ARG A 1 6  ? 15.81787  2.72519   11.32506  1.000 65.92000 ? 61  ARG O NE  1 
ATOM   49  C  CZ  . ARG A 1 6  ? 14.53876  2.43063   11.11098  1.000 65.92000 ? 61  ARG O CZ  1 
ATOM   50  N  NH1 . ARG A 1 6  ? 13.59111  3.04529   11.80191  1.000 65.92000 ? 61  ARG O NH1 1 
ATOM   51  N  NH2 . ARG A 1 6  ? 14.20038  1.59115   10.14254  1.000 65.92000 ? 61  ARG O NH2 1 
ATOM   52  N  N   . ARG A 1 7  ? 17.09356  -2.13801  8.81225   1.000 66.31000 ? 62  ARG O N   1 
ATOM   53  C  CA  . ARG A 1 7  ? 15.92126  -2.92407  8.44695   1.000 66.31000 ? 62  ARG O CA  1 
ATOM   54  C  C   . ARG A 1 7  ? 14.77162  -2.65404  9.40573   1.000 66.31000 ? 62  ARG O C   1 
ATOM   55  O  O   . ARG A 1 7  ? 13.76997  -2.03855  9.01596   1.000 66.31000 ? 62  ARG O O   1 
ATOM   56  C  CB  . ARG A 1 7  ? 16.27487  -4.41338  8.42650   1.000 66.31000 ? 62  ARG O CB  1 
ATOM   57  C  CG  . ARG A 1 7  ? 17.46201  -4.76474  7.54067   1.000 66.31000 ? 62  ARG O CG  1 
ATOM   58  C  CD  . ARG A 1 7  ? 17.26768  -4.28077  6.10987   1.000 66.31000 ? 62  ARG O CD  1 
ATOM   59  N  NE  . ARG A 1 7  ? 16.44465  -5.19609  5.32661   1.000 66.31000 ? 62  ARG O NE  1 
ATOM   60  C  CZ  . ARG A 1 7  ? 16.91174  -6.25580  4.67395   1.000 66.31000 ? 62  ARG O CZ  1 
ATOM   61  N  NH1 . ARG A 1 7  ? 16.11327  -6.95295  3.88175   1.000 66.31000 ? 62  ARG O NH1 1 
ATOM   62  N  NH2 . ARG A 1 7  ? 18.20042  -6.56233  4.73829   1.000 66.31000 ? 62  ARG O NH2 1 
ATOM   63  N  N   . ASP A 1 8  ? 14.95099  -3.02880  10.67981  1.000 70.31000 ? 63  ASP O N   1 
ATOM   64  C  CA  . ASP A 1 8  ? 13.97892  -2.88440  11.77194  1.000 70.31000 ? 63  ASP O CA  1 
ATOM   65  C  C   . ASP A 1 8  ? 12.61887  -3.46904  11.37462  1.000 70.31000 ? 63  ASP O C   1 
ATOM   66  O  O   . ASP A 1 8  ? 11.63640  -2.76038  11.14891  1.000 70.31000 ? 63  ASP O O   1 
ATOM   67  C  CB  . ASP A 1 8  ? 13.87726  -1.41838  12.22015  1.000 70.31000 ? 63  ASP O CB  1 
ATOM   68  C  CG  . ASP A 1 8  ? 12.99716  -1.23378  13.44767  1.000 70.31000 ? 63  ASP O CG  1 
ATOM   69  O  OD1 . ASP A 1 8  ? 13.44082  -1.58839  14.55957  1.000 70.31000 ? 63  ASP O OD1 1 
ATOM   70  O  OD2 . ASP A 1 8  ? 11.86336  -0.73471  13.29724  1.000 70.31000 ? 63  ASP O OD2 1 
ATOM   71  N  N   . LEU A 1 9  ? 12.60194  -4.79585  11.23006  1.000 71.05000 ? 64  LEU O N   1 
ATOM   72  C  CA  . LEU A 1 9  ? 11.52946  -5.48421  10.51244  1.000 71.05000 ? 64  LEU O CA  1 
ATOM   73  C  C   . LEU A 1 9  ? 10.20620  -5.54071  11.27416  1.000 71.05000 ? 64  LEU O C   1 
ATOM   74  O  O   . LEU A 1 9  ? 9.68670   -6.62264  11.56472  1.000 71.05000 ? 64  LEU O O   1 
ATOM   75  C  CB  . LEU A 1 9  ? 11.97511  -6.90455  10.15558  1.000 71.05000 ? 64  LEU O CB  1 
ATOM   76  N  N   . SER A 1 10 ? 9.66388   -4.36656  11.59361  1.000 64.32000 ? 65  SER O N   1 
ATOM   77  C  CA  . SER A 1 10 ? 8.28710   -4.18802  12.01853  1.000 64.32000 ? 65  SER O CA  1 
ATOM   78  C  C   . SER A 1 10 ? 7.60098   -3.03930  11.30193  1.000 64.32000 ? 65  SER O C   1 
ATOM   79  O  O   . SER A 1 10 ? 6.36626   -3.01304  11.26762  1.000 64.32000 ? 65  SER O O   1 
ATOM   80  C  CB  . SER A 1 10 ? 8.21024   -3.94827  13.53364  1.000 64.32000 ? 65  SER O CB  1 
ATOM   81  N  N   . VAL A 1 11 ? 8.35581   -2.09783  10.72617  1.000 61.11000 ? 66  VAL O N   1 
ATOM   82  C  CA  . VAL A 1 11 ? 7.78522   -1.07255  9.85682   1.000 61.11000 ? 66  VAL O CA  1 
ATOM   83  C  C   . VAL A 1 11 ? 7.24673   -1.70057  8.57052   1.000 61.11000 ? 66  VAL O C   1 
ATOM   84  O  O   . VAL A 1 11 ? 6.23732   -1.24150  8.01931   1.000 61.11000 ? 66  VAL O O   1 
ATOM   85  C  CB  . VAL A 1 11 ? 8.83614   0.03743   9.60939   1.000 61.11000 ? 66  VAL O CB  1 
ATOM   86  C  CG1 . VAL A 1 11 ? 10.11814  -0.50927  8.97856   1.000 61.11000 ? 66  VAL O CG1 1 
ATOM   87  C  CG2 . VAL A 1 11 ? 8.27031   1.18354   8.77927   1.000 61.11000 ? 66  VAL O CG2 1 
ATOM   88  N  N   . ILE A 1 12 ? 7.85772   -2.79507  8.10672   1.000 62.43000 ? 67  ILE O N   1 
ATOM   89  C  CA  . ILE A 1 12 ? 7.30843   -3.54824  6.98855   1.000 62.43000 ? 67  ILE O CA  1 
ATOM   90  C  C   . ILE A 1 12 ? 6.08776   -4.35423  7.43782   1.000 62.43000 ? 67  ILE O C   1 
ATOM   91  O  O   . ILE A 1 12 ? 5.24305   -4.71938  6.61343   1.000 62.43000 ? 67  ILE O O   1 
ATOM   92  C  CB  . ILE A 1 12 ? 8.42861   -4.41577  6.36865   1.000 62.43000 ? 67  ILE O CB  1 
ATOM   93  C  CG1 . ILE A 1 12 ? 8.02474   -4.98979  5.00659   1.000 62.43000 ? 67  ILE O CG1 1 
ATOM   94  C  CG2 . ILE A 1 12 ? 8.86548   -5.52315  7.32265   1.000 62.43000 ? 67  ILE O CG2 1 
ATOM   95  C  CD1 . ILE A 1 12 ? 7.83466   -3.93704  3.93862   1.000 62.43000 ? 67  ILE O CD1 1 
ATOM   96  N  N   . GLY A 1 13 ? 5.94385   -4.58843  8.74250   1.000 63.09000 ? 68  GLY O N   1 
ATOM   97  C  CA  . GLY A 1 13 ? 4.77358   -5.23732  9.29395   1.000 63.09000 ? 68  GLY O CA  1 
ATOM   98  C  C   . GLY A 1 13 ? 3.69829   -4.24952  9.69920   1.000 63.09000 ? 68  GLY O C   1 
ATOM   99  O  O   . GLY A 1 13 ? 2.51382   -4.48352  9.44370   1.000 63.09000 ? 68  GLY O O   1 
ATOM   100 N  N   . PHE A 1 14 ? 4.08989   -3.14977  10.35198  1.000 61.13000 ? 69  PHE O N   1 
ATOM   101 C  CA  . PHE A 1 14 ? 3.11069   -2.13344  10.72586  1.000 61.13000 ? 69  PHE O CA  1 
ATOM   102 C  C   . PHE A 1 14 ? 2.64446   -1.34095  9.51345   1.000 61.13000 ? 69  PHE O C   1 
ATOM   103 O  O   . PHE A 1 14 ? 1.50459   -0.86466  9.48540   1.000 61.13000 ? 69  PHE O O   1 
ATOM   104 C  CB  . PHE A 1 14 ? 3.68375   -1.20083  11.79117  1.000 61.13000 ? 69  PHE O CB  1 
ATOM   105 C  CG  . PHE A 1 14 ? 3.68810   -1.79468  13.17081  1.000 61.13000 ? 69  PHE O CG  1 
ATOM   106 C  CD1 . PHE A 1 14 ? 2.51978   -2.29782  13.72485  1.000 61.13000 ? 69  PHE O CD1 1 
ATOM   107 C  CD2 . PHE A 1 14 ? 4.86004   -1.86008  13.90881  1.000 61.13000 ? 69  PHE O CD2 1 
ATOM   108 C  CE1 . PHE A 1 14 ? 2.51806   -2.84806  14.99761  1.000 61.13000 ? 69  PHE O CE1 1 
ATOM   109 C  CE2 . PHE A 1 14 ? 4.86776   -2.40734  15.18128  1.000 61.13000 ? 69  PHE O CE2 1 
ATOM   110 C  CZ  . PHE A 1 14 ? 3.69486   -2.90302  15.72559  1.000 61.13000 ? 69  PHE O CZ  1 
ATOM   111 N  N   . GLY A 1 15 ? 3.50842   -1.17883  8.51012   1.000 60.30000 ? 70  GLY O N   1 
ATOM   112 C  CA  . GLY A 1 15 ? 3.06347   -0.61328  7.25111   1.000 60.30000 ? 70  GLY O CA  1 
ATOM   113 C  C   . GLY A 1 15 ? 2.21804   -1.56830  6.43831   1.000 60.30000 ? 70  GLY O C   1 
ATOM   114 O  O   . GLY A 1 15 ? 1.44820   -1.12324  5.58057   1.000 60.30000 ? 70  GLY O O   1 
ATOM   115 N  N   . LEU A 1 16 ? 2.35865   -2.87545  6.68028   1.000 63.16000 ? 71  LEU O N   1 
ATOM   116 C  CA  . LEU A 1 16 ? 1.46621   -3.85056  6.06641   1.000 63.16000 ? 71  LEU O CA  1 
ATOM   117 C  C   . LEU A 1 16 ? 0.05777   -3.71476  6.63041   1.000 63.16000 ? 71  LEU O C   1 
ATOM   118 O  O   . LEU A 1 16 ? -0.90828  -3.58606  5.87684   1.000 63.16000 ? 71  LEU O O   1 
ATOM   119 C  CB  . LEU A 1 16 ? 2.00847   -5.26934  6.26360   1.000 63.16000 ? 71  LEU O CB  1 
ATOM   120 C  CG  . LEU A 1 16 ? 1.33948   -6.45828  5.56040   1.000 63.16000 ? 71  LEU O CG  1 
ATOM   121 C  CD1 . LEU A 1 16 ? 2.40525   -7.42493  5.07640   1.000 63.16000 ? 71  LEU O CD1 1 
ATOM   122 C  CD2 . LEU A 1 16 ? 0.36480   -7.20015  6.47050   1.000 63.16000 ? 71  LEU O CD2 1 
ATOM   123 N  N   . ILE A 1 17 ? -0.07459  -3.65318  7.95954   1.000 61.69000 ? 72  ILE O N   1 
ATOM   124 C  CA  . ILE A 1 17 ? -1.39625  -3.41311  8.53731   1.000 61.69000 ? 72  ILE O CA  1 
ATOM   125 C  C   . ILE A 1 17 ? -1.78731  -1.94736  8.47197   1.000 61.69000 ? 72  ILE O C   1 
ATOM   126 O  O   . ILE A 1 17 ? -2.93023  -1.60705  8.79468   1.000 61.69000 ? 72  ILE O O   1 
ATOM   127 C  CB  . ILE A 1 17 ? -1.49875  -3.88593  9.99857   1.000 61.69000 ? 72  ILE O CB  1 
ATOM   128 C  CG1 . ILE A 1 17 ? -0.52326  -3.11981  10.89042  1.000 61.69000 ? 72  ILE O CG1 1 
ATOM   129 C  CG2 . ILE A 1 17 ? -1.24446  -5.37854  10.09217  1.000 61.69000 ? 72  ILE O CG2 1 
ATOM   130 C  CD1 . ILE A 1 17 ? -0.72982  -3.36648  12.37113  1.000 61.69000 ? 72  ILE O CD1 1 
ATOM   131 N  N   . GLY A 1 18 ? -0.86306  -1.07115  8.08415   1.000 59.74000 ? 73  GLY O N   1 
ATOM   132 C  CA  . GLY A 1 18 ? -1.18426  0.30312   7.77167   1.000 59.74000 ? 73  GLY O CA  1 
ATOM   133 C  C   . GLY A 1 18 ? -1.82284  0.51025   6.41555   1.000 59.74000 ? 73  GLY O C   1 
ATOM   134 O  O   . GLY A 1 18 ? -2.26591  1.62493   6.12299   1.000 59.74000 ? 73  GLY O O   1 
ATOM   135 N  N   . TRP A 1 19 ? -1.86243  -0.52349  5.56524   1.000 58.98000 ? 74  TRP O N   1 
ATOM   136 C  CA  . TRP A 1 19 ? -2.64121  -0.45773  4.33337   1.000 58.98000 ? 74  TRP O CA  1 
ATOM   137 C  C   . TRP A 1 19 ? -3.49708  -1.70689  4.11470   1.000 58.98000 ? 74  TRP O C   1 
ATOM   138 O  O   . TRP A 1 19 ? -3.82097  -2.05492  2.97732   1.000 58.98000 ? 74  TRP O O   1 
ATOM   139 C  CB  . TRP A 1 19 ? -1.72855  -0.20180  3.13188   1.000 58.98000 ? 74  TRP O CB  1 
ATOM   140 C  CG  . TRP A 1 19 ? -2.39513  0.54737   2.00813   1.000 58.98000 ? 74  TRP O CG  1 
ATOM   141 C  CD1 . TRP A 1 19 ? -2.59977  0.09025   0.74133   1.000 58.98000 ? 74  TRP O CD1 1 
ATOM   142 C  CD2 . TRP A 1 19 ? -2.94482  1.87579   2.04796   1.000 58.98000 ? 74  TRP O CD2 1 
ATOM   143 N  NE1 . TRP A 1 19 ? -3.23857  1.04292   -0.00902  1.000 58.98000 ? 74  TRP O NE1 1 
ATOM   144 C  CE2 . TRP A 1 19 ? -3.46429  2.14657   0.76765   1.000 58.98000 ? 74  TRP O CE2 1 
ATOM   145 C  CE3 . TRP A 1 19 ? -3.04622  2.85958   3.03763   1.000 58.98000 ? 74  TRP O CE3 1 
ATOM   146 C  CZ2 . TRP A 1 19 ? -4.08153  3.35262   0.45130   1.000 58.98000 ? 74  TRP O CZ2 1 
ATOM   147 C  CZ3 . TRP A 1 19 ? -3.65688  4.05852   2.72095   1.000 58.98000 ? 74  TRP O CZ3 1 
ATOM   148 C  CH2 . TRP A 1 19 ? -4.16255  4.29679   1.43742   1.000 58.98000 ? 74  TRP O CH2 1 
ATOM   149 N  N   . LEU A 1 20 ? -3.86530  -2.39265  5.19006   1.000 60.33000 ? 75  LEU O N   1 
ATOM   150 C  CA  . LEU A 1 20 ? -4.96531  -3.35412  5.19881   1.000 60.33000 ? 75  LEU O CA  1 
ATOM   151 C  C   . LEU A 1 20 ? -6.03094  -3.03412  6.23358   1.000 60.33000 ? 75  LEU O C   1 
ATOM   152 O  O   . LEU A 1 20 ? -7.22009  -3.14436  5.92959   1.000 60.33000 ? 75  LEU O O   1 
ATOM   153 C  CB  . LEU A 1 20 ? -4.47165  -4.80654  5.39618   1.000 60.33000 ? 75  LEU O CB  1 
ATOM   154 C  CG  . LEU A 1 20 ? -3.83951  -5.67720  4.28849   1.000 60.33000 ? 75  LEU O CG  1 
ATOM   155 C  CD1 . LEU A 1 20 ? -4.88240  -5.92874  3.21608   1.000 60.33000 ? 75  LEU O CD1 1 
ATOM   156 C  CD2 . LEU A 1 20 ? -2.60111  -5.13842  3.60959   1.000 60.33000 ? 75  LEU O CD2 1 
ATOM   157 N  N   . ALA A 1 21 ? -5.64488  -2.65920  7.46001   1.000 60.75000 ? 76  ALA O N   1 
ATOM   158 C  CA  . ALA A 1 21 ? -6.65151  -2.24063  8.43796   1.000 60.75000 ? 76  ALA O CA  1 
ATOM   159 C  C   . ALA A 1 21 ? -7.34206  -0.91370  8.09661   1.000 60.75000 ? 76  ALA O C   1 
ATOM   160 O  O   . ALA A 1 21 ? -8.58202  -0.87063  8.17843   1.000 60.75000 ? 76  ALA O O   1 
ATOM   161 C  CB  . ALA A 1 21 ? -6.04979  -2.25232  9.85092   1.000 60.75000 ? 76  ALA O CB  1 
ATOM   162 N  N   . PRO A 1 22 ? -6.66400  0.18090   7.72799   1.000 61.34000 ? 77  PRO O N   1 
ATOM   163 C  CA  . PRO A 1 22 ? -7.43205  1.36231   7.30740   1.000 61.34000 ? 77  PRO O CA  1 
ATOM   164 C  C   . PRO A 1 22 ? -7.66147  1.47332   5.80697   1.000 61.34000 ? 77  PRO O C   1 
ATOM   165 O  O   . PRO A 1 22 ? -8.02466  2.55715   5.34273   1.000 61.34000 ? 77  PRO O O   1 
ATOM   166 C  CB  . PRO A 1 22 ? -6.55470  2.51903   7.79510   1.000 61.34000 ? 77  PRO O CB  1 
ATOM   167 C  CG  . PRO A 1 22 ? -5.21005  2.04197   7.58131   1.000 61.34000 ? 77  PRO O CG  1 
ATOM   168 C  CD  . PRO A 1 22 ? -5.22437  0.54209   7.74276   1.000 61.34000 ? 77  PRO O CD  1 
ATOM   169 N  N   . SER A 1 23 ? -7.43487  0.40764   5.04252   1.000 55.83000 ? 78  SER O N   1 
ATOM   170 C  CA  . SER A 1 23 ? -7.61804  0.44526   3.60262   1.000 55.83000 ? 78  SER O CA  1 
ATOM   171 C  C   . SER A 1 23 ? -8.60712  -0.58348  3.07571   1.000 55.83000 ? 78  SER O C   1 
ATOM   172 O  O   . SER A 1 23 ? -9.00434  -0.48469  1.91071   1.000 55.83000 ? 78  SER O O   1 
ATOM   173 C  CB  . SER A 1 23 ? -6.27304  0.26146   2.88535   1.000 55.83000 ? 78  SER O CB  1 
ATOM   174 O  OG  . SER A 1 23 ? -6.39599  0.53947   1.50236   1.000 55.83000 ? 78  SER O OG  1 
ATOM   175 N  N   . SER A 1 24 ? -9.00676  -1.56878  3.88092   1.000 54.41000 ? 79  SER O N   1 
ATOM   176 C  CA  . SER A 1 24 ? -10.02756 -2.53195  3.48653   1.000 54.41000 ? 79  SER O CA  1 
ATOM   177 C  C   . SER A 1 24 ? -11.35037 -2.27852  4.19777   1.000 54.41000 ? 79  SER O C   1 
ATOM   178 O  O   . SER A 1 24 ? -12.13449 -3.20632  4.41172   1.000 54.41000 ? 79  SER O O   1 
ATOM   179 C  CB  . SER A 1 24 ? -9.55851  -3.96022  3.75050   1.000 54.41000 ? 79  SER O CB  1 
ATOM   180 O  OG  . SER A 1 24 ? -9.36436  -4.17995  5.13620   1.000 54.41000 ? 79  SER O OG  1 
ATOM   181 N  N   . LEU A 1 25 ? -11.59880 -1.03393  4.59300   1.000 55.03000 ? 80  LEU O N   1 
ATOM   182 C  CA  . LEU A 1 25 ? -12.93644 -0.78716  5.11153   1.000 55.03000 ? 80  LEU O CA  1 
ATOM   183 C  C   . LEU A 1 25 ? -13.86452 -0.34691  3.97986   1.000 55.03000 ? 80  LEU O C   1 
ATOM   184 O  O   . LEU A 1 25 ? -13.45292 0.42097   3.10260   1.000 55.03000 ? 80  LEU O O   1 
ATOM   185 C  CB  . LEU A 1 25 ? -12.91485 0.26723   6.22503   1.000 55.03000 ? 80  LEU O CB  1 
ATOM   186 C  CG  . LEU A 1 25 ? -12.74647 1.77842   6.01724   1.000 55.03000 ? 80  LEU O CG  1 
ATOM   187 C  CD1 . LEU A 1 25 ? -13.17067 2.52091   7.27432   1.000 55.03000 ? 80  LEU O CD1 1 
ATOM   188 C  CD2 . LEU A 1 25 ? -11.32673 2.15960   5.64173   1.000 55.03000 ? 80  LEU O CD2 1 
ATOM   189 N  N   . PRO A 1 26 ? -15.08447 -0.88213  3.92367   1.000 57.06000 ? 81  PRO O N   1 
ATOM   190 C  CA  . PRO A 1 26 ? -16.06146 -0.37389  2.95421   1.000 57.06000 ? 81  PRO O CA  1 
ATOM   191 C  C   . PRO A 1 26 ? -16.48544 1.04453   3.29981   1.000 57.06000 ? 81  PRO O C   1 
ATOM   192 O  O   . PRO A 1 26 ? -16.63248 1.40219   4.47129   1.000 57.06000 ? 81  PRO O O   1 
ATOM   193 C  CB  . PRO A 1 26 ? -17.23226 -1.35454  3.08257   1.000 57.06000 ? 81  PRO O CB  1 
ATOM   194 C  CG  . PRO A 1 26 ? -16.61259 -2.60513  3.60532   1.000 57.06000 ? 81  PRO O CG  1 
ATOM   195 C  CD  . PRO A 1 26 ? -15.52862 -2.14489  4.53703   1.000 57.06000 ? 81  PRO O CD  1 
ATOM   196 N  N   . VAL A 1 27 ? -16.67993 1.85456   2.26391   1.000 63.20000 ? 82  VAL O N   1 
ATOM   197 C  CA  . VAL A 1 27 ? -17.10977 3.23832   2.41984   1.000 63.20000 ? 82  VAL O CA  1 
ATOM   198 C  C   . VAL A 1 27 ? -18.38827 3.45068   1.62090   1.000 63.20000 ? 82  VAL O C   1 
ATOM   199 O  O   . VAL A 1 27 ? -18.67715 2.72977   0.65935   1.000 63.20000 ? 82  VAL O O   1 
ATOM   200 C  CB  . VAL A 1 27 ? -16.01810 4.24886   1.99066   1.000 63.20000 ? 82  VAL O CB  1 
ATOM   201 C  CG1 . VAL A 1 27 ? -14.77550 4.10961   2.85859   1.000 63.20000 ? 82  VAL O CG1 1 
ATOM   202 C  CG2 . VAL A 1 27 ? -15.65372 4.06304   0.52380   1.000 63.20000 ? 82  VAL O CG2 1 
ATOM   203 N  N   . ILE A 1 28 ? -19.17267 4.43881   2.04975   1.000 65.15000 ? 83  ILE O N   1 
ATOM   204 C  CA  . ILE A 1 28 ? -20.39079 4.79280   1.33257   1.000 65.15000 ? 83  ILE O CA  1 
ATOM   205 C  C   . ILE A 1 28 ? -20.07401 5.78252   0.21216   1.000 65.15000 ? 83  ILE O C   1 
ATOM   206 O  O   . ILE A 1 28 ? -20.87259 5.93546   -0.72434  1.000 65.15000 ? 83  ILE O O   1 
ATOM   207 C  CB  . ILE A 1 28 ? -21.42965 5.32987   2.34345   1.000 65.15000 ? 83  ILE O CB  1 
ATOM   208 C  CG1 . ILE A 1 28 ? -22.84368 5.41534   1.75285   1.000 65.15000 ? 83  ILE O CG1 1 
ATOM   209 C  CG2 . ILE A 1 28 ? -21.00073 6.68368   2.89895   1.000 65.15000 ? 83  ILE O CG2 1 
ATOM   210 C  CD1 . ILE A 1 28 ? -23.44439 4.06947   1.41139   1.000 65.15000 ? 83  ILE O CD1 1 
ATOM   211 N  N   . ASN A 1 29 ? -18.89428 6.40373   0.24302   1.000 63.36000 ? 84  ASN O N   1 
ATOM   212 C  CA  . ASN A 1 29 ? -18.49158 7.38179   -0.76159  1.000 63.36000 ? 84  ASN O CA  1 
ATOM   213 C  C   . ASN A 1 29 ? -18.11877 6.64681   -2.04354  1.000 63.36000 ? 84  ASN O C   1 
ATOM   214 O  O   . ASN A 1 29 ? -17.14009 5.89323   -2.07456  1.000 63.36000 ? 84  ASN O O   1 
ATOM   215 C  CB  . ASN A 1 29 ? -17.32626 8.22186   -0.24796  1.000 63.36000 ? 84  ASN O CB  1 
ATOM   216 C  CG  . ASN A 1 29 ? -17.66818 8.97807   1.01999   1.000 63.36000 ? 84  ASN O CG  1 
ATOM   217 O  OD1 . ASN A 1 29 ? -17.24005 8.60737   2.11329   1.000 63.36000 ? 84  ASN O OD1 1 
ATOM   218 N  ND2 . ASN A 1 29 ? -18.44373 10.04557  0.87992   1.000 63.36000 ? 84  ASN O ND2 1 
ATOM   219 N  N   . GLY A 1 30 ? -18.89615 6.86362   -3.10078  1.000 66.99000 ? 85  GLY O N   1 
ATOM   220 C  CA  . GLY A 1 30 ? -18.66436 6.21298   -4.37085  1.000 66.99000 ? 85  GLY O CA  1 
ATOM   221 C  C   . GLY A 1 30 ? -19.23415 4.81817   -4.49349  1.000 66.99000 ? 85  GLY O C   1 
ATOM   222 O  O   . GLY A 1 30 ? -19.01741 4.18047   -5.53440  1.000 66.99000 ? 85  GLY O O   1 
ATOM   223 N  N   . ASN A 1 31 ? -19.95878 4.34229   -3.46600  1.000 67.86000 ? 86  ASN O N   1 
ATOM   224 C  CA  . ASN A 1 31 ? -20.54532 2.99464   -3.38265  1.000 67.86000 ? 86  ASN O CA  1 
ATOM   225 C  C   . ASN A 1 31 ? -19.50244 1.89354   -3.57439  1.000 67.86000 ? 86  ASN O C   1 
ATOM   226 O  O   . ASN A 1 31 ? -19.73064 0.91632   -4.28916  1.000 67.86000 ? 86  ASN O O   1 
ATOM   227 C  CB  . ASN A 1 31 ? -21.70999 2.82463   -4.36553  1.000 67.86000 ? 86  ASN O CB  1 
ATOM   228 C  CG  . ASN A 1 31 ? -22.90338 3.68881   -4.00826  1.000 67.86000 ? 86  ASN O CG  1 
ATOM   229 O  OD1 . ASN A 1 31 ? -22.75044 4.81250   -3.52872  1.000 67.86000 ? 86  ASN O OD1 1 
ATOM   230 N  ND2 . ASN A 1 31 ? -24.10188 3.16787   -4.24121  1.000 67.86000 ? 86  ASN O ND2 1 
ATOM   231 N  N   . SER A 1 32 ? -18.34362 2.06167   -2.94089  1.000 68.30000 ? 87  SER O N   1 
ATOM   232 C  CA  . SER A 1 32 ? -17.29694 1.05191   -3.01383  1.000 68.30000 ? 87  SER O CA  1 
ATOM   233 C  C   . SER A 1 32 ? -17.67156 -0.17151  -2.18574  1.000 68.30000 ? 87  SER O C   1 
ATOM   234 O  O   . SER A 1 32 ? -18.19278 -0.05424  -1.07369  1.000 68.30000 ? 87  SER O O   1 
ATOM   235 C  CB  . SER A 1 32 ? -15.96734 1.62625   -2.52328  1.000 68.30000 ? 87  SER O CB  1 
ATOM   236 O  OG  . SER A 1 32 ? -15.62575 2.80666   -3.22800  1.000 68.30000 ? 87  SER O OG  1 
ATOM   237 N  N   . LEU A 1 33 ? -17.41761 -1.35533  -2.74948  1.000 64.61000 ? 88  LEU O N   1 
ATOM   238 C  CA  . LEU A 1 33 ? -17.65182 -2.59362  -2.01418  1.000 64.61000 ? 88  LEU O CA  1 
ATOM   239 C  C   . LEU A 1 33 ? -16.61600 -2.76572  -0.90835  1.000 64.61000 ? 88  LEU O C   1 
ATOM   240 O  O   . LEU A 1 33 ? -16.96142 -3.06515  0.24003   1.000 64.61000 ? 88  LEU O O   1 
ATOM   241 C  CB  . LEU A 1 33 ? -17.65236 -3.77871  -2.99021  1.000 64.61000 ? 88  LEU O CB  1 
ATOM   242 C  CG  . LEU A 1 33 ? -18.06314 -5.21224  -2.61120  1.000 64.61000 ? 88  LEU O CG  1 
ATOM   243 C  CD1 . LEU A 1 33 ? -18.63476 -5.89839  -3.83760  1.000 64.61000 ? 88  LEU O CD1 1 
ATOM   244 C  CD2 . LEU A 1 33 ? -16.91172 -6.05460  -2.08018  1.000 64.61000 ? 88  LEU O CD2 1 
ATOM   245 N  N   . THR A 1 34 ? -15.33761 -2.58440  -1.24130  1.000 64.49000 ? 89  THR O N   1 
ATOM   246 C  CA  . THR A 1 34 ? -14.24416 -2.56526  -0.27634  1.000 64.49000 ? 89  THR O CA  1 
ATOM   247 C  C   . THR A 1 34 ? -13.18204 -1.64326  -0.86991  1.000 64.49000 ? 89  THR O C   1 
ATOM   248 O  O   . THR A 1 34 ? -13.15169 -1.41891  -2.08025  1.000 64.49000 ? 89  THR O O   1 
ATOM   249 C  CB  . THR A 1 34 ? -13.68191 -3.98663  -0.00971  1.000 64.49000 ? 89  THR O CB  1 
ATOM   250 O  OG1 . THR A 1 34 ? -14.75024 -4.92003  0.18818   1.000 64.49000 ? 89  THR O OG1 1 
ATOM   251 C  CG2 . THR A 1 34 ? -12.83269 -4.05023  1.26213   1.000 64.49000 ? 89  THR O CG2 1 
ATOM   252 N  N   . GLY A 1 35 ? -12.32766 -1.07721  -0.01482  1.000 57.51000 ? 90  GLY O N   1 
ATOM   253 C  CA  . GLY A 1 35 ? -11.30396 -0.16935  -0.49696  1.000 57.51000 ? 90  GLY O CA  1 
ATOM   254 C  C   . GLY A 1 35 ? -10.19430 -0.81968  -1.30216  1.000 57.51000 ? 90  GLY O C   1 
ATOM   255 O  O   . GLY A 1 35 ? -9.52396  -0.12439  -2.07233  1.000 57.51000 ? 90  GLY O O   1 
ATOM   256 N  N   . LEU A 1 36 ? -9.97593  -2.12999  -1.14660  1.000 61.00000 ? 91  LEU O N   1 
ATOM   257 C  CA  . LEU A 1 36 ? -8.81525  -2.75968  -1.77158  1.000 61.00000 ? 91  LEU O CA  1 
ATOM   258 C  C   . LEU A 1 36 ? -9.07445  -4.07406  -2.50456  1.000 61.00000 ? 91  LEU O C   1 
ATOM   259 O  O   . LEU A 1 36 ? -8.21392  -4.46801  -3.29791  1.000 61.00000 ? 91  LEU O O   1 
ATOM   260 C  CB  . LEU A 1 36 ? -7.67482  -2.94558  -0.75392  1.000 61.00000 ? 91  LEU O CB  1 
ATOM   261 C  CG  . LEU A 1 36 ? -7.66482  -3.76387  0.53565   1.000 61.00000 ? 91  LEU O CG  1 
ATOM   262 C  CD1 . LEU A 1 36 ? -7.34288  -5.22962  0.31687   1.000 61.00000 ? 91  LEU O CD1 1 
ATOM   263 C  CD2 . LEU A 1 36 ? -6.66436  -3.14674  1.47621   1.000 61.00000 ? 91  LEU O CD2 1 
ATOM   264 N  N   . PHE A 1 37 ? -10.17874 -4.79323  -2.25488  1.000 63.79000 ? 92  PHE O N   1 
ATOM   265 C  CA  . PHE A 1 37 ? -10.44625 -5.92647  -3.14268  1.000 63.79000 ? 92  PHE O CA  1 
ATOM   266 C  C   . PHE A 1 37 ? -10.98949 -5.49559  -4.50005  1.000 63.79000 ? 92  PHE O C   1 
ATOM   267 O  O   . PHE A 1 37 ? -10.92566 -6.28370  -5.44974  1.000 63.79000 ? 92  PHE O O   1 
ATOM   268 C  CB  . PHE A 1 37 ? -11.42685 -6.95191  -2.54219  1.000 63.79000 ? 92  PHE O CB  1 
ATOM   269 C  CG  . PHE A 1 37 ? -11.22568 -7.25827  -1.07787  1.000 63.79000 ? 92  PHE O CG  1 
ATOM   270 C  CD1 . PHE A 1 37 ? -9.96633  -7.55020  -0.57030  1.000 63.79000 ? 92  PHE O CD1 1 
ATOM   271 C  CD2 . PHE A 1 37 ? -12.31772 -7.33419  -0.22532  1.000 63.79000 ? 92  PHE O CD2 1 
ATOM   272 C  CE1 . PHE A 1 37 ? -9.79534  -7.85724  0.77463   1.000 63.79000 ? 92  PHE O CE1 1 
ATOM   273 C  CE2 . PHE A 1 37 ? -12.15431 -7.63771  1.11950   1.000 63.79000 ? 92  PHE O CE2 1 
ATOM   274 C  CZ  . PHE A 1 37 ? -10.89162 -7.90005  1.61691   1.000 63.79000 ? 92  PHE O CZ  1 
ATOM   275 N  N   . LEU A 1 38 ? -11.51729 -4.27599  -4.62197  1.000 61.48000 ? 93  LEU O N   1 
ATOM   276 C  CA  . LEU A 1 38 ? -11.67793 -3.69154  -5.94958  1.000 61.48000 ? 93  LEU O CA  1 
ATOM   277 C  C   . LEU A 1 38 ? -10.33158 -3.28404  -6.53098  1.000 61.48000 ? 93  LEU O C   1 
ATOM   278 O  O   . LEU A 1 38 ? -10.15761 -3.28702  -7.75457  1.000 61.48000 ? 93  LEU O O   1 
ATOM   279 C  CB  . LEU A 1 38 ? -12.64385 -2.50477  -5.91836  1.000 61.48000 ? 93  LEU O CB  1 
ATOM   280 C  CG  . LEU A 1 38 ? -13.91175 -2.58518  -5.06362  1.000 61.48000 ? 93  LEU O CG  1 
ATOM   281 C  CD1 . LEU A 1 38 ? -14.72829 -1.31589  -5.21697  1.000 61.48000 ? 93  LEU O CD1 1 
ATOM   282 C  CD2 . LEU A 1 38 ? -14.76093 -3.78638  -5.45149  1.000 61.48000 ? 93  LEU O CD2 1 
ATOM   283 N  N   . GLY A 1 39 ? -9.37227  -2.93047  -5.67129  1.000 58.73000 ? 94  GLY O N   1 
ATOM   284 C  CA  . GLY A 1 39 ? -7.99490  -2.77877  -6.10354  1.000 58.73000 ? 94  GLY O CA  1 
ATOM   285 C  C   . GLY A 1 39 ? -7.23925  -4.07287  -6.29216  1.000 58.73000 ? 94  GLY O C   1 
ATOM   286 O  O   . GLY A 1 39 ? -6.23058  -4.08851  -7.00440  1.000 58.73000 ? 94  GLY O O   1 
ATOM   287 N  N   . SER A 1 40 ? -7.69435  -5.15820  -5.67025  1.000 59.19000 ? 95  SER O N   1 
ATOM   288 C  CA  . SER A 1 40 ? -7.13620  -6.47793  -5.91761  1.000 59.19000 ? 95  SER O CA  1 
ATOM   289 C  C   . SER A 1 40 ? -7.93482  -7.25187  -6.95605  1.000 59.19000 ? 95  SER O C   1 
ATOM   290 O  O   . SER A 1 40 ? -7.63960  -8.42521  -7.20405  1.000 59.19000 ? 95  SER O O   1 
ATOM   291 C  CB  . SER A 1 40 ? -7.05583  -7.27458  -4.61341  1.000 59.19000 ? 95  SER O CB  1 
ATOM   292 O  OG  . SER A 1 40 ? -6.30871  -8.46496  -4.78755  1.000 59.19000 ? 95  SER O OG  1 
ATOM   293 N  N   . ILE A 1 41 ? -8.94348  -6.62023  -7.56576  1.000 59.81000 ? 96  ILE O N   1 
ATOM   294 C  CA  . ILE A 1 41 ? -9.69206  -7.25137  -8.65244  1.000 59.81000 ? 96  ILE O CA  1 
ATOM   295 C  C   . ILE A 1 41 ? -8.93135  -7.26750  -9.96733  1.000 59.81000 ? 96  ILE O C   1 
ATOM   296 O  O   . ILE A 1 41 ? -9.34102  -7.97590  -10.89578 1.000 59.81000 ? 96  ILE O O   1 
ATOM   297 C  CB  . ILE A 1 41 ? -11.04464 -6.54632  -8.86873  1.000 59.81000 ? 96  ILE O CB  1 
ATOM   298 N  N   . GLY A 1 42 ? -7.85473  -6.49015  -10.08115 1.000 56.92000 ? 97  GLY O N   1 
ATOM   299 C  CA  . GLY A 1 42 ? -6.96905  -6.53689  -11.22388 1.000 56.92000 ? 97  GLY O CA  1 
ATOM   300 C  C   . GLY A 1 42 ? -6.28554  -7.87486  -11.45463 1.000 56.92000 ? 97  GLY O C   1 
ATOM   301 O  O   . GLY A 1 42 ? -6.27854  -8.39164  -12.57683 1.000 56.92000 ? 97  GLY O O   1 
ATOM   302 N  N   . PRO A 1 43 ? -5.67455  -8.45624  -10.41207 1.000 58.94000 ? 98  PRO O N   1 
ATOM   303 C  CA  . PRO A 1 43 ? -5.28482  -9.87497  -10.50085 1.000 58.94000 ? 98  PRO O CA  1 
ATOM   304 C  C   . PRO A 1 43 ? -6.45414  -10.83491 -10.66317 1.000 58.94000 ? 98  PRO O C   1 
ATOM   305 O  O   . PRO A 1 43 ? -6.27048  -11.93059 -11.20641 1.000 58.94000 ? 98  PRO O O   1 
ATOM   306 C  CB  . PRO A 1 43 ? -4.53837  -10.11118 -9.18209  1.000 58.94000 ? 98  PRO O CB  1 
ATOM   307 C  CG  . PRO A 1 43 ? -3.93490  -8.80189  -8.87807  1.000 58.94000 ? 98  PRO O CG  1 
ATOM   308 C  CD  . PRO A 1 43 ? -4.91657  -7.76500  -9.34815  1.000 58.94000 ? 98  PRO O CD  1 
ATOM   309 N  N   . GLU A 1 44 ? -7.64830  -10.47011 -10.19463 1.000 57.54000 ? 99  GLU O N   1 
ATOM   310 C  CA  . GLU A 1 44 ? -8.80182  -11.34873 -10.34743 1.000 57.54000 ? 99  GLU O CA  1 
ATOM   311 C  C   . GLU A 1 44 ? -9.36598  -11.32663 -11.76237 1.000 57.54000 ? 99  GLU O C   1 
ATOM   312 O  O   . GLU A 1 44 ? -9.92636  -12.33259 -12.21163 1.000 57.54000 ? 99  GLU O O   1 
ATOM   313 C  CB  . GLU A 1 44 ? -9.89284  -10.96524 -9.34575  1.000 57.54000 ? 99  GLU O CB  1 
ATOM   314 N  N   . LEU A 1 45 ? -9.23400  -10.20983 -12.47817 1.000 62.24000 ? 100 LEU O N   1 
ATOM   315 C  CA  . LEU A 1 45 ? -9.86302  -10.06690 -13.78606 1.000 62.24000 ? 100 LEU O CA  1 
ATOM   316 C  C   . LEU A 1 45 ? -8.86915  -9.86362  -14.91802 1.000 62.24000 ? 100 LEU O C   1 
ATOM   317 O  O   . LEU A 1 45 ? -8.95555  -10.55733 -15.93849 1.000 62.24000 ? 100 LEU O O   1 
ATOM   318 C  CB  . LEU A 1 45 ? -10.86160 -8.89796  -13.75602 1.000 62.24000 ? 100 LEU O CB  1 
ATOM   319 C  CG  . LEU A 1 45 ? -11.66246 -8.64490  -15.03441 1.000 62.24000 ? 100 LEU O CG  1 
ATOM   320 C  CD1 . LEU A 1 45 ? -12.54485 -9.83822  -15.36782 1.000 62.24000 ? 100 LEU O CD1 1 
ATOM   321 C  CD2 . LEU A 1 45 ? -12.49660 -7.38166  -14.89792 1.000 62.24000 ? 100 LEU O CD2 1 
ATOM   322 N  N   . ALA A 1 46 ? -7.92178  -8.93992  -14.77549 1.000 63.29000 ? 101 ALA O N   1 
ATOM   323 C  CA  . ALA A 1 46 ? -7.04920  -8.55546  -15.87776 1.000 63.29000 ? 101 ALA O CA  1 
ATOM   324 C  C   . ALA A 1 46 ? -5.81019  -9.43580  -16.00457 1.000 63.29000 ? 101 ALA O C   1 
ATOM   325 O  O   . ALA A 1 46 ? -4.94951  -9.15456  -16.84496 1.000 63.29000 ? 101 ALA O O   1 
ATOM   326 C  CB  . ALA A 1 46 ? -6.62923  -7.09161  -15.72540 1.000 63.29000 ? 101 ALA O CB  1 
ATOM   327 N  N   . HIS A 1 47 ? -5.69868  -10.48256 -15.19461 1.000 63.72000 ? 102 HIS O N   1 
ATOM   328 C  CA  . HIS A 1 47 ? -4.56995  -11.40471 -15.26218 1.000 63.72000 ? 102 HIS O CA  1 
ATOM   329 C  C   . HIS A 1 47 ? -4.70746  -12.31973 -16.47320 1.000 63.72000 ? 102 HIS O C   1 
ATOM   330 O  O   . HIS A 1 47 ? -5.63345  -13.13479 -16.53853 1.000 63.72000 ? 102 HIS O O   1 
ATOM   331 C  CB  . HIS A 1 47 ? -4.48312  -12.21890 -13.97610 1.000 63.72000 ? 102 HIS O CB  1 
ATOM   332 C  CG  . HIS A 1 47 ? -3.10509  -12.71039 -13.66308 1.000 63.72000 ? 102 HIS O CG  1 
ATOM   333 N  ND1 . HIS A 1 47 ? -2.51142  -12.52223 -12.43392 1.000 63.72000 ? 102 HIS O ND1 1 
ATOM   334 C  CD2 . HIS A 1 47 ? -2.20378  -13.38150 -14.41680 1.000 63.72000 ? 102 HIS O CD2 1 
ATOM   335 C  CE1 . HIS A 1 47 ? -1.30357  -13.05676 -12.44484 1.000 63.72000 ? 102 HIS O CE1 1 
ATOM   336 N  NE2 . HIS A 1 47 ? -1.09265  -13.58437 -13.63602 1.000 63.72000 ? 102 HIS O NE2 1 
ATOM   337 N  N   . PHE A 1 48 ? -3.79558  -12.19617 -17.43350 1.000 67.57000 ? 103 PHE O N   1 
ATOM   338 C  CA  . PHE A 1 48 ? -3.87250  -13.00812 -18.63654 1.000 67.57000 ? 103 PHE O CA  1 
ATOM   339 C  C   . PHE A 1 48 ? -2.52435  -13.66829 -18.88306 1.000 67.57000 ? 103 PHE O C   1 
ATOM   340 O  O   . PHE A 1 48 ? -1.48124  -13.09101 -18.55861 1.000 67.57000 ? 103 PHE O O   1 
ATOM   341 C  CB  . PHE A 1 48 ? -4.24119  -12.15298 -19.85815 1.000 67.57000 ? 103 PHE O CB  1 
ATOM   342 C  CG  . PHE A 1 48 ? -5.59860  -11.51616 -19.77550 1.000 67.57000 ? 103 PHE O CG  1 
ATOM   343 C  CD1 . PHE A 1 48 ? -6.72210  -12.27162 -19.47096 1.000 67.57000 ? 103 PHE O CD1 1 
ATOM   344 C  CD2 . PHE A 1 48 ? -5.74821  -10.15419 -20.00157 1.000 67.57000 ? 103 PHE O CD2 1 
ATOM   345 C  CE1 . PHE A 1 48 ? -7.97228  -11.67801 -19.39659 1.000 67.57000 ? 103 PHE O CE1 1 
ATOM   346 C  CE2 . PHE A 1 48 ? -6.99186  -9.55538  -19.92990 1.000 67.57000 ? 103 PHE O CE2 1 
ATOM   347 C  CZ  . PHE A 1 48 ? -8.10531  -10.31763 -19.62706 1.000 67.57000 ? 103 PHE O CZ  1 
ATOM   348 N  N   . PRO A 1 49 ? -2.51009  -14.88415 -19.45297 1.000 70.56000 ? 104 PRO O N   1 
ATOM   349 C  CA  . PRO A 1 49 ? -1.22655  -15.48988 -19.84251 1.000 70.56000 ? 104 PRO O CA  1 
ATOM   350 C  C   . PRO A 1 49 ? -0.61613  -14.81679 -21.06191 1.000 70.56000 ? 104 PRO O C   1 
ATOM   351 O  O   . PRO A 1 49 ? -1.15343  -14.95312 -22.16539 1.000 70.56000 ? 104 PRO O O   1 
ATOM   352 C  CB  . PRO A 1 49 ? -1.59307  -16.95242 -20.12792 1.000 70.56000 ? 104 PRO O CB  1 
ATOM   353 C  CG  . PRO A 1 49 ? -3.06791  -16.95983 -20.35506 1.000 70.56000 ? 104 PRO O CG  1 
ATOM   354 C  CD  . PRO A 1 49 ? -3.63859  -15.82636 -19.56856 1.000 70.56000 ? 104 PRO O CD  1 
ATOM   355 N  N   . THR A 1 50 ? 0.45936   -14.03655 -20.84206 1.000 67.62000 ? 105 THR O N   1 
ATOM   356 C  CA  . THR A 1 50 ? 1.25037   -13.22178 -21.80526 1.000 67.62000 ? 105 THR O CA  1 
ATOM   357 C  C   . THR A 1 50 ? 0.39299   -12.36292 -22.76311 1.000 67.62000 ? 105 THR O C   1 
ATOM   358 O  O   . THR A 1 50 ? 0.86762   -11.92634 -23.81979 1.000 67.62000 ? 105 THR O O   1 
ATOM   359 C  CB  . THR A 1 50 ? 2.30341   -14.05900 -22.57778 1.000 67.62000 ? 105 THR O CB  1 
ATOM   360 O  OG1 . THR A 1 50 ? 3.19441   -13.17099 -23.26423 1.000 67.62000 ? 105 THR O OG1 1 
ATOM   361 C  CG2 . THR A 1 50 ? 1.73626   -15.05515 -23.61321 1.000 67.62000 ? 105 THR O CG2 1 
ATOM   362 N  N   . GLY A 1 51 ? -0.84599  -12.05536 -22.38039 1.000 66.79000 ? 106 GLY O N   1 
ATOM   363 C  CA  . GLY A 1 51 ? -1.73529  -11.16999 -23.10123 1.000 66.79000 ? 106 GLY O CA  1 
ATOM   364 C  C   . GLY A 1 51 ? -2.23080  -9.96571  -22.30942 1.000 66.79000 ? 106 GLY O C   1 
ATOM   365 O  O   . GLY A 1 51 ? -3.44809  -9.77845  -22.22272 1.000 66.79000 ? 106 GLY O O   1 
ATOM   366 N  N   . PRO A 1 52 ? -1.32254  -9.13152  -21.67717 1.000 65.87000 ? 107 PRO O N   1 
ATOM   367 C  CA  . PRO A 1 52 ? -1.73668  -8.33058  -20.50859 1.000 65.87000 ? 107 PRO O CA  1 
ATOM   368 C  C   . PRO A 1 52 ? -2.75745  -7.21697  -20.71720 1.000 65.87000 ? 107 PRO O C   1 
ATOM   369 O  O   . PRO A 1 52 ? -3.25155  -6.96268  -21.82051 1.000 65.87000 ? 107 PRO O O   1 
ATOM   370 C  CB  . PRO A 1 52 ? -0.42251  -7.67791  -20.06327 1.000 65.87000 ? 107 PRO O CB  1 
ATOM   371 C  CG  . PRO A 1 52 ? 0.64945   -8.50932  -20.58623 1.000 65.87000 ? 107 PRO O CG  1 
ATOM   372 C  CD  . PRO A 1 52 ? 0.13057   -8.99420  -21.91082 1.000 65.87000 ? 107 PRO O CD  1 
ATOM   373 N  N   . ALA A 1 53 ? -3.02601  -6.52494  -19.61162 1.000 63.69000 ? 108 ALA O N   1 
ATOM   374 C  CA  . ALA A 1 53 ? -4.07069  -5.51143  -19.51843 1.000 63.69000 ? 108 ALA O CA  1 
ATOM   375 C  C   . ALA A 1 53 ? -3.67441  -4.26815  -20.30098 1.000 63.69000 ? 108 ALA O C   1 
ATOM   376 O  O   . ALA A 1 53 ? -2.57196  -3.74717  -20.11803 1.000 63.69000 ? 108 ALA O O   1 
ATOM   377 C  CB  . ALA A 1 53 ? -4.33363  -5.16173  -18.05694 1.000 63.69000 ? 108 ALA O CB  1 
ATOM   378 N  N   . LEU A 1 54 ? -4.53072  -3.85572  -21.23620 1.000 67.79000 ? 109 LEU O N   1 
ATOM   379 C  CA  . LEU A 1 54 ? -4.30877  -2.66595  -22.04980 1.000 67.79000 ? 109 LEU O CA  1 
ATOM   380 C  C   . LEU A 1 54 ? -5.61702  -1.89240  -22.13717 1.000 67.79000 ? 109 LEU O C   1 
ATOM   381 O  O   . LEU A 1 54 ? -6.65042  -2.48251  -22.47057 1.000 67.79000 ? 109 LEU O O   1 
ATOM   382 C  CB  . LEU A 1 54 ? -3.78489  -3.04369  -23.44845 1.000 67.79000 ? 109 LEU O CB  1 
ATOM   383 C  CG  . LEU A 1 54 ? -3.24801  -2.00155  -24.44263 1.000 67.79000 ? 109 LEU O CG  1 
ATOM   384 C  CD1 . LEU A 1 54 ? -2.17671  -2.64474  -25.30296 1.000 67.79000 ? 109 LEU O CD1 1 
ATOM   385 C  CD2 . LEU A 1 54 ? -4.32723  -1.42278  -25.35128 1.000 67.79000 ? 109 LEU O CD2 1 
ATOM   386 N  N   . THR A 1 55 ? -5.55256  -0.58074  -21.84868 1.000 73.70000 ? 110 THR O N   1 
ATOM   387 C  CA  . THR A 1 55 ? -6.70782  0.32440   -21.71132 1.000 73.70000 ? 110 THR O CA  1 
ATOM   388 C  C   . THR A 1 55 ? -7.71456  -0.22911  -20.69078 1.000 73.70000 ? 110 THR O C   1 
ATOM   389 O  O   . THR A 1 55 ? -8.83392  -0.63004  -21.02059 1.000 73.70000 ? 110 THR O O   1 
ATOM   390 C  CB  . THR A 1 55 ? -7.35281  0.63618   -23.07052 1.000 73.70000 ? 110 THR O CB  1 
ATOM   391 O  OG1 . THR A 1 55 ? -6.32055  0.95063   -24.01166 1.000 73.70000 ? 110 THR O OG1 1 
ATOM   392 C  CG2 . THR A 1 55 ? -8.24595  1.88097   -22.97655 1.000 73.70000 ? 110 THR O CG2 1 
ATOM   393 N  N   . SER A 1 56 ? -7.27548  -0.31163  -19.44076 1.000 64.89000 ? 111 SER O N   1 
ATOM   394 C  CA  . SER A 1 56 ? -7.96941  -1.10619  -18.44060 1.000 64.89000 ? 111 SER O CA  1 
ATOM   395 C  C   . SER A 1 56 ? -8.23500  -0.32567  -17.15694 1.000 64.89000 ? 111 SER O C   1 
ATOM   396 O  O   . SER A 1 56 ? -7.54666  0.65546   -16.85469 1.000 64.89000 ? 111 SER O O   1 
ATOM   397 C  CB  . SER A 1 56 ? -7.12184  -2.35520  -18.13247 1.000 64.89000 ? 111 SER O CB  1 
ATOM   398 O  OG  . SER A 1 56 ? -6.04037  -2.04371  -17.27386 1.000 64.89000 ? 111 SER O OG  1 
ATOM   399 N  N   . PRO A 1 57 ? -9.24318  -0.74876  -16.37711 1.000 60.64000 ? 112 PRO O N   1 
ATOM   400 C  CA  . PRO A 1 57 ? -9.47427  -0.19604  -15.02660 1.000 60.64000 ? 112 PRO O CA  1 
ATOM   401 C  C   . PRO A 1 57 ? -8.50489  -0.64865  -13.94244 1.000 60.64000 ? 112 PRO O C   1 
ATOM   402 O  O   . PRO A 1 57 ? -8.63275  -0.16298  -12.81016 1.000 60.64000 ? 112 PRO O O   1 
ATOM   403 C  CB  . PRO A 1 57 ? -10.90703 -0.63407  -14.70652 1.000 60.64000 ? 112 PRO O CB  1 
ATOM   404 C  CG  . PRO A 1 57 ? -11.12256 -1.84347  -15.49778 1.000 60.64000 ? 112 PRO O CG  1 
ATOM   405 C  CD  . PRO A 1 57 ? -10.35590 -1.64232  -16.77240 1.000 60.64000 ? 112 PRO O CD  1 
ATOM   406 N  N   . PHE A 1 58 ? -7.58860  -1.57846  -14.21652 1.000 56.69000 ? 113 PHE O N   1 
ATOM   407 C  CA  . PHE A 1 58 ? -6.60181  -1.96412  -13.20855 1.000 56.69000 ? 113 PHE O CA  1 
ATOM   408 C  C   . PHE A 1 58 ? -5.63053  -0.82945  -12.87718 1.000 56.69000 ? 113 PHE O C   1 
ATOM   409 O  O   . PHE A 1 58 ? -5.39190  -0.56980  -11.69067 1.000 56.69000 ? 113 PHE O O   1 
ATOM   410 C  CB  . PHE A 1 58 ? -5.84558  -3.20725  -13.68181 1.000 56.69000 ? 113 PHE O CB  1 
ATOM   411 C  CG  . PHE A 1 58 ? -4.54738  -3.44235  -12.96645 1.000 56.69000 ? 113 PHE O CG  1 
ATOM   412 C  CD1 . PHE A 1 58 ? -4.53771  -3.81820  -11.62938 1.000 56.69000 ? 113 PHE O CD1 1 
ATOM   413 C  CD2 . PHE A 1 58 ? -3.33940  -3.30259  -13.63069 1.000 56.69000 ? 113 PHE O CD2 1 
ATOM   414 C  CE1 . PHE A 1 58 ? -3.34697  -4.03905  -10.96761 1.000 56.69000 ? 113 PHE O CE1 1 
ATOM   415 C  CE2 . PHE A 1 58 ? -2.14402  -3.52186  -12.97431 1.000 56.69000 ? 113 PHE O CE2 1 
ATOM   416 C  CZ  . PHE A 1 58 ? -2.14873  -3.89335  -11.64257 1.000 56.69000 ? 113 PHE O CZ  1 
ATOM   417 N  N   . TRP A 1 59 ? -4.99766  -0.19923  -13.89029 1.000 59.46000 ? 114 TRP O N   1 
ATOM   418 C  CA  . TRP A 1 59 ? -3.97702  0.85658   -13.69871 1.000 59.46000 ? 114 TRP O CA  1 
ATOM   419 C  C   . TRP A 1 59 ? -4.29772  2.00212   -12.72780 1.000 59.46000 ? 114 TRP O C   1 
ATOM   420 O  O   . TRP A 1 59 ? -3.37877  2.74574   -12.37843 1.000 59.46000 ? 114 TRP O O   1 
ATOM   421 C  CB  . TRP A 1 59 ? -3.51602  1.58732   -14.94904 1.000 59.46000 ? 114 TRP O CB  1 
ATOM   422 C  CG  . TRP A 1 59 ? -2.56228  0.91350   -15.81115 1.000 59.46000 ? 114 TRP O CG  1 
ATOM   423 C  CD1 . TRP A 1 59 ? -1.21348  0.86005   -15.62676 1.000 59.46000 ? 114 TRP O CD1 1 
ATOM   424 C  CD2 . TRP A 1 59 ? -2.79714  0.45698   -17.13228 1.000 59.46000 ? 114 TRP O CD2 1 
ATOM   425 N  NE1 . TRP A 1 59 ? -0.61112  0.25182   -16.69162 1.000 59.46000 ? 114 TRP O NE1 1 
ATOM   426 C  CE2 . TRP A 1 59 ? -1.56339  0.00907   -17.64342 1.000 59.46000 ? 114 TRP O CE2 1 
ATOM   427 C  CE3 . TRP A 1 59 ? -3.94086  0.32340   -17.91702 1.000 59.46000 ? 114 TRP O CE3 1 
ATOM   428 C  CZ2 . TRP A 1 59 ? -1.44464  -0.56069  -18.89601 1.000 59.46000 ? 114 TRP O CZ2 1 
ATOM   429 C  CZ3 . TRP A 1 59 ? -3.82021  -0.24147  -19.15155 1.000 59.46000 ? 114 TRP O CZ3 1 
ATOM   430 C  CH2 . TRP A 1 59 ? -2.58113  -0.66329  -19.63842 1.000 59.46000 ? 114 TRP O CH2 1 
ATOM   431 N  N   . LEU A 1 60 ? -5.54091  2.19695   -12.29321 1.000 51.13000 ? 115 LEU O N   1 
ATOM   432 C  CA  . LEU A 1 60 ? -5.82451  3.35426   -11.45559 1.000 51.13000 ? 115 LEU O CA  1 
ATOM   433 C  C   . LEU A 1 60 ? -5.72743  2.94671   -10.00213 1.000 51.13000 ? 115 LEU O C   1 
ATOM   434 O  O   . LEU A 1 60 ? -5.14307  3.71201   -9.22397  1.000 51.13000 ? 115 LEU O O   1 
ATOM   435 C  CB  . LEU A 1 60 ? -7.21614  3.92676   -11.76976 1.000 51.13000 ? 115 LEU O CB  1 
ATOM   436 C  CG  . LEU A 1 60 ? -7.99133  4.77293   -10.75050 1.000 51.13000 ? 115 LEU O CG  1 
ATOM   437 C  CD1 . LEU A 1 60 ? -7.27347  6.08140   -10.41435 1.000 51.13000 ? 115 LEU O CD1 1 
ATOM   438 C  CD2 . LEU A 1 60 ? -9.39804  5.04826   -11.25390 1.000 51.13000 ? 115 LEU O CD2 1 
ATOM   439 N  N   . TRP A 1 61 ? -6.45237  1.88581   -9.61884  1.000 60.05000 ? 116 TRP O N   1 
ATOM   440 C  CA  . TRP A 1 61 ? -6.49918  1.42100   -8.23667  1.000 60.05000 ? 116 TRP O CA  1 
ATOM   441 C  C   . TRP A 1 61 ? -5.07413  1.18074   -7.74733  1.000 60.05000 ? 116 TRP O C   1 
ATOM   442 O  O   . TRP A 1 61 ? -4.69250  1.63106   -6.65973  1.000 60.05000 ? 116 TRP O O   1 
ATOM   443 C  CB  . TRP A 1 61 ? -7.36069  0.16861   -8.14438  1.000 60.05000 ? 116 TRP O CB  1 
ATOM   444 C  CG  . TRP A 1 61 ? -8.79131  0.39061   -8.56745  1.000 60.05000 ? 116 TRP O CG  1 
ATOM   445 C  CD1 . TRP A 1 61 ? -9.43247  -0.22367  -9.60148  1.000 60.05000 ? 116 TRP O CD1 1 
ATOM   446 C  CD2 . TRP A 1 61 ? -9.75477  1.27757   -7.96958  1.000 60.05000 ? 116 TRP O CD2 1 
ATOM   447 N  NE1 . TRP A 1 61 ? -10.72748 0.22557   -9.69109  1.000 60.05000 ? 116 TRP O NE1 1 
ATOM   448 C  CE2 . TRP A 1 61 ? -10.95087 1.14460   -8.70176  1.000 60.05000 ? 116 TRP O CE2 1 
ATOM   449 C  CE3 . TRP A 1 61 ? -9.72260  2.16805   -6.88843  1.000 60.05000 ? 116 TRP O CE3 1 
ATOM   450 C  CZ2 . TRP A 1 61 ? -12.10121 1.86754   -8.39019  1.000 60.05000 ? 116 TRP O CZ2 1 
ATOM   451 C  CZ3 . TRP A 1 61 ? -10.86469 2.88500   -6.58358  1.000 60.05000 ? 116 TRP O CZ3 1 
ATOM   452 C  CH2 . TRP A 1 61 ? -12.03663 2.72980   -7.33120  1.000 60.05000 ? 116 TRP O CH2 1 
ATOM   453 N  N   . MET A 1 62 ? -4.33122  0.35460   -8.51176  1.000 59.66000 ? 117 MET O N   1 
ATOM   454 C  CA  . MET A 1 62 ? -2.91392  0.05301   -8.28697  1.000 59.66000 ? 117 MET O CA  1 
ATOM   455 C  C   . MET A 1 62 ? -2.08587  1.32203   -8.08564  1.000 59.66000 ? 117 MET O C   1 
ATOM   456 O  O   . MET A 1 62 ? -1.21764  1.37355   -7.21018  1.000 59.66000 ? 117 MET O O   1 
ATOM   457 C  CB  . MET A 1 62 ? -2.39961  -0.78686  -9.46679  1.000 59.66000 ? 117 MET O CB  1 
ATOM   458 C  CG  . MET A 1 62 ? -0.94432  -1.28237  -9.44486  1.000 59.66000 ? 117 MET O CG  1 
ATOM   459 S  SD  . MET A 1 62 ? 0.33771   -0.12825  -9.99594  1.000 59.66000 ? 117 MET O SD  1 
ATOM   460 C  CE  . MET A 1 62 ? 0.03398   -0.10408  -11.76118 1.000 59.66000 ? 117 MET O CE  1 
ATOM   461 N  N   . VAL A 1 63 ? -2.35065  2.36159   -8.89318  1.000 58.68000 ? 118 VAL O N   1 
ATOM   462 C  CA  . VAL A 1 63 ? -1.57472  3.60328   -8.84602  1.000 58.68000 ? 118 VAL O CA  1 
ATOM   463 C  C   . VAL A 1 63 ? -1.94847  4.46014   -7.65052  1.000 58.68000 ? 118 VAL O C   1 
ATOM   464 O  O   . VAL A 1 63 ? -1.29858  5.48073   -7.39774  1.000 58.68000 ? 118 VAL O O   1 
ATOM   465 C  CB  . VAL A 1 63 ? -1.73464  4.46530   -10.11114 1.000 58.68000 ? 118 VAL O CB  1 
ATOM   466 N  N   . THR A 1 64 ? -2.98854  4.06852   -6.92002  1.000 59.99000 ? 119 THR O N   1 
ATOM   467 C  CA  . THR A 1 64 ? -3.43225  4.67141   -5.67619  1.000 59.99000 ? 119 THR O CA  1 
ATOM   468 C  C   . THR A 1 64 ? -3.02947  3.79346   -4.50300  1.000 59.99000 ? 119 THR O C   1 
ATOM   469 O  O   . THR A 1 64 ? -2.56272  4.31232   -3.48305  1.000 59.99000 ? 119 THR O O   1 
ATOM   470 C  CB  . THR A 1 64 ? -4.95037  4.88613   -5.68563  1.000 59.99000 ? 119 THR O CB  1 
ATOM   471 N  N   . TRP A 1 65 ? -3.28464  2.47940   -4.61546  1.000 61.35000 ? 120 TRP O N   1 
ATOM   472 C  CA  . TRP A 1 65 ? -2.99429  1.54150   -3.53445  1.000 61.35000 ? 120 TRP O CA  1 
ATOM   473 C  C   . TRP A 1 65 ? -1.49723  1.49448   -3.24407  1.000 61.35000 ? 120 TRP O C   1 
ATOM   474 O  O   . TRP A 1 65 ? -1.09452  1.33324   -2.08817  1.000 61.35000 ? 120 TRP O O   1 
ATOM   475 C  CB  . TRP A 1 65 ? -3.50685  0.14995   -3.92226  1.000 61.35000 ? 120 TRP O CB  1 
ATOM   476 C  CG  . TRP A 1 65 ? -3.58446  -0.85500  -2.81274  1.000 61.35000 ? 120 TRP O CG  1 
ATOM   477 C  CD1 . TRP A 1 65 ? -4.62434  -1.04016  -1.95068  1.000 61.35000 ? 120 TRP O CD1 1 
ATOM   478 C  CD2 . TRP A 1 65 ? -2.58797  -1.81633  -2.44785  1.000 61.35000 ? 120 TRP O CD2 1 
ATOM   479 N  NE1 . TRP A 1 65 ? -4.33640  -2.05212  -1.06975  1.000 61.35000 ? 120 TRP O NE1 1 
ATOM   480 C  CE2 . TRP A 1 65 ? -3.09162  -2.54704  -1.35503  1.000 61.35000 ? 120 TRP O CE2 1 
ATOM   481 C  CE3 . TRP A 1 65 ? -1.32038  -2.13076  -2.93950  1.000 61.35000 ? 120 TRP O CE3 1 
ATOM   482 C  CZ2 . TRP A 1 65 ? -2.36939  -3.56934  -0.74461  1.000 61.35000 ? 120 TRP O CZ2 1 
ATOM   483 C  CZ3 . TRP A 1 65 ? -0.60372  -3.14535  -2.33401  1.000 61.35000 ? 120 TRP O CZ3 1 
ATOM   484 C  CH2 . TRP A 1 65 ? -1.12981  -3.85308  -1.24799  1.000 61.35000 ? 120 TRP O CH2 1 
ATOM   485 N  N   . HIS A 1 66 ? -0.66040  1.62756   -4.28270  1.000 60.88000 ? 121 HIS O N   1 
ATOM   486 C  CA  . HIS A 1 66 ? 0.78376   1.66904   -4.08475  1.000 60.88000 ? 121 HIS O CA  1 
ATOM   487 C  C   . HIS A 1 66 ? 1.23676   3.03461   -3.59841  1.000 60.88000 ? 121 HIS O C   1 
ATOM   488 O  O   . HIS A 1 66 ? 2.18890   3.12941   -2.81740  1.000 60.88000 ? 121 HIS O O   1 
ATOM   489 C  CB  . HIS A 1 66 ? 1.52088   1.34529   -5.38040  1.000 60.88000 ? 121 HIS O CB  1 
ATOM   490 C  CG  . HIS A 1 66 ? 1.47870   -0.09803  -5.74909  1.000 60.88000 ? 121 HIS O CG  1 
ATOM   491 N  ND1 . HIS A 1 66 ? 1.06379   -1.07380  -4.87242  1.000 60.88000 ? 121 HIS O ND1 1 
ATOM   492 C  CD2 . HIS A 1 66 ? 1.78274   -0.73192  -6.90364  1.000 60.88000 ? 121 HIS O CD2 1 
ATOM   493 C  CE1 . HIS A 1 66 ? 1.11540   -2.25012  -5.47064  1.000 60.88000 ? 121 HIS O CE1 1 
ATOM   494 N  NE2 . HIS A 1 66 ? 1.54470   -2.06831  -6.70602  1.000 60.88000 ? 121 HIS O NE2 1 
ATOM   495 N  N   . VAL A 1 67 ? 0.56795   4.09252   -4.07116  1.000 57.37000 ? 122 VAL O N   1 
ATOM   496 C  CA  . VAL A 1 67 ? 0.86077   5.44766   -3.61915  1.000 57.37000 ? 122 VAL O CA  1 
ATOM   497 C  C   . VAL A 1 67 ? 0.45234   5.62305   -2.16794  1.000 57.37000 ? 122 VAL O C   1 
ATOM   498 O  O   . VAL A 1 67 ? 1.11667   6.32827   -1.40361  1.000 57.37000 ? 122 VAL O O   1 
ATOM   499 C  CB  . VAL A 1 67 ? 0.17100   6.47790   -4.53022  1.000 57.37000 ? 122 VAL O CB  1 
ATOM   500 N  N   . GLY A 1 68 ? -0.64859  4.98735   -1.76487  1.000 59.08000 ? 123 GLY O N   1 
ATOM   501 C  CA  . GLY A 1 68 ? -0.97907  4.93675   -0.35565  1.000 59.08000 ? 123 GLY O CA  1 
ATOM   502 C  C   . GLY A 1 68 ? -0.04418  4.04445   0.42975   1.000 59.08000 ? 123 GLY O C   1 
ATOM   503 O  O   . GLY A 1 68 ? 0.18925   4.27822   1.61832   1.000 59.08000 ? 123 GLY O O   1 
ATOM   504 N  N   . LEU A 1 69 ? 0.50904   3.01680   -0.21562  1.000 56.74000 ? 124 LEU O N   1 
ATOM   505 C  CA  . LEU A 1 69 ? 1.49332   2.17884   0.45377   1.000 56.74000 ? 124 LEU O CA  1 
ATOM   506 C  C   . LEU A 1 69 ? 2.83746   2.88700   0.54680   1.000 56.74000 ? 124 LEU O C   1 
ATOM   507 O  O   . LEU A 1 69 ? 3.55316   2.72466   1.53679   1.000 56.74000 ? 124 LEU O O   1 
ATOM   508 C  CB  . LEU A 1 69 ? 1.63317   0.84384   -0.27958  1.000 56.74000 ? 124 LEU O CB  1 
ATOM   509 C  CG  . LEU A 1 69 ? 2.54494   -0.22329  0.32136   1.000 56.74000 ? 124 LEU O CG  1 
ATOM   510 C  CD1 . LEU A 1 69 ? 2.02479   -0.63678  1.68340   1.000 56.74000 ? 124 LEU O CD1 1 
ATOM   511 C  CD2 . LEU A 1 69 ? 2.63850   -1.42404  -0.59792  1.000 56.74000 ? 124 LEU O CD2 1 
ATOM   512 N  N   . PHE A 1 70 ? 3.18196   3.70275   -0.44732  1.000 53.02000 ? 125 PHE O N   1 
ATOM   513 C  CA  . PHE A 1 70 ? 4.39380   4.50697   -0.40808  1.000 53.02000 ? 125 PHE O CA  1 
ATOM   514 C  C   . PHE A 1 70 ? 4.17355   5.87104   0.24305   1.000 53.02000 ? 125 PHE O C   1 
ATOM   515 O  O   . PHE A 1 70 ? 4.93908   6.80348   -0.02556  1.000 53.02000 ? 125 PHE O O   1 
ATOM   516 C  CB  . PHE A 1 70 ? 4.95988   4.68182   -1.81846  1.000 53.02000 ? 125 PHE O CB  1 
ATOM   517 N  N   . ILE A 1 71 ? 3.12675   6.02058   1.05629   1.000 55.64000 ? 126 ILE O N   1 
ATOM   518 C  CA  . ILE A 1 71 ? 2.93802   7.22302   1.85968   1.000 55.64000 ? 126 ILE O CA  1 
ATOM   519 C  C   . ILE A 1 71 ? 2.60192   6.85881   3.30347   1.000 55.64000 ? 126 ILE O C   1 
ATOM   520 O  O   . ILE A 1 71 ? 2.64866   7.71730   4.19026   1.000 55.64000 ? 126 ILE O O   1 
ATOM   521 C  CB  . ILE A 1 71 ? 1.86504   8.14555   1.23975   1.000 55.64000 ? 126 ILE O CB  1 
ATOM   522 C  CG1 . ILE A 1 71 ? 2.16563   9.61637   1.53773   1.000 55.64000 ? 126 ILE O CG1 1 
ATOM   523 C  CG2 . ILE A 1 71 ? 0.45522   7.76769   1.68686   1.000 55.64000 ? 126 ILE O CG2 1 
ATOM   524 C  CD1 . ILE A 1 71 ? 1.32454   10.58170  0.73257   1.000 55.64000 ? 126 ILE O CD1 1 
ATOM   525 N  N   . VAL A 1 72 ? 2.26974   5.59314   3.56482   1.000 51.75000 ? 127 VAL O N   1 
ATOM   526 C  CA  . VAL A 1 72 ? 1.95687   5.12893   4.91346   1.000 51.75000 ? 127 VAL O CA  1 
ATOM   527 C  C   . VAL A 1 72 ? 2.98979   4.12657   5.42186   1.000 51.75000 ? 127 VAL O C   1 
ATOM   528 O  O   . VAL A 1 72 ? 3.48239   4.25070   6.54515   1.000 51.75000 ? 127 VAL O O   1 
ATOM   529 C  CB  . VAL A 1 72 ? 0.52863   4.53724   4.97217   1.000 51.75000 ? 127 VAL O CB  1 
ATOM   530 C  CG1 . VAL A 1 72 ? 0.22631   3.95262   6.34361   1.000 51.75000 ? 127 VAL O CG1 1 
ATOM   531 C  CG2 . VAL A 1 72 ? -0.49780  5.59989   4.63123   1.000 51.75000 ? 127 VAL O CG2 1 
ATOM   532 N  N   . LEU A 1 73 ? 3.36185   3.14252   4.59402   1.000 52.36000 ? 128 LEU O N   1 
ATOM   533 C  CA  . LEU A 1 73 ? 4.40423   2.20156   5.00445   1.000 52.36000 ? 128 LEU O CA  1 
ATOM   534 C  C   . LEU A 1 73 ? 5.79048   2.82896   5.00765   1.000 52.36000 ? 128 LEU O C   1 
ATOM   535 O  O   . LEU A 1 73 ? 6.70063   2.28005   5.63691   1.000 52.36000 ? 128 LEU O O   1 
ATOM   536 C  CB  . LEU A 1 73 ? 4.40638   0.95600   4.11802   1.000 52.36000 ? 128 LEU O CB  1 
ATOM   537 N  N   . THR A 1 74 ? 5.97972   3.95057   4.31683   1.000 49.86000 ? 129 THR O N   1 
ATOM   538 C  CA  . THR A 1 74 ? 7.16832   4.75925   4.52973   1.000 49.86000 ? 129 THR O CA  1 
ATOM   539 C  C   . THR A 1 74 ? 6.98296   5.81104   5.61295   1.000 49.86000 ? 129 THR O C   1 
ATOM   540 O  O   . THR A 1 74 ? 7.97846   6.37754   6.06344   1.000 49.86000 ? 129 THR O O   1 
ATOM   541 C  CB  . THR A 1 74 ? 7.60804   5.44763   3.23186   1.000 49.86000 ? 129 THR O CB  1 
ATOM   542 O  OG1 . THR A 1 74 ? 8.88271   6.06771   3.43365   1.000 49.86000 ? 129 THR O OG1 1 
ATOM   543 C  CG2 . THR A 1 74 ? 6.61413   6.51293   2.81985   1.000 49.86000 ? 129 THR O CG2 1 
ATOM   544 N  N   . PHE A 1 75 ? 5.74827   6.08430   6.04904   1.000 50.24000 ? 130 PHE O N   1 
ATOM   545 C  CA  . PHE A 1 75 ? 5.55625   7.07779   7.10246   1.000 50.24000 ? 130 PHE O CA  1 
ATOM   546 C  C   . PHE A 1 75 ? 5.96102   6.52884   8.46034   1.000 50.24000 ? 130 PHE O C   1 
ATOM   547 O  O   . PHE A 1 75 ? 6.31979   7.30009   9.35754   1.000 50.24000 ? 130 PHE O O   1 
ATOM   548 C  CB  . PHE A 1 75 ? 4.10409   7.54715   7.13861   1.000 50.24000 ? 130 PHE O CB  1 
ATOM   549 N  N   . GLY A 1 76 ? 5.90620   5.20758   8.63332   1.000 52.11000 ? 131 GLY O N   1 
ATOM   550 C  CA  . GLY A 1 76 ? 6.46339   4.60049   9.82486   1.000 52.11000 ? 131 GLY O CA  1 
ATOM   551 C  C   . GLY A 1 76 ? 7.97480   4.55697   9.83113   1.000 52.11000 ? 131 GLY O C   1 
ATOM   552 O  O   . GLY A 1 76 ? 8.57300   4.40682   10.90128  1.000 52.11000 ? 131 GLY O O   1 
ATOM   553 N  N   . GLN A 1 77 ? 8.60413   4.65928   8.65430   1.000 51.09000 ? 132 GLN O N   1 
ATOM   554 C  CA  . GLN A 1 77 ? 10.06038  4.73854   8.58829   1.000 51.09000 ? 132 GLN O CA  1 
ATOM   555 C  C   . GLN A 1 77 ? 10.56772  6.04588   9.18400   1.000 51.09000 ? 132 GLN O C   1 
ATOM   556 O  O   . GLN A 1 77 ? 11.58364  6.05843   9.88854   1.000 51.09000 ? 132 GLN O O   1 
ATOM   557 C  CB  . GLN A 1 77 ? 10.52262  4.58601   7.14027   1.000 51.09000 ? 132 GLN O CB  1 
ATOM   558 C  CG  . GLN A 1 77 ? 11.99833  4.31491   6.97499   1.000 51.09000 ? 132 GLN O CG  1 
ATOM   559 C  CD  . GLN A 1 77 ? 12.37356  2.90712   7.37283   1.000 51.09000 ? 132 GLN O CD  1 
ATOM   560 O  OE1 . GLN A 1 77 ? 12.77051  2.65857   8.50827   1.000 51.09000 ? 132 GLN O OE1 1 
ATOM   561 N  NE2 . GLN A 1 77 ? 12.24839  1.97346   6.43769   1.000 51.09000 ? 132 GLN O NE2 1 
ATOM   562 N  N   . ILE A 1 78 ? 9.88106   7.15574   8.90045   1.000 47.02000 ? 133 ILE O N   1 
ATOM   563 C  CA  . ILE A 1 78 ? 10.09693  8.38183   9.66536   1.000 47.02000 ? 133 ILE O CA  1 
ATOM   564 C  C   . ILE A 1 78 ? 9.65436   8.18822   11.11287  1.000 47.02000 ? 133 ILE O C   1 
ATOM   565 O  O   . ILE A 1 78 ? 10.36457  8.57982   12.04817  1.000 47.02000 ? 133 ILE O O   1 
ATOM   566 C  CB  . ILE A 1 78 ? 9.39665   9.59588   9.00393   1.000 47.02000 ? 133 ILE O CB  1 
ATOM   567 C  CG1 . ILE A 1 78 ? 9.97091   9.95581   7.61982   1.000 47.02000 ? 133 ILE O CG1 1 
ATOM   568 C  CG2 . ILE A 1 78 ? 9.41825   10.82333  9.90007   1.000 47.02000 ? 133 ILE O CG2 1 
ATOM   569 C  CD1 . ILE A 1 78 ? 9.36140   9.30826   6.40926   1.000 47.02000 ? 133 ILE O CD1 1 
ATOM   570 N  N   . GLY A 1 79 ? 8.49855   7.54420   11.31377  1.000 53.06000 ? 134 GLY O N   1 
ATOM   571 C  CA  . GLY A 1 79 ? 7.89267   7.48534   12.63749  1.000 53.06000 ? 134 GLY O CA  1 
ATOM   572 C  C   . GLY A 1 79 ? 8.65773   6.64223   13.64252  1.000 53.06000 ? 134 GLY O C   1 
ATOM   573 O  O   . GLY A 1 79 ? 8.76126   7.00926   14.81619  1.000 53.06000 ? 134 GLY O O   1 
ATOM   574 N  N   . PHE A 1 80 ? 9.20115   5.50414   13.20641  1.000 54.90000 ? 135 PHE O N   1 
ATOM   575 C  CA  . PHE A 1 80 ? 9.98168   4.68762   14.12920  1.000 54.90000 ? 135 PHE O CA  1 
ATOM   576 C  C   . PHE A 1 80 ? 11.37823  5.25158   14.35487  1.000 54.90000 ? 135 PHE O C   1 
ATOM   577 O  O   . PHE A 1 80 ? 11.88138  5.21818   15.48177  1.000 54.90000 ? 135 PHE O O   1 
ATOM   578 C  CB  . PHE A 1 80 ? 10.05162  3.24350   13.64143  1.000 54.90000 ? 135 PHE O CB  1 
ATOM   579 C  CG  . PHE A 1 80 ? 8.89339   2.41228   14.09298  1.000 54.90000 ? 135 PHE O CG  1 
ATOM   580 C  CD1 . PHE A 1 80 ? 8.85934   1.90698   15.38321  1.000 54.90000 ? 135 PHE O CD1 1 
ATOM   581 C  CD2 . PHE A 1 80 ? 7.82921   2.15355   13.24331  1.000 54.90000 ? 135 PHE O CD2 1 
ATOM   582 C  CE1 . PHE A 1 80 ? 7.79219   1.14698   15.81789  1.000 54.90000 ? 135 PHE O CE1 1 
ATOM   583 C  CE2 . PHE A 1 80 ? 6.75509   1.39285   13.67198  1.000 54.90000 ? 135 PHE O CE2 1 
ATOM   584 C  CZ  . PHE A 1 80 ? 6.74049   0.89138   14.96186  1.000 54.90000 ? 135 PHE O CZ  1 
ATOM   585 N  N   . LYS A 1 81 ? 12.02153  5.77569   13.30985  1.000 56.61000 ? 136 LYS O N   1 
ATOM   586 C  CA  . LYS A 1 81 ? 13.34044  6.36209   13.50770  1.000 56.61000 ? 136 LYS O CA  1 
ATOM   587 C  C   . LYS A 1 81 ? 13.26438  7.74625   14.13958  1.000 56.61000 ? 136 LYS O C   1 
ATOM   588 O  O   . LYS A 1 81 ? 14.25099  8.20099   14.72777  1.000 56.61000 ? 136 LYS O O   1 
ATOM   589 C  CB  . LYS A 1 81 ? 14.11001  6.42064   12.18498  1.000 56.61000 ? 136 LYS O CB  1 
ATOM   590 C  CG  . LYS A 1 81 ? 15.62531  6.36283   12.36492  1.000 56.61000 ? 136 LYS O CG  1 
ATOM   591 C  CD  . LYS A 1 81 ? 16.35885  6.16871   11.05365  1.000 56.61000 ? 136 LYS O CD  1 
ATOM   592 C  CE  . LYS A 1 81 ? 17.84495  5.94835   11.28393  1.000 56.61000 ? 136 LYS O CE  1 
ATOM   593 N  NZ  . LYS A 1 81 ? 18.49834  7.15600   11.85589  1.000 56.61000 ? 136 LYS O NZ  1 
ATOM   594 N  N   . GLY A 1 82 ? 12.11410  8.41819   14.04483  1.000 60.23000 ? 137 GLY O N   1 
ATOM   595 C  CA  . GLY A 1 82 ? 11.93714  9.66620   14.76539  1.000 60.23000 ? 137 GLY O CA  1 
ATOM   596 C  C   . GLY A 1 82 ? 11.81721  9.45917   16.26141  1.000 60.23000 ? 137 GLY O C   1 
ATOM   597 O  O   . GLY A 1 82 ? 12.14717  10.35417  17.04414  1.000 60.23000 ? 137 GLY O O   1 
ATOM   598 N  N   . ARG A 1 83 ? 11.33485  8.28729   16.67753  1.000 66.19000 ? 138 ARG O N   1 
ATOM   599 C  CA  . ARG A 1 83 ? 11.37630  7.91354   18.08496  1.000 66.19000 ? 138 ARG O CA  1 
ATOM   600 C  C   . ARG A 1 83 ? 12.78174  7.48271   18.49376  1.000 66.19000 ? 138 ARG O C   1 
ATOM   601 O  O   . ARG A 1 83 ? 13.21647  7.75264   19.61891  1.000 66.19000 ? 138 ARG O O   1 
ATOM   602 C  CB  . ARG A 1 83 ? 10.36510  6.79579   18.35402  1.000 66.19000 ? 138 ARG O CB  1 
ATOM   603 C  CG  . ARG A 1 83 ? 10.23856  6.37948   19.81210  1.000 66.19000 ? 138 ARG O CG  1 
ATOM   604 C  CD  . ARG A 1 83 ? 9.21066   5.27502   19.99133  1.000 66.19000 ? 138 ARG O CD  1 
ATOM   605 N  NE  . ARG A 1 83 ? 7.84154   5.77190   19.90285  1.000 66.19000 ? 138 ARG O NE  1 
ATOM   606 C  CZ  . ARG A 1 83 ? 6.77541   4.99586   19.73899  1.000 66.19000 ? 138 ARG O CZ  1 
ATOM   607 N  NH1 . ARG A 1 83 ? 6.91724   3.68084   19.64425  1.000 66.19000 ? 138 ARG O NH1 1 
ATOM   608 N  NH2 . ARG A 1 83 ? 5.56587   5.53428   19.66874  1.000 66.19000 ? 138 ARG O NH2 1 
ATOM   609 N  N   . GLN A 1 84 ? 13.50854  6.82771   17.58307  1.000 62.43000 ? 139 GLN O N   1 
ATOM   610 C  CA  . GLN A 1 84 ? 14.84670  6.33825   17.90232  1.000 62.43000 ? 139 GLN O CA  1 
ATOM   611 C  C   . GLN A 1 84 ? 15.85662  7.47617   17.96759  1.000 62.43000 ? 139 GLN O C   1 
ATOM   612 O  O   . GLN A 1 84 ? 16.71725  7.49663   18.85451  1.000 62.43000 ? 139 GLN O O   1 
ATOM   613 C  CB  . GLN A 1 84 ? 15.28209  5.29510   16.87383  1.000 62.43000 ? 139 GLN O CB  1 
ATOM   614 C  CG  . GLN A 1 84 ? 14.57108  3.95848   17.00672  1.000 62.43000 ? 139 GLN O CG  1 
ATOM   615 C  CD  . GLN A 1 84 ? 15.34391  2.81735   16.37744  1.000 62.43000 ? 139 GLN O CD  1 
ATOM   616 O  OE1 . GLN A 1 84 ? 15.97221  2.97885   15.33109  1.000 62.43000 ? 139 GLN O OE1 1 
ATOM   617 N  NE2 . GLN A 1 84 ? 15.30061  1.65220   17.01375  1.000 62.43000 ? 139 GLN O NE2 1 
ATOM   618 N  N   . ASP A 1 85 ? 15.77143  8.42655   17.04579  1.000 63.98000 ? 140 ASP O N   1 
ATOM   619 C  CA  . ASP A 1 85 ? 16.68475  9.55812   17.00994  1.000 63.98000 ? 140 ASP O CA  1 
ATOM   620 C  C   . ASP A 1 85 ? 16.06129  10.76658  17.69980  1.000 63.98000 ? 140 ASP O C   1 
ATOM   621 O  O   . ASP A 1 85 ? 14.87008  10.79549  18.01387  1.000 63.98000 ? 140 ASP O O   1 
ATOM   622 C  CB  . ASP A 1 85 ? 17.06139  9.90208   15.56611  1.000 63.98000 ? 140 ASP O CB  1 
ATOM   623 C  CG  . ASP A 1 85 ? 17.72214  8.74457   14.84602  1.000 63.98000 ? 140 ASP O CG  1 
ATOM   624 O  OD1 . ASP A 1 85 ? 18.05490  7.74187   15.51148  1.000 63.98000 ? 140 ASP O OD1 1 
ATOM   625 O  OD2 . ASP A 1 85 ? 17.90911  8.83593   13.61351  1.000 63.98000 ? 140 ASP O OD2 1 
ATOM   626 N  N   . GLY A 1 86 ? 16.89256  11.77706  17.93567  1.000 67.72000 ? 141 GLY O N   1 
ATOM   627 C  CA  . GLY A 1 86 ? 16.43960  12.99288  18.58324  1.000 67.72000 ? 141 GLY O CA  1 
ATOM   628 C  C   . GLY A 1 86 ? 15.77378  13.94297  17.61070  1.000 67.72000 ? 141 GLY O C   1 
ATOM   629 O  O   . GLY A 1 86 ? 16.36212  14.95721  17.22426  1.000 67.72000 ? 141 GLY O O   1 
ATOM   630 N  N   . TYR A 1 87 ? 14.54767  13.62599  17.20302  1.000 59.73000 ? 142 TYR O N   1 
ATOM   631 C  CA  . TYR A 1 87 ? 13.84486  14.40262  16.19047  1.000 59.73000 ? 142 TYR O CA  1 
ATOM   632 C  C   . TYR A 1 87 ? 12.70877  15.24364  16.74593  1.000 59.73000 ? 142 TYR O C   1 
ATOM   633 O  O   . TYR A 1 87 ? 12.47289  16.34957  16.25466  1.000 59.73000 ? 142 TYR O O   1 
ATOM   634 C  CB  . TYR A 1 87 ? 13.30067  13.46526  15.10887  1.000 59.73000 ? 142 TYR O CB  1 
ATOM   635 C  CG  . TYR A 1 87 ? 14.26445  13.27682  13.96449  1.000 59.73000 ? 142 TYR O CG  1 
ATOM   636 C  CD1 . TYR A 1 87 ? 14.71894  12.00880  13.61877  1.000 59.73000 ? 142 TYR O CD1 1 
ATOM   637 C  CD2 . TYR A 1 87 ? 14.74100  14.36668  13.24865  1.000 59.73000 ? 142 TYR O CD2 1 
ATOM   638 C  CE1 . TYR A 1 87 ? 15.61267  11.83042  12.57872  1.000 59.73000 ? 142 TYR O CE1 1 
ATOM   639 C  CE2 . TYR A 1 87 ? 15.63397  14.19743  12.20875  1.000 59.73000 ? 142 TYR O CE2 1 
ATOM   640 C  CZ  . TYR A 1 87 ? 16.06407  12.92953  11.87717  1.000 59.73000 ? 142 TYR O CZ  1 
ATOM   641 O  OH  . TYR A 1 87 ? 16.95189  12.76350  10.84104  1.000 59.73000 ? 142 TYR O OH  1 
ATOM   642 N  N   . TRP A 1 88 ? 11.99969  14.75399  17.75864  1.000 63.30000 ? 143 TRP O N   1 
ATOM   643 C  CA  . TRP A 1 88 ? 10.94819  15.53106  18.40753  1.000 63.30000 ? 143 TRP O CA  1 
ATOM   644 C  C   . TRP A 1 88 ? 10.79222  15.13275  19.87268  1.000 63.30000 ? 143 TRP O C   1 
ATOM   645 O  O   . TRP A 1 88 ? 9.73129   15.31798  20.46632  1.000 63.30000 ? 143 TRP O O   1 
ATOM   646 C  CB  . TRP A 1 88 ? 9.61365   15.37306  17.66599  1.000 63.30000 ? 143 TRP O CB  1 
ATOM   647 C  CG  . TRP A 1 88 ? 9.25459   13.96136  17.30116  1.000 63.30000 ? 143 TRP O CG  1 
ATOM   648 C  CD1 . TRP A 1 88 ? 8.90842   12.95238  18.15222  1.000 63.30000 ? 143 TRP O CD1 1 
ATOM   649 C  CD2 . TRP A 1 88 ? 9.18745   13.41137  15.98005  1.000 63.30000 ? 143 TRP O CD2 1 
ATOM   650 N  NE1 . TRP A 1 88 ? 8.63974   11.80606  17.44449  1.000 63.30000 ? 143 TRP O NE1 1 
ATOM   651 C  CE2 . TRP A 1 88 ? 8.80383   12.06177  16.10854  1.000 63.30000 ? 143 TRP O CE2 1 
ATOM   652 C  CE3 . TRP A 1 88 ? 9.42040   13.92721  14.70252  1.000 63.30000 ? 143 TRP O CE3 1 
ATOM   653 C  CZ2 . TRP A 1 88 ? 8.64698   11.22294  15.00778  1.000 63.30000 ? 143 TRP O CZ2 1 
ATOM   654 C  CZ3 . TRP A 1 88 ? 9.26321   13.09302  13.61061  1.000 63.30000 ? 143 TRP O CZ3 1 
ATOM   655 C  CH2 . TRP A 1 88 ? 8.88100   11.75615  13.76999  1.000 63.30000 ? 143 TRP O CH2 1 
HETATM 656 MG MG  . CLA B 2 .  ? 3.94102   -3.99843  -5.80442  1.000 61.54000 ? 201 CLA O MG  1 
HETATM 657 C  CHA . CLA B 2 .  ? 4.23593   -3.24426  -9.17306  1.000 61.54000 ? 201 CLA O CHA 1 
HETATM 658 C  CHB . CLA B 2 .  ? 6.57668   -1.94919  -5.12482  1.000 61.54000 ? 201 CLA O CHB 1 
HETATM 659 C  CHC . CLA B 2 .  ? 3.48997   -4.61848  -2.45031  1.000 61.54000 ? 201 CLA O CHC 1 
HETATM 660 C  CHD . CLA B 2 .  ? 1.08615   -5.94899  -6.54137  1.000 61.54000 ? 201 CLA O CHD 1 
HETATM 661 N  NA  . CLA B 2 .  ? 5.18828   -2.80336  -6.97847  1.000 61.54000 ? 201 CLA O NA  1 
HETATM 662 C  C1A . CLA B 2 .  ? 5.14557   -2.62257  -8.36645  1.000 61.54000 ? 201 CLA O C1A 1 
HETATM 663 C  C2A . CLA B 2 .  ? 6.27695   -1.71716  -8.84365  1.000 61.54000 ? 201 CLA O C2A 1 
HETATM 664 C  C3A . CLA B 2 .  ? 7.00880   -1.33065  -7.53484  1.000 61.54000 ? 201 CLA O C3A 1 
HETATM 665 C  C4A . CLA B 2 .  ? 6.21495   -2.06667  -6.45350  1.000 61.54000 ? 201 CLA O C4A 1 
HETATM 666 N  NB  . CLA B 2 .  ? 4.84391   -3.38585  -4.11298  1.000 61.54000 ? 201 CLA O NB  1 
HETATM 667 C  C1B . CLA B 2 .  ? 5.92364   -2.56632  -4.04230  1.000 61.54000 ? 201 CLA O C1B 1 
HETATM 668 C  C2B . CLA B 2 .  ? 6.34286   -2.40181  -2.62083  1.000 61.54000 ? 201 CLA O C2B 1 
HETATM 669 C  C3B . CLA B 2 .  ? 5.50217   -3.18496  -1.86516  1.000 61.54000 ? 201 CLA O C3B 1 
HETATM 670 C  C4B . CLA B 2 .  ? 4.51934   -3.80003  -2.80093  1.000 61.54000 ? 201 CLA O C4B 1 
HETATM 671 N  NC  . CLA B 2 .  ? 2.55146   -5.10340  -4.70467  1.000 61.54000 ? 201 CLA O NC  1 
HETATM 672 C  C1C . CLA B 2 .  ? 2.55341   -5.21776  -3.34062  1.000 61.54000 ? 201 CLA O C1C 1 
HETATM 673 C  C2C . CLA B 2 .  ? 1.47495   -6.10037  -2.91219  1.000 61.54000 ? 201 CLA O C2C 1 
HETATM 674 C  C3C . CLA B 2 .  ? 0.79854   -6.49100  -4.06853  1.000 61.54000 ? 201 CLA O C3C 1 
HETATM 675 C  C4C . CLA B 2 .  ? 1.46452   -5.83555  -5.18937  1.000 61.54000 ? 201 CLA O C4C 1 
HETATM 676 N  ND  . CLA B 2 .  ? 2.94796   -4.63182  -7.45158  1.000 61.54000 ? 201 CLA O ND  1 
HETATM 677 C  C1D . CLA B 2 .  ? 1.72547   -5.34061  -7.60243  1.000 61.54000 ? 201 CLA O C1D 1 
HETATM 678 C  C2D . CLA B 2 .  ? 1.38956   -5.40929  -9.04378  1.000 61.54000 ? 201 CLA O C2D 1 
HETATM 679 C  C3D . CLA B 2 .  ? 2.33431   -4.63716  -9.69664  1.000 61.54000 ? 201 CLA O C3D 1 
HETATM 680 C  C4D . CLA B 2 .  ? 3.21838   -4.10094  -8.64452  1.000 61.54000 ? 201 CLA O C4D 1 
HETATM 681 C  CAD . CLA B 2 .  ? 2.82253   -4.14438  -10.97334 1.000 61.54000 ? 201 CLA O CAD 1 
HETATM 682 C  CBD . CLA B 2 .  ? 4.06466   -3.24664  -10.67379 1.000 61.54000 ? 201 CLA O CBD 1 
HETATM 683 MG MG  . CLA C 2 .  ? 3.13219   8.20445   11.97585  1.000 49.83000 ? 202 CLA O MG  1 
HETATM 684 C  CHA . CLA C 2 .  ? 4.56575   10.24398  14.38715  1.000 49.83000 ? 202 CLA O CHA 1 
HETATM 685 C  CHB . CLA C 2 .  ? 4.46394   5.47213   13.51006  1.000 49.83000 ? 202 CLA O CHB 1 
HETATM 686 C  CHC . CLA C 2 .  ? 1.63259   6.21913   9.60455   1.000 49.83000 ? 202 CLA O CHC 1 
HETATM 687 C  CHD . CLA C 2 .  ? 1.70949   11.07353  10.46344  1.000 49.83000 ? 202 CLA O CHD 1 
HETATM 688 N  NA  . CLA C 2 .  ? 4.31022   7.93141   13.67941  1.000 49.83000 ? 202 CLA O NA  1 
HETATM 689 C  C1A . CLA C 2 .  ? 4.81332   8.91067   14.54549  1.000 49.83000 ? 202 CLA O C1A 1 
HETATM 690 C  C2A . CLA C 2 .  ? 5.65821   8.29539   15.65563  1.000 49.83000 ? 202 CLA O C2A 1 
HETATM 691 C  C3A . CLA C 2 .  ? 5.60415   6.77903   15.34959  1.000 49.83000 ? 202 CLA O C3A 1 
HETATM 692 C  C4A . CLA C 2 .  ? 4.72438   6.69647   14.09891  1.000 49.83000 ? 202 CLA O C4A 1 
HETATM 693 N  NB  . CLA C 2 .  ? 3.06824   6.22446   11.62014  1.000 49.83000 ? 202 CLA O NB  1 
HETATM 694 C  C1B . CLA C 2 .  ? 3.67876   5.26542   12.36123  1.000 49.83000 ? 202 CLA O C1B 1 
HETATM 695 C  C2B . CLA C 2 .  ? 3.40905   3.92185   11.77054  1.000 49.83000 ? 202 CLA O C2B 1 
HETATM 696 C  C3B . CLA C 2 .  ? 2.61203   4.12685   10.66813  1.000 49.83000 ? 202 CLA O C3B 1 
HETATM 697 C  C4B . CLA C 2 .  ? 2.37810   5.59472   10.55845  1.000 49.83000 ? 202 CLA O C4B 1 
HETATM 698 N  NC  . CLA C 2 .  ? 1.89414   8.58652   10.33758  1.000 49.83000 ? 202 CLA O NC  1 
HETATM 699 C  C1C . CLA C 2 .  ? 1.40353   7.62322   9.49615   1.000 49.83000 ? 202 CLA O C1C 1 
HETATM 700 C  C2C . CLA C 2 .  ? 0.61317   8.24194   8.43848   1.000 49.83000 ? 202 CLA O C2C 1 
HETATM 701 C  C3C . CLA C 2 .  ? 0.62881   9.61560   8.67908   1.000 49.83000 ? 202 CLA O C3C 1 
HETATM 702 C  C4C . CLA C 2 .  ? 1.43809   9.82395   9.87542   1.000 49.83000 ? 202 CLA O C4C 1 
HETATM 703 N  ND  . CLA C 2 .  ? 3.11073   10.20287  12.28272  1.000 49.83000 ? 202 CLA O ND  1 
HETATM 704 C  C1D . CLA C 2 .  ? 2.49574   11.27365  11.58030  1.000 49.83000 ? 202 CLA O C1D 1 
HETATM 705 C  C2D . CLA C 2 .  ? 2.83077   12.54712  12.26034  1.000 49.83000 ? 202 CLA O C2D 1 
HETATM 706 C  C3D . CLA C 2 .  ? 3.62870   12.21074  13.34032  1.000 49.83000 ? 202 CLA O C3D 1 
HETATM 707 C  C4D . CLA C 2 .  ? 3.77059   10.74225  13.30608  1.000 49.83000 ? 202 CLA O C4D 1 
HETATM 708 C  CAD . CLA C 2 .  ? 4.36636   12.69257  14.49710  1.000 49.83000 ? 202 CLA O CAD 1 
HETATM 709 C  CBD . CLA C 2 .  ? 4.97595   11.44289  15.20897  1.000 49.83000 ? 202 CLA O CBD 1 
HETATM 710 MG MG  . CLA D 2 .  ? 3.63322   -6.58403  -20.11800 1.000 74.06000 ? 203 CLA O MG  1 
HETATM 711 C  CHA . CLA D 2 .  ? 5.37798   -8.35867  -17.70511 1.000 74.06000 ? 203 CLA O CHA 1 
HETATM 712 C  CHB . CLA D 2 .  ? 2.64053   -4.35137  -17.74385 1.000 74.06000 ? 203 CLA O CHB 1 
HETATM 713 C  CHC . CLA D 2 .  ? 1.87580   -4.88874  -22.53862 1.000 74.06000 ? 203 CLA O CHC 1 
HETATM 714 C  CHD . CLA D 2 .  ? 4.64667   -8.96801  -22.53230 1.000 74.06000 ? 203 CLA O CHD 1 
HETATM 715 N  NA  . CLA D 2 .  ? 3.96284   -6.41264  -18.06157 1.000 74.06000 ? 203 CLA O NA  1 
HETATM 716 C  C1A . CLA D 2 .  ? 4.74265   -7.24095  -17.24558 1.000 74.06000 ? 203 CLA O C1A 1 
HETATM 717 C  C2A . CLA D 2 .  ? 4.83097   -6.69265  -15.82519 1.000 74.06000 ? 203 CLA O C2A 1 
HETATM 718 C  C3A . CLA D 2 .  ? 3.87773   -5.47390  -15.84660 1.000 74.06000 ? 203 CLA O C3A 1 
HETATM 719 C  C4A . CLA D 2 .  ? 3.45109   -5.38549  -17.31361 1.000 74.06000 ? 203 CLA O C4A 1 
HETATM 720 N  NB  . CLA D 2 .  ? 2.47768   -4.93702  -20.13762 1.000 74.06000 ? 203 CLA O NB  1 
HETATM 721 C  C1B . CLA D 2 .  ? 2.19200   -4.15630  -19.06401 1.000 74.06000 ? 203 CLA O C1B 1 
HETATM 722 C  C2B . CLA D 2 .  ? 1.32315   -3.01966  -19.48669 1.000 74.06000 ? 203 CLA O C2B 1 
HETATM 723 C  C3B . CLA D 2 .  ? 1.10189   -3.16682  -20.83716 1.000 74.06000 ? 203 CLA O C3B 1 
HETATM 724 C  C4B . CLA D 2 .  ? 1.83585   -4.38839  -21.27242 1.000 74.06000 ? 203 CLA O C4B 1 
HETATM 725 N  NC  . CLA D 2 .  ? 3.31906   -6.88622  -22.16046 1.000 74.06000 ? 203 CLA O NC  1 
HETATM 726 C  C1C . CLA D 2 .  ? 2.56892   -6.06275  -22.95833 1.000 74.06000 ? 203 CLA O C1C 1 
HETATM 727 C  C2C . CLA D 2 .  ? 2.56358   -6.56599  -24.32731 1.000 74.06000 ? 203 CLA O C2C 1 
HETATM 728 C  C3C . CLA D 2 .  ? 3.35287   -7.71656  -24.33251 1.000 74.06000 ? 203 CLA O C3C 1 
HETATM 729 C  C4C . CLA D 2 .  ? 3.82914   -7.90815  -22.96544 1.000 74.06000 ? 203 CLA O C4C 1 
HETATM 730 N  ND  . CLA D 2 .  ? 4.73230   -8.27997  -20.17748 1.000 74.06000 ? 203 CLA O ND  1 
HETATM 731 C  C1D . CLA D 2 .  ? 5.08059   -9.15951  -21.23625 1.000 74.06000 ? 203 CLA O C1D 1 
HETATM 732 C  C2D . CLA D 2 .  ? 5.93441   -10.24486 -20.69891 1.000 74.06000 ? 203 CLA O C2D 1 
HETATM 733 C  C3D . CLA D 2 .  ? 6.08105   -9.98680  -19.34725 1.000 74.06000 ? 203 CLA O C3D 1 
HETATM 734 C  C4D . CLA D 2 .  ? 5.31079   -8.75688  -19.07702 1.000 74.06000 ? 203 CLA O C4D 1 
HETATM 735 C  CAD . CLA D 2 .  ? 6.67189   -10.41587 -18.09202 1.000 74.06000 ? 203 CLA O CAD 1 
HETATM 736 C  CBD . CLA D 2 .  ? 6.23515   -9.38572  -17.00210 1.000 74.06000 ? 203 CLA O CBD 1 
HETATM 737 C  C21 . BCR E 3 .  ? 2.53665   -8.73193  -8.74086  1.000 51.98000 ? 301 BCR O C21 1 
HETATM 738 C  C22 . BCR E 3 .  ? 1.34344   -8.96470  -9.29890  1.000 51.98000 ? 301 BCR O C22 1 
HETATM 739 C  C23 . BCR E 3 .  ? 1.09552   -8.47417  -10.64640 1.000 51.98000 ? 301 BCR O C23 1 
HETATM 740 C  C24 . BCR E 3 .  ? 0.34426   -9.13464  -11.53236 1.000 51.98000 ? 301 BCR O C24 1 
HETATM 741 C  C25 . BCR E 3 .  ? -0.00592  -8.69057  -12.88091 1.000 51.98000 ? 301 BCR O C25 1 
HETATM 742 C  C26 . BCR E 3 .  ? -1.12885  -8.00773  -13.13054 1.000 51.98000 ? 301 BCR O C26 1 
HETATM 743 C  C27 . BCR E 3 .  ? -1.58694  -7.52910  -14.45500 1.000 51.98000 ? 301 BCR O C27 1 
HETATM 744 C  C28 . BCR E 3 .  ? -0.58301  -7.76352  -15.55795 1.000 51.98000 ? 301 BCR O C28 1 
HETATM 745 C  C29 . BCR E 3 .  ? 0.18304   -9.04140  -15.33066 1.000 51.98000 ? 301 BCR O C29 1 
HETATM 746 C  C30 . BCR E 3 .  ? 0.91712   -9.05103  -14.00227 1.000 51.98000 ? 301 BCR O C30 1 
HETATM 747 C  C37 . BCR E 3 .  ? 0.38195   -9.90145  -8.68111  1.000 51.98000 ? 301 BCR O C37 1 
HETATM 748 C  C38 . BCR E 3 .  ? -2.09308  -7.63355  -12.07780 1.000 51.98000 ? 301 BCR O C38 1 
HETATM 749 C  C39 . BCR E 3 .  ? 2.12020   -8.12856  -14.05465 1.000 51.98000 ? 301 BCR O C39 1 
HETATM 750 C  C40 . BCR E 3 .  ? 1.46649   -10.46380 -13.85155 1.000 51.98000 ? 301 BCR O C40 1 
# 
